data_7XHB
#
_entry.id   7XHB
#
_cell.length_a   1.00
_cell.length_b   1.00
_cell.length_c   1.00
_cell.angle_alpha   90.00
_cell.angle_beta   90.00
_cell.angle_gamma   90.00
#
_symmetry.space_group_name_H-M   'P 1'
#
loop_
_entity.id
_entity.type
_entity.pdbx_description
1 polymer 'Protein translocase subunit SecA'
2 polymer 'Protein translocase subunit SecY'
3 polymer 'Protein translocase subunit SecE'
4 polymer 'Translocating peptide'
5 non-polymer 'MAGNESIUM ION'
6 non-polymer "ADENOSINE-5'-DIPHOSPHATE"
#
loop_
_entity_poly.entity_id
_entity_poly.type
_entity_poly.pdbx_seq_one_letter_code
_entity_poly.pdbx_strand_id
1 'polypeptide(L)'
;MLGILNKMFDPTKRTLNRYEKIANDIDAIRGDYENLSDDALKHKTIEFKERLEKGATTDDLLVEAFAVVREASRRVTGMF
PFKVQLMGGVALHDGNIAEMKTGEGKTLTSTLPVYLNALTGKGVHVVTVNEYLASRDAEQMGKIFEFLGLTVGLNLNSMS
KDEKREAYAADITYSTNNELGFDYLRDNMVLYKEQMVQRPLHFAVIDEVDSILIDEARTPLIISGQAAKSTKLYVQANAF
VRTLKAEKDYTYDIKTKAVQLTEEGMTKAEKAFGIDNLFDVKHVALNHHINQALKAHVAMQKDVDYVVEDGQVVIVDSFT
GRLMKGRRYSEGLHQAIEAKEGLEIQNESMTLATITFQNYFRMYEKLAGMTGTAKTEEEEFRNIYNMQVVTIPTNRPVVR
DDRPDLIYRTMEGKFKAVAEDVAQRYMTGQPVLVGTVAVETSELISKLLKNKGIPHQVLNAKNHEREAQIIEEAGQKGAV
TIATNMAGRGTDIKLGEGVKELGGLAVVGTERHESRRIDNQLRGRSGRQGDPGITQFYLSMEDELMRRFGAERTMAMLDR
FGMDDSTPIQSKMVSRAVESSQKRVEGNNFDSRKQLLQYDDVLRQQREVIYKQRFEVIDSENLREIVENMIKSSLERAIA
AYTPREELPEEWKLDGLVDLINTTYLDEGALEKSDIFGKEPDEMLELIMDRIITKYNEKEEQFGKEQMREFEKVIVLRAV
DSKWMDHIDAMDQLRQGIHLRAYAQTNPLREYQMEGFAMFEHMIESIEDEVAKFVMKA
;
A
2 'polypeptide(L)'
;MFRTISNFMRVSDIRNKIIFTLLMLIVFRIGTFIPVPSVNTDVLKLQDQLNAFGVLNIFCGGALQNFSIFAMGVMPYITA
SIIVQLLQMDVVPKFAEWSKQGEMGRRKLAQFTRYFTIVLGFIQALGMSYGFNNLAGGMLIQNPGIGTYLLIAVVLTAGT
AFLMWLGEQITAKGVGNGISIIIFAGIVSGIPTILNQIYAQQFENVGEDLFLRIVRLLLVALAVVAVIVGVIYIQQAFRK
IPIQYAKRLEGRNPVGGHSTHLPLKVNPAGVIPVIFAVSFLIAPPTIASFFGTNDVTLWIRRTFDYTHPVGMTIYVVLII
AFTYFYAFVQVNPEQMADNLKKQGGYIPGIRPGKNTQEYVTRILYRLTLVGSLFLAFIAVLPVFFVNFANLPPSAQIGGT
SLLIVVGVALETMKQLESQLVKRHYRGFIK
;
Y
3 'polypeptide(L)' MQRVTNFFKEVVRELKKVSWPNRKELVNYTAVVLATVAFFTVFFAVIDLGISQLIRLVFE E
4 'polypeptide(L)'
;MAKKTAIAIAVALAGFATVASYAQYEDGCSGELERQHTFAGGARSIASGYYYYSGDKLPEGVLQSGGSGSKGEELFTGVV
PILVELDGDVNGHKFSVRGEGEGDATNGKLTLKFICTTGKLPVPWPTLVTTLTYGVQCFSRYPDHMKRHDFFKSAMPEGY
VQERTISFKDDGTYKTRAEVKFEGDTLVNRIELKGIDFKEDGNILGHKLEYNFNSHNVYITADKQKNGIKANFKIRHNVE
DGSVQLADHYQQNTPIGDGPVLLPDNHYLSTQSVLSKDPNEKRDHMVLLEFVTAAGITHGSAGLEVLFQGPANGGSAWSH
PQFEKGGGSGGGSGGGSWSHPQFEK
;
B
#
loop_
_chem_comp.id
_chem_comp.type
_chem_comp.name
_chem_comp.formula
ADP non-polymer ADENOSINE-5'-DIPHOSPHATE 'C10 H15 N5 O10 P2'
MG non-polymer 'MAGNESIUM ION' 'Mg 2'
#
# COMPACT_ATOMS: atom_id res chain seq x y z
N ARG A 14 29.59 16.95 12.63
CA ARG A 14 28.70 17.41 11.57
C ARG A 14 29.23 17.02 10.19
N THR A 15 28.34 16.50 9.36
CA THR A 15 28.67 16.14 7.99
C THR A 15 29.15 17.34 7.18
N LEU A 16 28.58 18.52 7.44
CA LEU A 16 29.01 19.70 6.70
C LEU A 16 30.38 20.18 7.15
N ASN A 17 30.71 20.00 8.43
CA ASN A 17 32.08 20.29 8.87
C ASN A 17 33.07 19.31 8.27
N ARG A 18 32.68 18.04 8.17
CA ARG A 18 33.50 17.04 7.49
C ARG A 18 33.70 17.40 6.02
N TYR A 19 32.64 17.88 5.37
CA TYR A 19 32.72 18.25 3.96
C TYR A 19 33.61 19.46 3.74
N GLU A 20 33.50 20.48 4.61
CA GLU A 20 34.32 21.66 4.43
C GLU A 20 35.78 21.42 4.80
N LYS A 21 36.05 20.51 5.76
CA LYS A 21 37.45 20.23 6.05
C LYS A 21 38.08 19.36 4.96
N ILE A 22 37.32 18.46 4.33
CA ILE A 22 37.84 17.74 3.18
C ILE A 22 38.05 18.68 2.00
N ALA A 23 37.16 19.67 1.83
CA ALA A 23 37.35 20.67 0.79
C ALA A 23 38.58 21.53 1.03
N ASN A 24 38.86 21.88 2.28
CA ASN A 24 40.08 22.63 2.58
C ASN A 24 41.32 21.79 2.37
N ASP A 25 41.26 20.48 2.68
CA ASP A 25 42.38 19.59 2.39
C ASP A 25 42.62 19.47 0.89
N ILE A 26 41.54 19.41 0.09
CA ILE A 26 41.67 19.34 -1.35
C ILE A 26 42.23 20.66 -1.91
N ASP A 27 41.90 21.79 -1.28
CA ASP A 27 42.47 23.06 -1.72
C ASP A 27 43.95 23.16 -1.37
N ALA A 28 44.36 22.63 -0.21
CA ALA A 28 45.76 22.63 0.17
C ALA A 28 46.59 21.74 -0.74
N ILE A 29 46.09 20.54 -1.04
CA ILE A 29 46.85 19.69 -1.95
C ILE A 29 46.67 20.13 -3.41
N ARG A 30 45.69 20.99 -3.70
CA ARG A 30 45.67 21.69 -4.97
C ARG A 30 46.81 22.69 -5.04
N GLY A 31 47.09 23.37 -3.93
CA GLY A 31 48.29 24.18 -3.85
C GLY A 31 49.56 23.35 -3.99
N ASP A 32 49.50 22.09 -3.56
CA ASP A 32 50.62 21.17 -3.79
C ASP A 32 50.74 20.76 -5.26
N TYR A 33 49.61 20.61 -5.97
CA TYR A 33 49.60 20.08 -7.32
C TYR A 33 49.59 21.21 -8.35
N GLU A 34 50.69 21.38 -9.07
CA GLU A 34 50.73 22.31 -10.18
C GLU A 34 51.75 21.81 -11.20
N ASN A 35 51.73 22.46 -12.38
CA ASN A 35 52.64 22.39 -13.53
C ASN A 35 53.25 21.01 -13.82
N LEU A 36 52.41 19.98 -13.85
CA LEU A 36 52.82 18.65 -14.24
C LEU A 36 52.51 18.42 -15.72
N SER A 37 52.68 17.19 -16.18
CA SER A 37 52.45 16.81 -17.58
C SER A 37 51.23 15.91 -17.69
N ASP A 38 50.69 15.84 -18.92
CA ASP A 38 49.64 14.87 -19.23
C ASP A 38 50.12 13.44 -19.02
N ASP A 39 51.39 13.17 -19.35
CA ASP A 39 51.97 11.87 -19.05
C ASP A 39 52.12 11.67 -17.54
N ALA A 40 52.34 12.75 -16.80
CA ALA A 40 52.42 12.64 -15.34
C ALA A 40 51.05 12.38 -14.72
N LEU A 41 49.99 12.95 -15.30
CA LEU A 41 48.65 12.76 -14.74
C LEU A 41 48.07 11.40 -15.08
N LYS A 42 48.38 10.86 -16.25
CA LYS A 42 48.02 9.46 -16.52
C LYS A 42 48.82 8.51 -15.65
N HIS A 43 50.05 8.90 -15.29
CA HIS A 43 50.82 8.14 -14.31
C HIS A 43 50.19 8.26 -12.92
N LYS A 44 49.55 9.40 -12.62
CA LYS A 44 48.79 9.53 -11.39
C LYS A 44 47.60 8.58 -11.38
N THR A 45 46.90 8.47 -12.50
CA THR A 45 45.81 7.51 -12.65
C THR A 45 46.28 6.08 -12.42
N ILE A 46 47.40 5.71 -13.05
CA ILE A 46 47.97 4.37 -12.90
C ILE A 46 48.39 4.11 -11.46
N GLU A 47 48.97 5.12 -10.79
CA GLU A 47 49.42 4.88 -9.43
C GLU A 47 48.26 4.87 -8.43
N PHE A 48 47.17 5.60 -8.69
CA PHE A 48 46.00 5.45 -7.81
C PHE A 48 45.34 4.10 -8.01
N LYS A 49 45.34 3.58 -9.24
CA LYS A 49 44.77 2.26 -9.47
C LYS A 49 45.63 1.17 -8.83
N GLU A 50 46.95 1.31 -8.85
CA GLU A 50 47.77 0.31 -8.18
C GLU A 50 47.77 0.47 -6.67
N ARG A 51 47.51 1.68 -6.15
CA ARG A 51 47.34 1.82 -4.70
C ARG A 51 46.01 1.22 -4.26
N LEU A 52 44.97 1.31 -5.08
CA LEU A 52 43.74 0.58 -4.76
C LEU A 52 43.93 -0.91 -4.91
N GLU A 53 44.83 -1.34 -5.80
CA GLU A 53 45.19 -2.75 -5.88
C GLU A 53 45.92 -3.21 -4.63
N LYS A 54 46.79 -2.36 -4.07
CA LYS A 54 47.62 -2.73 -2.93
C LYS A 54 46.96 -2.32 -1.60
N GLY A 55 45.75 -2.84 -1.39
CA GLY A 55 45.13 -2.85 -0.08
C GLY A 55 44.36 -1.60 0.29
N ALA A 56 44.65 -0.45 -0.31
CA ALA A 56 43.99 0.79 0.10
C ALA A 56 42.58 0.87 -0.46
N THR A 57 41.73 1.64 0.22
CA THR A 57 40.33 1.77 -0.14
C THR A 57 40.06 3.11 -0.80
N THR A 58 38.83 3.26 -1.30
CA THR A 58 38.44 4.46 -2.05
C THR A 58 38.40 5.70 -1.15
N ASP A 59 38.03 5.54 0.12
CA ASP A 59 37.93 6.69 1.02
C ASP A 59 39.31 7.26 1.35
N ASP A 60 40.36 6.45 1.27
CA ASP A 60 41.70 6.94 1.58
C ASP A 60 42.24 7.85 0.48
N LEU A 61 41.93 7.53 -0.78
CA LEU A 61 42.45 8.24 -1.94
C LEU A 61 41.56 9.43 -2.34
N LEU A 62 40.66 9.84 -1.45
CA LEU A 62 39.61 10.81 -1.78
C LEU A 62 40.18 12.19 -2.11
N VAL A 63 41.05 12.69 -1.23
CA VAL A 63 41.55 14.07 -1.34
C VAL A 63 42.46 14.21 -2.55
N GLU A 64 43.36 13.23 -2.74
CA GLU A 64 44.28 13.27 -3.86
C GLU A 64 43.55 13.07 -5.19
N ALA A 65 42.54 12.20 -5.21
CA ALA A 65 41.79 11.95 -6.44
C ALA A 65 40.97 13.17 -6.84
N PHE A 66 40.34 13.84 -5.87
CA PHE A 66 39.57 15.03 -6.22
C PHE A 66 40.47 16.19 -6.61
N ALA A 67 41.68 16.28 -6.02
CA ALA A 67 42.64 17.28 -6.47
C ALA A 67 43.07 17.03 -7.92
N VAL A 68 43.27 15.76 -8.28
CA VAL A 68 43.64 15.39 -9.65
C VAL A 68 42.52 15.76 -10.62
N VAL A 69 41.26 15.48 -10.26
CA VAL A 69 40.15 15.82 -11.16
C VAL A 69 39.98 17.34 -11.26
N ARG A 70 40.22 18.06 -10.16
CA ARG A 70 40.10 19.51 -10.17
C ARG A 70 41.14 20.16 -11.09
N GLU A 71 42.41 19.74 -10.95
CA GLU A 71 43.45 20.27 -11.83
C GLU A 71 43.27 19.81 -13.27
N ALA A 72 42.77 18.59 -13.49
CA ALA A 72 42.58 18.10 -14.85
C ALA A 72 41.43 18.82 -15.55
N SER A 73 40.36 19.12 -14.81
CA SER A 73 39.26 19.91 -15.38
C SER A 73 39.72 21.33 -15.70
N ARG A 74 40.56 21.90 -14.84
CA ARG A 74 41.21 23.18 -15.13
C ARG A 74 41.97 23.14 -16.45
N ARG A 75 42.87 22.16 -16.59
CA ARG A 75 43.66 21.99 -17.81
C ARG A 75 42.81 21.80 -19.06
N VAL A 76 41.77 20.97 -18.97
CA VAL A 76 41.02 20.62 -20.17
C VAL A 76 40.03 21.72 -20.55
N THR A 77 39.10 22.05 -19.66
CA THR A 77 38.02 22.95 -20.05
C THR A 77 38.17 24.36 -19.50
N GLY A 78 39.27 24.68 -18.81
CA GLY A 78 39.47 26.03 -18.30
C GLY A 78 38.66 26.42 -17.08
N MET A 79 37.55 25.75 -16.82
CA MET A 79 36.71 26.07 -15.67
C MET A 79 37.21 25.32 -14.45
N PHE A 80 37.23 26.02 -13.32
CA PHE A 80 37.92 25.55 -12.14
C PHE A 80 36.93 25.30 -11.02
N PRO A 81 36.89 24.09 -10.45
CA PRO A 81 35.84 23.75 -9.48
C PRO A 81 35.97 24.51 -8.17
N PHE A 82 34.85 25.05 -7.72
CA PHE A 82 34.76 25.69 -6.42
C PHE A 82 34.66 24.64 -5.33
N LYS A 83 34.90 25.07 -4.08
CA LYS A 83 34.85 24.17 -2.93
C LYS A 83 33.44 23.64 -2.67
N VAL A 84 32.41 24.36 -3.14
CA VAL A 84 31.04 23.87 -3.10
C VAL A 84 30.89 22.61 -3.94
N GLN A 85 31.50 22.60 -5.13
CA GLN A 85 31.47 21.40 -5.96
C GLN A 85 32.28 20.27 -5.35
N LEU A 86 33.34 20.60 -4.60
CA LEU A 86 34.13 19.56 -3.94
C LEU A 86 33.36 18.92 -2.80
N MET A 87 32.69 19.73 -1.98
CA MET A 87 31.91 19.15 -0.88
C MET A 87 30.67 18.43 -1.39
N GLY A 88 30.11 18.87 -2.52
CA GLY A 88 29.06 18.11 -3.16
C GLY A 88 29.54 16.78 -3.71
N GLY A 89 30.77 16.75 -4.24
CA GLY A 89 31.33 15.50 -4.72
C GLY A 89 31.64 14.52 -3.60
N VAL A 90 32.09 15.02 -2.44
CA VAL A 90 32.29 14.15 -1.29
C VAL A 90 30.95 13.60 -0.80
N ALA A 91 29.91 14.46 -0.77
CA ALA A 91 28.58 14.01 -0.38
C ALA A 91 27.97 13.05 -1.38
N LEU A 92 28.41 13.09 -2.65
CA LEU A 92 27.96 12.08 -3.60
C LEU A 92 28.75 10.79 -3.47
N HIS A 93 30.03 10.87 -3.09
CA HIS A 93 30.81 9.66 -2.90
C HIS A 93 30.40 8.92 -1.64
N ASP A 94 29.85 9.61 -0.65
CA ASP A 94 29.43 8.94 0.59
C ASP A 94 28.18 8.09 0.43
N GLY A 95 27.60 8.00 -0.76
CA GLY A 95 26.48 7.13 -1.00
C GLY A 95 25.12 7.77 -0.80
N ASN A 96 25.06 9.07 -0.54
CA ASN A 96 23.80 9.77 -0.39
C ASN A 96 23.78 11.02 -1.28
N ILE A 97 22.73 11.82 -1.12
CA ILE A 97 22.32 12.81 -2.11
C ILE A 97 22.78 14.20 -1.69
N ALA A 98 23.37 14.93 -2.63
CA ALA A 98 23.88 16.29 -2.39
C ALA A 98 22.99 17.27 -3.12
N GLU A 99 21.96 17.76 -2.42
CA GLU A 99 21.08 18.78 -2.96
C GLU A 99 21.81 20.10 -3.11
N MET A 100 21.78 20.66 -4.31
CA MET A 100 22.42 21.93 -4.59
C MET A 100 21.66 22.63 -5.71
N LYS A 101 21.63 23.95 -5.64
CA LYS A 101 20.69 24.74 -6.43
C LYS A 101 21.09 24.77 -7.90
N THR A 102 20.13 25.22 -8.73
CA THR A 102 20.31 25.24 -10.17
C THR A 102 21.30 26.32 -10.57
N GLY A 103 22.23 25.98 -11.45
CA GLY A 103 23.24 26.92 -11.90
C GLY A 103 24.58 26.80 -11.22
N GLU A 104 24.81 25.71 -10.48
CA GLU A 104 26.02 25.55 -9.70
C GLU A 104 26.95 24.46 -10.21
N GLY A 105 26.68 23.91 -11.40
CA GLY A 105 27.59 22.94 -11.98
C GLY A 105 27.37 21.53 -11.49
N LYS A 106 26.18 20.98 -11.72
CA LYS A 106 25.87 19.66 -11.17
C LYS A 106 26.53 18.54 -11.95
N THR A 107 26.83 18.75 -13.23
CA THR A 107 27.57 17.73 -13.96
C THR A 107 29.06 17.72 -13.60
N LEU A 108 29.65 18.88 -13.34
CA LEU A 108 31.05 18.93 -12.95
C LEU A 108 31.23 18.77 -11.44
N THR A 109 30.14 18.57 -10.70
CA THR A 109 30.25 17.93 -9.40
C THR A 109 29.84 16.47 -9.44
N SER A 110 29.23 16.02 -10.53
CA SER A 110 29.08 14.57 -10.75
C SER A 110 30.40 13.94 -11.18
N THR A 111 31.27 14.72 -11.84
CA THR A 111 32.49 14.15 -12.40
C THR A 111 33.52 13.71 -11.35
N LEU A 112 33.35 14.10 -10.08
CA LEU A 112 34.32 13.73 -9.05
C LEU A 112 34.14 12.31 -8.47
N PRO A 113 32.95 11.90 -7.96
CA PRO A 113 32.88 10.54 -7.40
C PRO A 113 32.82 9.48 -8.47
N VAL A 114 32.49 9.83 -9.70
CA VAL A 114 32.57 8.90 -10.81
C VAL A 114 34.01 8.52 -11.08
N TYR A 115 34.92 9.48 -11.03
CA TYR A 115 36.34 9.16 -11.17
C TYR A 115 36.85 8.39 -9.97
N LEU A 116 36.38 8.71 -8.77
CA LEU A 116 36.87 7.99 -7.60
C LEU A 116 36.38 6.54 -7.58
N ASN A 117 35.10 6.31 -7.87
CA ASN A 117 34.57 4.96 -7.90
C ASN A 117 34.85 4.25 -9.22
N ALA A 118 35.49 4.90 -10.19
CA ALA A 118 35.84 4.24 -11.44
C ALA A 118 37.24 3.66 -11.44
N LEU A 119 38.11 4.11 -10.54
CA LEU A 119 39.47 3.58 -10.44
C LEU A 119 39.49 2.16 -9.89
N THR A 120 38.42 1.73 -9.21
CA THR A 120 38.36 0.37 -8.67
C THR A 120 38.38 -0.67 -9.78
N GLY A 121 37.74 -0.38 -10.91
CA GLY A 121 37.74 -1.28 -12.04
C GLY A 121 36.39 -1.86 -12.40
N LYS A 122 35.33 -1.60 -11.63
CA LYS A 122 34.00 -2.05 -12.00
C LYS A 122 33.36 -1.01 -12.91
N GLY A 123 32.06 -1.16 -13.17
CA GLY A 123 31.41 -0.28 -14.12
C GLY A 123 30.55 0.79 -13.50
N VAL A 124 31.02 2.03 -13.51
CA VAL A 124 30.26 3.18 -13.04
C VAL A 124 29.30 3.59 -14.15
N HIS A 125 28.06 3.85 -13.78
CA HIS A 125 27.07 4.40 -14.70
C HIS A 125 26.77 5.83 -14.28
N VAL A 126 26.33 6.65 -15.23
CA VAL A 126 25.84 8.00 -14.97
C VAL A 126 24.52 8.15 -15.68
N VAL A 127 23.51 8.65 -14.96
CA VAL A 127 22.15 8.70 -15.47
C VAL A 127 21.77 10.15 -15.71
N THR A 128 21.22 10.42 -16.89
CA THR A 128 20.59 11.70 -17.23
C THR A 128 19.13 11.45 -17.52
N VAL A 129 18.43 12.48 -17.99
CA VAL A 129 17.00 12.35 -18.23
C VAL A 129 16.71 12.08 -19.70
N ASN A 130 17.60 12.52 -20.59
CA ASN A 130 17.39 12.31 -22.02
C ASN A 130 18.74 12.19 -22.72
N GLU A 131 18.66 11.73 -23.97
CA GLU A 131 19.86 11.43 -24.75
C GLU A 131 20.63 12.67 -25.16
N TYR A 132 19.97 13.83 -25.23
CA TYR A 132 20.68 15.06 -25.57
C TYR A 132 21.60 15.49 -24.44
N LEU A 133 21.11 15.46 -23.20
CA LEU A 133 21.97 15.77 -22.06
C LEU A 133 22.98 14.67 -21.84
N ALA A 134 22.64 13.42 -22.17
CA ALA A 134 23.61 12.32 -22.10
C ALA A 134 24.77 12.55 -23.05
N SER A 135 24.48 12.93 -24.29
CA SER A 135 25.53 13.17 -25.28
C SER A 135 26.35 14.41 -24.93
N ARG A 136 25.69 15.48 -24.46
CA ARG A 136 26.38 16.71 -24.08
C ARG A 136 27.34 16.48 -22.93
N ASP A 137 26.85 15.85 -21.85
CA ASP A 137 27.70 15.55 -20.71
C ASP A 137 28.77 14.53 -21.06
N ALA A 138 28.46 13.58 -21.95
CA ALA A 138 29.44 12.57 -22.34
C ALA A 138 30.60 13.18 -23.11
N GLU A 139 30.31 14.13 -24.01
CA GLU A 139 31.38 14.82 -24.70
C GLU A 139 32.20 15.69 -23.75
N GLN A 140 31.52 16.61 -23.05
CA GLN A 140 32.28 17.61 -22.28
C GLN A 140 32.80 17.08 -20.95
N MET A 141 32.54 15.82 -20.60
CA MET A 141 33.22 15.19 -19.49
C MET A 141 34.12 14.03 -19.90
N GLY A 142 33.86 13.40 -21.05
CA GLY A 142 34.80 12.47 -21.62
C GLY A 142 36.08 13.11 -22.07
N LYS A 143 36.05 14.42 -22.40
CA LYS A 143 37.31 15.17 -22.55
C LYS A 143 38.16 15.07 -21.29
N ILE A 144 37.56 15.30 -20.12
CA ILE A 144 38.29 15.30 -18.86
C ILE A 144 38.70 13.88 -18.48
N PHE A 145 37.83 12.91 -18.74
CA PHE A 145 38.11 11.53 -18.34
C PHE A 145 39.14 10.87 -19.26
N GLU A 146 39.06 11.09 -20.56
CA GLU A 146 40.04 10.58 -21.51
C GLU A 146 41.27 11.48 -21.62
N PHE A 147 41.32 12.55 -20.83
CA PHE A 147 42.60 13.18 -20.53
C PHE A 147 43.44 12.34 -19.58
N LEU A 148 42.83 11.37 -18.90
CA LEU A 148 43.50 10.56 -17.89
C LEU A 148 43.54 9.08 -18.22
N GLY A 149 43.05 8.66 -19.39
CA GLY A 149 43.15 7.28 -19.82
C GLY A 149 41.91 6.44 -19.57
N LEU A 150 40.94 6.94 -18.81
CA LEU A 150 39.72 6.18 -18.55
C LEU A 150 38.84 6.20 -19.79
N THR A 151 38.60 5.03 -20.36
CA THR A 151 37.74 4.91 -21.53
C THR A 151 36.29 5.11 -21.12
N VAL A 152 35.60 6.06 -21.76
CA VAL A 152 34.22 6.38 -21.46
C VAL A 152 33.36 5.96 -22.63
N GLY A 153 32.35 5.14 -22.35
CA GLY A 153 31.39 4.73 -23.35
C GLY A 153 30.19 5.66 -23.39
N LEU A 154 29.17 5.22 -24.11
CA LEU A 154 27.97 6.01 -24.31
C LEU A 154 26.90 5.03 -24.80
N ASN A 155 25.66 5.25 -24.38
CA ASN A 155 24.59 4.30 -24.66
C ASN A 155 23.40 5.03 -25.28
N LEU A 156 22.85 4.44 -26.34
CA LEU A 156 21.61 4.89 -26.94
C LEU A 156 20.70 3.68 -27.16
N ASN A 157 19.48 3.94 -27.62
CA ASN A 157 18.66 2.87 -28.16
C ASN A 157 18.98 2.56 -29.61
N SER A 158 19.83 3.37 -30.24
CA SER A 158 20.21 3.15 -31.63
C SER A 158 21.31 2.11 -31.75
N MET A 159 22.15 1.98 -30.73
CA MET A 159 23.28 1.07 -30.78
C MET A 159 22.83 -0.38 -30.72
N SER A 160 23.61 -1.25 -31.35
CA SER A 160 23.37 -2.68 -31.29
C SER A 160 24.12 -3.26 -30.10
N LYS A 161 23.98 -4.57 -29.90
CA LYS A 161 24.44 -5.20 -28.65
C LYS A 161 25.96 -5.21 -28.54
N ASP A 162 26.67 -5.28 -29.66
CA ASP A 162 28.13 -5.22 -29.62
C ASP A 162 28.62 -3.84 -29.20
N GLU A 163 27.98 -2.79 -29.71
CA GLU A 163 28.38 -1.43 -29.34
C GLU A 163 27.99 -1.13 -27.90
N LYS A 164 26.84 -1.64 -27.45
CA LYS A 164 26.43 -1.45 -26.06
C LYS A 164 27.31 -2.25 -25.12
N ARG A 165 27.78 -3.42 -25.55
CA ARG A 165 28.71 -4.20 -24.73
C ARG A 165 30.07 -3.53 -24.65
N GLU A 166 30.51 -2.89 -25.73
CA GLU A 166 31.72 -2.07 -25.68
C GLU A 166 31.52 -0.85 -24.78
N ALA A 167 30.31 -0.31 -24.74
CA ALA A 167 30.02 0.85 -23.88
C ALA A 167 30.07 0.47 -22.41
N TYR A 168 29.30 -0.54 -22.00
CA TYR A 168 29.32 -0.97 -20.61
C TYR A 168 30.67 -1.57 -20.21
N ALA A 169 31.37 -2.18 -21.17
CA ALA A 169 32.69 -2.76 -20.89
C ALA A 169 33.77 -1.71 -20.67
N ALA A 170 33.50 -0.45 -20.96
CA ALA A 170 34.42 0.63 -20.66
C ALA A 170 34.35 0.98 -19.17
N ASP A 171 35.10 1.99 -18.78
CA ASP A 171 35.17 2.35 -17.37
C ASP A 171 33.91 3.07 -16.91
N ILE A 172 33.47 4.05 -17.69
CA ILE A 172 32.39 4.97 -17.29
C ILE A 172 31.38 5.02 -18.43
N THR A 173 30.13 4.72 -18.15
CA THR A 173 29.06 4.75 -19.13
C THR A 173 28.11 5.88 -18.80
N TYR A 174 27.70 6.64 -19.83
CA TYR A 174 26.62 7.61 -19.68
C TYR A 174 25.41 7.11 -20.46
N SER A 175 24.23 7.24 -19.86
CA SER A 175 22.99 6.77 -20.47
C SER A 175 21.82 7.39 -19.73
N THR A 176 20.63 7.13 -20.26
CA THR A 176 19.40 7.48 -19.58
C THR A 176 19.00 6.34 -18.64
N ASN A 177 17.95 6.59 -17.86
CA ASN A 177 17.46 5.54 -16.98
C ASN A 177 16.70 4.46 -17.75
N ASN A 178 16.04 4.84 -18.85
CA ASN A 178 15.26 3.90 -19.63
C ASN A 178 16.15 2.84 -20.27
N GLU A 179 17.31 3.24 -20.78
CA GLU A 179 18.15 2.26 -21.47
C GLU A 179 18.88 1.35 -20.51
N LEU A 180 19.22 1.84 -19.31
CA LEU A 180 19.73 0.96 -18.26
C LEU A 180 18.68 -0.07 -17.87
N GLY A 181 17.41 0.35 -17.75
CA GLY A 181 16.38 -0.59 -17.38
C GLY A 181 16.09 -1.62 -18.45
N PHE A 182 16.07 -1.19 -19.71
CA PHE A 182 15.81 -2.15 -20.78
C PHE A 182 17.01 -3.07 -21.00
N ASP A 183 18.22 -2.59 -20.72
CA ASP A 183 19.37 -3.47 -20.82
C ASP A 183 19.41 -4.48 -19.70
N TYR A 184 18.96 -4.11 -18.50
CA TYR A 184 18.84 -5.10 -17.43
C TYR A 184 17.80 -6.17 -17.77
N LEU A 185 16.63 -5.75 -18.26
CA LEU A 185 15.59 -6.73 -18.51
C LEU A 185 15.83 -7.51 -19.81
N ARG A 186 16.76 -7.05 -20.65
CA ARG A 186 17.13 -7.87 -21.80
C ARG A 186 18.38 -8.70 -21.54
N ASP A 187 19.15 -8.36 -20.51
CA ASP A 187 20.16 -9.29 -20.03
C ASP A 187 19.56 -10.43 -19.23
N ASN A 188 18.40 -10.21 -18.60
CA ASN A 188 17.69 -11.31 -17.94
C ASN A 188 16.77 -12.06 -18.90
N MET A 189 16.99 -11.94 -20.21
CA MET A 189 16.34 -12.83 -21.17
C MET A 189 17.30 -13.39 -22.21
N VAL A 190 18.60 -13.41 -21.93
CA VAL A 190 19.58 -13.97 -22.86
C VAL A 190 19.57 -15.49 -22.78
N LEU A 191 20.23 -16.14 -23.74
CA LEU A 191 20.46 -17.57 -23.70
C LEU A 191 21.91 -17.93 -23.39
N TYR A 192 22.82 -16.96 -23.41
CA TYR A 192 24.23 -17.20 -23.14
C TYR A 192 24.78 -16.04 -22.32
N LYS A 193 25.80 -16.33 -21.52
CA LYS A 193 26.42 -15.30 -20.70
C LYS A 193 27.22 -14.31 -21.54
N GLU A 194 27.59 -14.68 -22.77
CA GLU A 194 28.32 -13.78 -23.65
C GLU A 194 27.41 -12.90 -24.50
N GLN A 195 26.09 -13.06 -24.39
CA GLN A 195 25.16 -12.16 -25.06
C GLN A 195 24.78 -10.97 -24.20
N MET A 196 24.71 -11.16 -22.88
CA MET A 196 24.29 -10.08 -22.00
C MET A 196 25.34 -9.00 -21.92
N VAL A 197 24.89 -7.75 -21.78
CA VAL A 197 25.74 -6.59 -22.04
C VAL A 197 26.24 -5.93 -20.77
N GLN A 198 25.50 -6.04 -19.66
CA GLN A 198 25.90 -5.31 -18.47
C GLN A 198 26.83 -6.13 -17.60
N ARG A 199 27.63 -5.41 -16.83
CA ARG A 199 28.59 -5.92 -15.85
C ARG A 199 27.84 -6.09 -14.53
N PRO A 200 28.45 -6.60 -13.45
CA PRO A 200 27.81 -6.47 -12.14
C PRO A 200 27.65 -5.01 -11.74
N LEU A 201 26.46 -4.71 -11.23
CA LEU A 201 25.96 -3.34 -11.10
C LEU A 201 26.58 -2.67 -9.88
N HIS A 202 27.49 -1.72 -10.12
CA HIS A 202 28.29 -1.14 -9.05
C HIS A 202 27.82 0.23 -8.58
N PHE A 203 27.82 1.23 -9.45
CA PHE A 203 27.60 2.61 -8.98
C PHE A 203 26.81 3.39 -10.01
N ALA A 204 26.07 4.40 -9.54
CA ALA A 204 25.34 5.31 -10.42
C ALA A 204 25.03 6.61 -9.72
N VAL A 205 25.62 7.71 -10.19
CA VAL A 205 25.06 9.01 -9.89
C VAL A 205 23.91 9.29 -10.85
N ILE A 206 22.94 10.07 -10.39
CA ILE A 206 21.72 10.32 -11.13
C ILE A 206 21.50 11.83 -11.20
N ASP A 207 21.38 12.37 -12.40
CA ASP A 207 20.86 13.72 -12.57
C ASP A 207 19.35 13.70 -12.37
N GLU A 208 18.85 14.68 -11.60
CA GLU A 208 17.43 14.89 -11.31
C GLU A 208 16.81 13.66 -10.65
N VAL A 209 17.30 13.40 -9.43
CA VAL A 209 16.83 12.26 -8.65
C VAL A 209 15.38 12.43 -8.24
N ASP A 210 14.94 13.68 -8.03
CA ASP A 210 13.53 13.95 -7.72
C ASP A 210 12.58 13.57 -8.84
N SER A 211 13.05 13.49 -10.09
CA SER A 211 12.23 13.00 -11.17
C SER A 211 12.46 11.53 -11.50
N ILE A 212 13.68 11.02 -11.29
CA ILE A 212 13.97 9.64 -11.68
C ILE A 212 13.66 8.63 -10.57
N LEU A 213 13.67 9.02 -9.31
CA LEU A 213 13.37 8.10 -8.23
C LEU A 213 12.15 8.47 -7.39
N ILE A 214 11.44 9.54 -7.73
CA ILE A 214 10.24 9.92 -6.97
C ILE A 214 9.01 9.97 -7.85
N ASP A 215 9.04 10.82 -8.88
CA ASP A 215 7.86 10.98 -9.72
C ASP A 215 7.72 9.80 -10.68
N GLU A 216 8.80 9.47 -11.38
CA GLU A 216 8.87 8.22 -12.13
C GLU A 216 9.48 7.15 -11.22
N ALA A 217 8.69 6.69 -10.26
CA ALA A 217 9.18 5.66 -9.36
C ALA A 217 8.31 4.42 -9.32
N ARG A 218 7.23 4.40 -10.08
CA ARG A 218 6.43 3.19 -10.25
C ARG A 218 6.12 2.94 -11.73
N THR A 219 6.87 3.57 -12.62
CA THR A 219 6.62 3.46 -14.03
C THR A 219 7.21 2.16 -14.57
N PRO A 220 6.40 1.27 -15.13
CA PRO A 220 6.93 -0.02 -15.57
C PRO A 220 7.69 0.08 -16.88
N LEU A 221 8.85 -0.55 -16.92
CA LEU A 221 9.69 -0.63 -18.11
C LEU A 221 9.12 -2.01 -18.37
N ILE A 222 8.35 -2.14 -19.43
CA ILE A 222 7.60 -3.36 -19.75
C ILE A 222 8.27 -3.63 -21.10
N ILE A 223 8.73 -4.87 -21.28
CA ILE A 223 9.21 -5.34 -22.57
C ILE A 223 8.18 -6.31 -23.12
N SER A 224 7.44 -5.86 -24.12
CA SER A 224 6.41 -6.66 -24.76
C SER A 224 7.02 -7.51 -25.88
N GLY A 225 6.23 -8.47 -26.36
CA GLY A 225 6.69 -9.30 -27.45
C GLY A 225 5.60 -10.00 -28.24
N GLN A 226 5.74 -10.00 -29.57
CA GLN A 226 4.93 -10.76 -30.52
C GLN A 226 3.44 -10.37 -30.41
N ALA A 227 3.17 -9.16 -30.90
CA ALA A 227 1.86 -8.52 -30.83
C ALA A 227 0.78 -9.35 -31.51
N ALA A 228 -0.47 -9.09 -31.10
CA ALA A 228 -1.61 -9.91 -31.52
C ALA A 228 -2.01 -9.66 -32.97
N LYS A 229 -1.71 -8.47 -33.50
CA LYS A 229 -1.91 -8.09 -34.90
C LYS A 229 -3.39 -8.17 -35.29
N SER A 230 -4.19 -7.33 -34.62
CA SER A 230 -5.63 -7.28 -34.86
C SER A 230 -6.15 -5.91 -34.45
N THR A 231 -6.52 -5.09 -35.44
CA THR A 231 -7.09 -3.77 -35.21
C THR A 231 -8.61 -3.80 -35.06
N LYS A 232 -9.20 -5.00 -35.17
CA LYS A 232 -10.63 -5.13 -35.48
C LYS A 232 -11.50 -4.69 -34.31
N LEU A 233 -11.22 -5.21 -33.11
CA LEU A 233 -12.04 -4.88 -31.95
C LEU A 233 -11.85 -3.45 -31.50
N TYR A 234 -10.63 -2.90 -31.65
CA TYR A 234 -10.37 -1.49 -31.37
C TYR A 234 -11.21 -0.59 -32.27
N VAL A 235 -11.18 -0.84 -33.59
CA VAL A 235 -11.90 0.06 -34.49
C VAL A 235 -13.41 -0.14 -34.38
N GLN A 236 -13.88 -1.37 -34.09
CA GLN A 236 -15.31 -1.59 -33.89
C GLN A 236 -15.81 -0.91 -32.62
N ALA A 237 -15.04 -1.02 -31.53
CA ALA A 237 -15.46 -0.42 -30.27
C ALA A 237 -15.44 1.09 -30.36
N ASN A 238 -14.46 1.67 -31.03
CA ASN A 238 -14.41 3.12 -31.04
C ASN A 238 -15.38 3.71 -32.05
N ALA A 239 -15.64 3.00 -33.15
CA ALA A 239 -16.71 3.37 -34.06
C ALA A 239 -18.09 3.27 -33.40
N PHE A 240 -18.28 2.32 -32.48
CA PHE A 240 -19.53 2.29 -31.74
C PHE A 240 -19.64 3.44 -30.75
N VAL A 241 -18.59 3.68 -29.96
CA VAL A 241 -18.72 4.64 -28.86
C VAL A 241 -18.68 6.08 -29.37
N ARG A 242 -18.33 6.30 -30.65
CA ARG A 242 -18.59 7.65 -31.19
C ARG A 242 -20.08 7.97 -31.42
N THR A 243 -21.01 7.05 -31.10
CA THR A 243 -22.44 7.29 -31.33
C THR A 243 -23.22 7.45 -30.04
N LEU A 244 -22.57 7.86 -28.95
CA LEU A 244 -23.21 7.98 -27.66
C LEU A 244 -23.39 9.45 -27.29
N LYS A 245 -24.36 9.69 -26.41
CA LYS A 245 -24.75 11.04 -25.99
C LYS A 245 -24.44 11.24 -24.52
N ALA A 246 -23.90 12.41 -24.19
CA ALA A 246 -23.41 12.67 -22.84
C ALA A 246 -24.55 12.84 -21.84
N GLU A 247 -24.36 12.26 -20.65
CA GLU A 247 -25.34 12.23 -19.55
C GLU A 247 -26.69 11.64 -19.95
N LYS A 248 -26.73 10.82 -21.00
CA LYS A 248 -27.90 10.02 -21.32
C LYS A 248 -27.42 8.61 -21.60
N ASP A 249 -26.16 8.50 -22.01
CA ASP A 249 -25.52 7.22 -22.26
C ASP A 249 -24.30 6.98 -21.40
N TYR A 250 -23.74 8.01 -20.77
CA TYR A 250 -22.60 7.85 -19.89
C TYR A 250 -22.51 8.99 -18.89
N THR A 251 -22.26 8.64 -17.64
CA THR A 251 -21.92 9.60 -16.61
C THR A 251 -20.48 10.06 -16.81
N TYR A 252 -20.20 11.31 -16.42
CA TYR A 252 -18.83 11.82 -16.43
C TYR A 252 -18.69 12.95 -15.42
N ASP A 253 -17.90 12.72 -14.39
CA ASP A 253 -17.56 13.75 -13.41
C ASP A 253 -16.17 14.30 -13.69
N ILE A 254 -16.08 15.63 -13.76
CA ILE A 254 -14.85 16.27 -14.23
C ILE A 254 -13.71 16.21 -13.22
N LYS A 255 -14.01 16.01 -11.94
CA LYS A 255 -12.95 16.05 -10.93
C LYS A 255 -12.10 14.78 -10.94
N THR A 256 -12.70 13.63 -11.28
CA THR A 256 -11.99 12.36 -11.41
C THR A 256 -12.49 11.68 -12.66
N LYS A 257 -11.59 11.43 -13.62
CA LYS A 257 -11.97 10.94 -14.94
C LYS A 257 -12.43 9.49 -14.81
N ALA A 258 -13.74 9.33 -14.62
CA ALA A 258 -14.35 8.05 -14.28
C ALA A 258 -15.57 7.84 -15.17
N VAL A 259 -15.37 7.96 -16.49
CA VAL A 259 -16.45 7.85 -17.45
C VAL A 259 -17.00 6.44 -17.43
N GLN A 260 -18.32 6.31 -17.30
CA GLN A 260 -18.93 5.00 -17.14
C GLN A 260 -20.34 5.00 -17.71
N LEU A 261 -20.71 3.88 -18.33
CA LEU A 261 -21.98 3.77 -19.02
C LEU A 261 -23.14 3.72 -18.02
N THR A 262 -24.32 4.11 -18.49
CA THR A 262 -25.57 3.87 -17.78
C THR A 262 -26.30 2.73 -18.46
N GLU A 263 -27.41 2.29 -17.86
CA GLU A 263 -28.05 1.03 -18.25
C GLU A 263 -28.63 1.08 -19.66
N GLU A 264 -29.07 2.25 -20.12
CA GLU A 264 -29.52 2.35 -21.51
C GLU A 264 -28.34 2.27 -22.46
N GLY A 265 -27.19 2.85 -22.07
CA GLY A 265 -25.99 2.69 -22.85
C GLY A 265 -25.51 1.25 -22.91
N MET A 266 -25.64 0.52 -21.81
CA MET A 266 -25.28 -0.89 -21.77
C MET A 266 -26.22 -1.70 -22.65
N THR A 267 -27.51 -1.35 -22.65
CA THR A 267 -28.48 -2.07 -23.46
C THR A 267 -28.27 -1.82 -24.94
N LYS A 268 -27.95 -0.58 -25.33
CA LYS A 268 -27.66 -0.34 -26.74
C LYS A 268 -26.29 -0.85 -27.14
N ALA A 269 -25.37 -1.02 -26.19
CA ALA A 269 -24.11 -1.73 -26.49
C ALA A 269 -24.36 -3.19 -26.81
N GLU A 270 -25.22 -3.85 -26.01
CA GLU A 270 -25.61 -5.22 -26.31
C GLU A 270 -26.43 -5.32 -27.59
N LYS A 271 -27.15 -4.24 -27.94
CA LYS A 271 -27.89 -4.20 -29.20
C LYS A 271 -26.95 -4.11 -30.39
N ALA A 272 -26.00 -3.17 -30.34
CA ALA A 272 -25.14 -2.92 -31.49
C ALA A 272 -24.13 -4.03 -31.70
N PHE A 273 -23.57 -4.57 -30.62
CA PHE A 273 -22.65 -5.69 -30.77
C PHE A 273 -23.36 -7.02 -30.94
N GLY A 274 -24.69 -7.05 -30.82
CA GLY A 274 -25.46 -8.25 -31.07
C GLY A 274 -25.23 -9.37 -30.09
N ILE A 275 -25.19 -9.06 -28.79
CA ILE A 275 -24.89 -10.02 -27.75
C ILE A 275 -26.03 -10.01 -26.74
N ASP A 276 -26.11 -11.10 -25.98
CA ASP A 276 -27.21 -11.24 -25.03
C ASP A 276 -26.95 -10.43 -23.77
N ASN A 277 -25.74 -10.51 -23.22
CA ASN A 277 -25.40 -9.81 -21.99
C ASN A 277 -23.96 -9.33 -22.10
N LEU A 278 -23.75 -8.05 -21.80
CA LEU A 278 -22.41 -7.48 -21.88
C LEU A 278 -21.53 -7.94 -20.73
N PHE A 279 -22.11 -8.05 -19.55
CA PHE A 279 -21.34 -8.28 -18.32
C PHE A 279 -21.28 -9.78 -18.00
N ASP A 280 -20.72 -10.52 -18.95
CA ASP A 280 -20.58 -11.96 -18.87
C ASP A 280 -19.09 -12.29 -18.91
N VAL A 281 -18.76 -13.58 -18.99
CA VAL A 281 -17.37 -14.00 -19.08
C VAL A 281 -16.94 -14.16 -20.53
N LYS A 282 -17.89 -14.26 -21.46
CA LYS A 282 -17.55 -14.39 -22.86
C LYS A 282 -17.14 -13.08 -23.51
N HIS A 283 -17.54 -11.94 -22.93
CA HIS A 283 -17.42 -10.65 -23.60
C HIS A 283 -16.58 -9.68 -22.77
N VAL A 284 -15.53 -10.20 -22.14
CA VAL A 284 -14.71 -9.39 -21.24
C VAL A 284 -13.81 -8.45 -22.03
N ALA A 285 -13.21 -8.95 -23.12
CA ALA A 285 -12.35 -8.11 -23.94
C ALA A 285 -13.15 -7.04 -24.68
N LEU A 286 -14.37 -7.39 -25.10
CA LEU A 286 -15.25 -6.42 -25.74
C LEU A 286 -15.70 -5.34 -24.76
N ASN A 287 -16.04 -5.73 -23.54
CA ASN A 287 -16.39 -4.77 -22.50
C ASN A 287 -15.21 -3.87 -22.17
N HIS A 288 -14.00 -4.44 -22.14
CA HIS A 288 -12.79 -3.68 -21.90
C HIS A 288 -12.55 -2.65 -22.98
N HIS A 289 -12.73 -3.04 -24.25
CA HIS A 289 -12.47 -2.12 -25.34
C HIS A 289 -13.52 -1.01 -25.40
N ILE A 290 -14.77 -1.32 -24.99
CA ILE A 290 -15.79 -0.27 -24.90
C ILE A 290 -15.42 0.74 -23.82
N ASN A 291 -15.05 0.25 -22.62
CA ASN A 291 -14.71 1.17 -21.54
C ASN A 291 -13.45 1.98 -21.83
N GLN A 292 -12.48 1.40 -22.54
CA GLN A 292 -11.27 2.15 -22.82
C GLN A 292 -11.47 3.17 -23.94
N ALA A 293 -12.28 2.85 -24.95
CA ALA A 293 -12.58 3.84 -25.98
C ALA A 293 -13.42 4.98 -25.42
N LEU A 294 -14.34 4.65 -24.51
CA LEU A 294 -15.18 5.67 -23.90
C LEU A 294 -14.40 6.57 -22.96
N LYS A 295 -13.46 5.99 -22.21
CA LYS A 295 -12.54 6.81 -21.43
C LYS A 295 -11.63 7.64 -22.33
N ALA A 296 -11.29 7.12 -23.51
CA ALA A 296 -10.37 7.81 -24.41
C ALA A 296 -11.01 9.07 -24.99
N HIS A 297 -12.24 8.99 -25.49
CA HIS A 297 -12.84 10.17 -26.09
C HIS A 297 -13.95 10.79 -25.25
N VAL A 298 -13.96 10.56 -23.94
CA VAL A 298 -14.63 11.46 -23.02
C VAL A 298 -13.66 12.03 -21.99
N ALA A 299 -12.83 11.18 -21.39
CA ALA A 299 -11.93 11.63 -20.33
C ALA A 299 -10.73 12.36 -20.89
N MET A 300 -10.10 11.82 -21.94
CA MET A 300 -8.85 12.36 -22.45
C MET A 300 -9.17 13.38 -23.54
N GLN A 301 -9.06 14.66 -23.19
CA GLN A 301 -9.19 15.73 -24.16
C GLN A 301 -7.84 16.00 -24.77
N LYS A 302 -7.84 16.43 -26.04
CA LYS A 302 -6.70 16.30 -26.94
C LYS A 302 -5.46 17.06 -26.50
N ASP A 303 -5.49 18.38 -26.50
CA ASP A 303 -4.28 19.15 -26.24
C ASP A 303 -4.09 19.47 -24.77
N VAL A 304 -4.88 18.87 -23.88
CA VAL A 304 -4.66 19.00 -22.45
C VAL A 304 -4.22 17.68 -21.82
N ASP A 305 -4.48 16.54 -22.45
CA ASP A 305 -4.06 15.26 -21.94
C ASP A 305 -3.07 14.51 -22.83
N TYR A 306 -2.91 14.90 -24.08
CA TYR A 306 -1.83 14.38 -24.90
C TYR A 306 -1.47 15.44 -25.94
N VAL A 307 -0.78 15.04 -27.00
CA VAL A 307 -0.54 15.86 -28.18
C VAL A 307 -0.24 14.93 -29.35
N VAL A 308 -0.85 15.20 -30.50
CA VAL A 308 -0.56 14.45 -31.71
C VAL A 308 0.77 14.93 -32.27
N GLU A 309 1.64 13.99 -32.62
CA GLU A 309 2.86 14.29 -33.34
C GLU A 309 2.84 13.55 -34.67
N ASP A 310 3.98 13.49 -35.34
CA ASP A 310 4.01 12.93 -36.69
C ASP A 310 3.80 11.41 -36.67
N GLY A 311 2.53 11.01 -36.62
CA GLY A 311 2.15 9.61 -36.69
C GLY A 311 1.92 8.92 -35.36
N GLN A 312 2.00 9.64 -34.24
CA GLN A 312 1.89 8.98 -32.95
C GLN A 312 1.40 9.95 -31.89
N VAL A 313 0.64 9.41 -30.94
CA VAL A 313 0.18 10.14 -29.77
C VAL A 313 1.32 10.28 -28.78
N VAL A 314 1.46 11.47 -28.19
CA VAL A 314 2.51 11.75 -27.22
C VAL A 314 1.85 12.27 -25.94
N ILE A 315 2.17 11.65 -24.81
CA ILE A 315 1.45 11.87 -23.57
C ILE A 315 1.88 13.19 -22.94
N VAL A 316 0.90 13.99 -22.49
CA VAL A 316 1.12 15.14 -21.63
C VAL A 316 0.45 14.81 -20.30
N ASP A 317 0.98 15.34 -19.21
CA ASP A 317 0.34 15.19 -17.90
C ASP A 317 -0.01 16.57 -17.34
N SER A 318 -0.63 16.56 -16.17
CA SER A 318 -1.00 17.79 -15.47
C SER A 318 -0.16 18.06 -14.25
N PHE A 319 0.59 17.07 -13.75
CA PHE A 319 1.55 17.30 -12.68
C PHE A 319 2.65 18.25 -13.15
N THR A 320 3.41 17.83 -14.15
CA THR A 320 4.32 18.69 -14.88
C THR A 320 3.64 19.15 -16.18
N GLY A 321 4.07 20.31 -16.67
CA GLY A 321 3.56 20.77 -17.95
C GLY A 321 4.16 20.08 -19.15
N ARG A 322 5.28 19.40 -18.96
CA ARG A 322 6.03 18.81 -20.06
C ARG A 322 5.33 17.57 -20.62
N LEU A 323 5.80 17.14 -21.78
CA LEU A 323 5.26 15.97 -22.46
C LEU A 323 6.32 14.88 -22.56
N MET A 324 5.89 13.64 -22.33
CA MET A 324 6.80 12.50 -22.29
C MET A 324 6.90 11.87 -23.68
N LYS A 325 8.13 11.77 -24.18
CA LYS A 325 8.34 11.31 -25.55
C LYS A 325 8.10 9.81 -25.69
N GLY A 326 8.70 9.01 -24.81
CA GLY A 326 8.73 7.58 -25.00
C GLY A 326 7.63 6.77 -24.37
N ARG A 327 6.80 7.36 -23.52
CA ARG A 327 5.79 6.62 -22.79
C ARG A 327 4.67 6.12 -23.70
N ARG A 328 3.91 5.17 -23.18
CA ARG A 328 2.62 4.80 -23.73
C ARG A 328 1.65 4.68 -22.55
N TYR A 329 0.36 4.80 -22.83
CA TYR A 329 -0.62 4.53 -21.79
C TYR A 329 -0.77 3.04 -21.59
N SER A 330 -1.13 2.66 -20.37
CA SER A 330 -1.24 1.25 -20.04
C SER A 330 -2.65 0.76 -20.34
N GLU A 331 -2.86 -0.55 -20.10
CA GLU A 331 -4.15 -1.28 -20.12
C GLU A 331 -4.98 -1.06 -21.40
N GLY A 332 -4.32 -0.71 -22.50
CA GLY A 332 -5.03 -0.58 -23.75
C GLY A 332 -5.74 0.72 -23.98
N LEU A 333 -5.21 1.83 -23.47
CA LEU A 333 -5.81 3.14 -23.65
C LEU A 333 -5.12 3.97 -24.72
N HIS A 334 -3.82 3.75 -24.91
CA HIS A 334 -3.10 4.45 -25.95
C HIS A 334 -3.54 3.96 -27.32
N GLN A 335 -3.91 2.68 -27.41
CA GLN A 335 -4.54 2.16 -28.61
C GLN A 335 -5.89 2.77 -28.85
N ALA A 336 -6.62 3.11 -27.79
CA ALA A 336 -7.94 3.71 -28.00
C ALA A 336 -7.82 5.17 -28.41
N ILE A 337 -6.80 5.87 -27.94
CA ILE A 337 -6.56 7.24 -28.40
C ILE A 337 -6.13 7.26 -29.87
N GLU A 338 -5.18 6.38 -30.22
CA GLU A 338 -4.76 6.24 -31.61
C GLU A 338 -5.89 5.76 -32.50
N ALA A 339 -6.85 5.02 -31.96
CA ALA A 339 -8.01 4.62 -32.77
C ALA A 339 -9.06 5.71 -32.86
N LYS A 340 -9.12 6.64 -31.89
CA LYS A 340 -10.09 7.72 -32.03
C LYS A 340 -9.58 8.84 -32.91
N GLU A 341 -8.27 8.92 -33.12
CA GLU A 341 -7.74 9.90 -34.06
C GLU A 341 -7.38 9.32 -35.41
N GLY A 342 -7.77 8.07 -35.68
CA GLY A 342 -7.58 7.49 -37.00
C GLY A 342 -6.16 7.14 -37.36
N LEU A 343 -5.26 7.10 -36.37
CA LEU A 343 -3.86 6.78 -36.61
C LEU A 343 -3.69 5.26 -36.73
N GLU A 344 -2.45 4.84 -36.91
CA GLU A 344 -2.15 3.41 -36.90
C GLU A 344 -1.63 3.02 -35.52
N ILE A 345 -1.96 1.79 -35.12
CA ILE A 345 -1.85 1.38 -33.73
C ILE A 345 -0.74 0.34 -33.56
N GLN A 346 0.07 0.52 -32.53
CA GLN A 346 0.93 -0.53 -32.02
C GLN A 346 0.08 -1.41 -31.11
N ASN A 347 0.08 -2.71 -31.38
CA ASN A 347 -0.85 -3.60 -30.71
C ASN A 347 -0.35 -3.98 -29.33
N GLU A 348 -1.14 -4.80 -28.64
CA GLU A 348 -0.86 -5.22 -27.28
C GLU A 348 -0.27 -6.63 -27.27
N SER A 349 0.51 -6.92 -26.24
CA SER A 349 1.25 -8.16 -26.16
C SER A 349 1.22 -8.66 -24.72
N MET A 350 1.61 -9.92 -24.55
CA MET A 350 1.98 -10.40 -23.23
C MET A 350 3.31 -9.78 -22.83
N THR A 351 3.36 -9.22 -21.61
CA THR A 351 4.62 -8.72 -21.11
C THR A 351 5.56 -9.88 -20.79
N LEU A 352 6.83 -9.74 -21.18
CA LEU A 352 7.81 -10.78 -20.93
C LEU A 352 8.65 -10.50 -19.70
N ALA A 353 8.92 -9.24 -19.43
CA ALA A 353 9.53 -8.82 -18.18
C ALA A 353 8.93 -7.49 -17.80
N THR A 354 9.23 -7.03 -16.59
CA THR A 354 8.73 -5.77 -16.05
C THR A 354 9.57 -5.42 -14.84
N ILE A 355 10.03 -4.17 -14.77
CA ILE A 355 10.67 -3.64 -13.58
C ILE A 355 10.22 -2.18 -13.48
N THR A 356 10.45 -1.58 -12.33
CA THR A 356 10.17 -0.17 -12.15
C THR A 356 11.49 0.57 -11.98
N PHE A 357 11.42 1.86 -11.74
CA PHE A 357 12.65 2.59 -11.47
C PHE A 357 13.10 2.42 -10.03
N GLN A 358 12.16 2.19 -9.12
CA GLN A 358 12.56 2.03 -7.72
C GLN A 358 13.15 0.65 -7.47
N ASN A 359 12.68 -0.39 -8.17
CA ASN A 359 13.28 -1.71 -8.00
C ASN A 359 14.65 -1.78 -8.68
N TYR A 360 14.75 -1.22 -9.89
CA TYR A 360 16.02 -1.21 -10.62
C TYR A 360 17.10 -0.45 -9.87
N PHE A 361 16.79 0.75 -9.40
CA PHE A 361 17.80 1.44 -8.61
C PHE A 361 17.81 1.00 -7.15
N ARG A 362 16.91 0.12 -6.73
CA ARG A 362 17.06 -0.52 -5.44
C ARG A 362 18.14 -1.58 -5.48
N MET A 363 18.20 -2.36 -6.55
CA MET A 363 19.12 -3.49 -6.58
C MET A 363 20.44 -3.17 -7.28
N TYR A 364 20.90 -1.92 -7.18
CA TYR A 364 22.31 -1.65 -7.37
C TYR A 364 23.06 -1.91 -6.06
N GLU A 365 24.36 -1.60 -6.06
CA GLU A 365 25.18 -1.81 -4.89
C GLU A 365 25.31 -0.54 -4.06
N LYS A 366 25.83 0.52 -4.68
CA LYS A 366 25.88 1.84 -4.08
C LYS A 366 25.46 2.85 -5.12
N LEU A 367 24.55 3.75 -4.78
CA LEU A 367 24.22 4.82 -5.70
C LEU A 367 23.97 6.11 -4.95
N ALA A 368 23.97 7.19 -5.72
CA ALA A 368 23.78 8.54 -5.21
C ALA A 368 23.25 9.39 -6.35
N GLY A 369 23.21 10.70 -6.15
CA GLY A 369 22.86 11.60 -7.23
C GLY A 369 22.36 12.94 -6.74
N MET A 370 22.81 14.01 -7.38
CA MET A 370 22.41 15.36 -7.03
C MET A 370 21.03 15.65 -7.59
N THR A 371 20.44 16.74 -7.09
CA THR A 371 19.11 17.17 -7.48
C THR A 371 18.95 18.62 -7.08
N GLY A 372 17.73 19.13 -7.20
CA GLY A 372 17.46 20.49 -6.80
C GLY A 372 16.57 20.62 -5.57
N THR A 373 15.59 19.73 -5.42
CA THR A 373 14.57 19.83 -4.39
C THR A 373 14.35 18.46 -3.76
N ALA A 374 14.89 18.23 -2.57
CA ALA A 374 14.78 16.90 -1.97
C ALA A 374 14.60 16.97 -0.45
N LYS A 375 13.69 17.82 0.05
CA LYS A 375 13.48 17.85 1.49
C LYS A 375 12.29 17.00 1.94
N THR A 376 11.11 17.29 1.39
CA THR A 376 10.00 16.33 1.46
C THR A 376 10.42 15.00 0.85
N GLU A 377 11.16 15.05 -0.24
CA GLU A 377 11.63 13.77 -0.71
C GLU A 377 12.87 13.28 0.03
N GLU A 378 13.49 14.08 0.91
CA GLU A 378 14.49 13.51 1.83
C GLU A 378 13.83 12.60 2.85
N GLU A 379 12.73 13.06 3.43
CA GLU A 379 11.99 12.17 4.32
C GLU A 379 11.27 11.06 3.55
N GLU A 380 11.14 11.17 2.23
CA GLU A 380 10.84 9.98 1.42
C GLU A 380 12.04 9.05 1.29
N PHE A 381 13.20 9.60 0.88
CA PHE A 381 14.40 8.84 0.50
C PHE A 381 14.94 7.99 1.63
N ARG A 382 14.82 8.46 2.88
CA ARG A 382 15.28 7.67 4.02
C ARG A 382 14.49 6.38 4.18
N ASN A 383 13.23 6.37 3.76
CA ASN A 383 12.40 5.19 3.92
C ASN A 383 12.67 4.13 2.85
N ILE A 384 13.23 4.52 1.71
CA ILE A 384 13.35 3.61 0.56
C ILE A 384 14.80 3.32 0.21
N TYR A 385 15.59 4.35 -0.06
CA TYR A 385 16.92 4.11 -0.62
C TYR A 385 18.02 4.31 0.42
N ASN A 386 17.64 4.43 1.70
CA ASN A 386 18.41 4.82 2.89
C ASN A 386 19.50 5.85 2.62
N MET A 387 19.17 6.87 1.85
CA MET A 387 20.09 7.95 1.51
C MET A 387 19.65 9.23 2.20
N GLN A 388 20.62 9.93 2.79
CA GLN A 388 20.37 11.27 3.29
C GLN A 388 20.30 12.24 2.12
N VAL A 389 19.91 13.48 2.44
CA VAL A 389 19.98 14.58 1.49
C VAL A 389 20.73 15.70 2.19
N VAL A 390 21.93 15.98 1.71
CA VAL A 390 22.76 17.04 2.29
C VAL A 390 22.51 18.32 1.51
N THR A 391 22.01 19.34 2.20
CA THR A 391 21.78 20.63 1.58
C THR A 391 23.12 21.35 1.46
N ILE A 392 23.66 21.37 0.25
CA ILE A 392 25.00 21.89 -0.01
C ILE A 392 24.92 23.42 0.02
N PRO A 393 25.74 24.08 0.83
CA PRO A 393 25.73 25.56 0.84
C PRO A 393 26.27 26.11 -0.46
N THR A 394 25.61 27.15 -0.95
CA THR A 394 25.85 27.67 -2.29
C THR A 394 27.19 28.40 -2.36
N ASN A 395 27.63 28.66 -3.60
CA ASN A 395 28.88 29.38 -3.82
C ASN A 395 28.69 30.87 -3.56
N ARG A 396 27.82 31.50 -4.31
CA ARG A 396 27.40 32.87 -4.15
C ARG A 396 25.97 32.89 -3.64
N PRO A 397 25.65 33.73 -2.66
CA PRO A 397 24.36 33.62 -1.98
C PRO A 397 23.21 34.06 -2.86
N VAL A 398 22.08 33.36 -2.73
CA VAL A 398 20.91 33.61 -3.54
C VAL A 398 20.33 34.96 -3.15
N VAL A 399 20.55 35.96 -4.01
CA VAL A 399 20.26 37.35 -3.68
C VAL A 399 18.91 37.80 -4.24
N ARG A 400 18.22 36.92 -4.97
CA ARG A 400 16.93 37.28 -5.53
C ARG A 400 15.87 37.36 -4.43
N ASP A 401 14.79 38.08 -4.73
CA ASP A 401 13.71 38.30 -3.79
C ASP A 401 12.63 37.25 -3.99
N ASP A 402 12.56 36.29 -3.07
CA ASP A 402 11.47 35.33 -3.06
C ASP A 402 10.38 35.80 -2.08
N ARG A 403 9.65 36.80 -2.57
CA ARG A 403 8.65 37.51 -1.77
C ARG A 403 7.44 36.62 -1.50
N PRO A 404 6.68 36.91 -0.45
CA PRO A 404 5.42 36.18 -0.21
C PRO A 404 4.39 36.47 -1.29
N ASP A 405 3.42 35.57 -1.37
CA ASP A 405 2.49 35.54 -2.49
C ASP A 405 1.26 36.40 -2.24
N LEU A 406 0.78 37.03 -3.31
CA LEU A 406 -0.38 37.92 -3.24
C LEU A 406 -1.64 37.12 -3.59
N ILE A 407 -2.46 36.81 -2.58
CA ILE A 407 -3.58 35.92 -2.72
C ILE A 407 -4.89 36.69 -2.58
N TYR A 408 -5.84 36.41 -3.47
CA TYR A 408 -7.18 37.00 -3.54
C TYR A 408 -7.99 36.20 -4.57
N ARG A 409 -9.31 36.31 -4.48
CA ARG A 409 -10.23 35.53 -5.30
C ARG A 409 -10.34 36.12 -6.71
N THR A 410 -11.35 35.68 -7.46
CA THR A 410 -11.72 36.09 -8.83
C THR A 410 -10.54 36.04 -9.83
N MET A 411 -10.26 34.83 -10.31
CA MET A 411 -9.24 34.50 -11.31
C MET A 411 -9.15 35.45 -12.51
N GLU A 412 -10.26 36.10 -12.89
CA GLU A 412 -10.20 37.17 -13.88
C GLU A 412 -9.37 38.35 -13.37
N GLY A 413 -9.62 38.77 -12.13
CA GLY A 413 -8.80 39.82 -11.54
C GLY A 413 -7.39 39.36 -11.23
N LYS A 414 -7.22 38.07 -10.94
CA LYS A 414 -5.89 37.47 -10.80
C LYS A 414 -5.09 37.63 -12.10
N PHE A 415 -5.65 37.20 -13.22
CA PHE A 415 -5.01 37.37 -14.52
C PHE A 415 -4.84 38.85 -14.88
N LYS A 416 -5.77 39.70 -14.43
CA LYS A 416 -5.66 41.14 -14.66
C LYS A 416 -4.43 41.73 -13.99
N ALA A 417 -4.18 41.36 -12.74
CA ALA A 417 -2.97 41.87 -12.09
C ALA A 417 -1.71 41.13 -12.52
N VAL A 418 -1.82 39.89 -13.02
CA VAL A 418 -0.70 39.26 -13.73
C VAL A 418 -0.29 40.11 -14.93
N ALA A 419 -1.29 40.52 -15.73
CA ALA A 419 -1.02 41.35 -16.90
C ALA A 419 -0.48 42.72 -16.51
N GLU A 420 -1.02 43.31 -15.44
CA GLU A 420 -0.52 44.61 -14.98
C GLU A 420 0.90 44.51 -14.44
N ASP A 421 1.22 43.41 -13.74
CA ASP A 421 2.56 43.19 -13.23
C ASP A 421 3.56 43.04 -14.36
N VAL A 422 3.28 42.17 -15.33
CA VAL A 422 4.21 41.98 -16.43
C VAL A 422 4.25 43.21 -17.34
N ALA A 423 3.19 44.01 -17.38
CA ALA A 423 3.22 45.26 -18.13
C ALA A 423 4.15 46.27 -17.48
N GLN A 424 4.06 46.44 -16.16
CA GLN A 424 4.93 47.39 -15.51
C GLN A 424 6.37 46.88 -15.38
N ARG A 425 6.58 45.57 -15.52
CA ARG A 425 7.95 45.08 -15.72
C ARG A 425 8.45 45.45 -17.11
N TYR A 426 7.65 45.16 -18.14
CA TYR A 426 8.04 45.38 -19.53
C TYR A 426 8.21 46.85 -19.88
N MET A 427 7.59 47.76 -19.12
CA MET A 427 7.89 49.18 -19.26
C MET A 427 9.35 49.47 -18.91
N THR A 428 9.88 48.79 -17.91
CA THR A 428 11.30 48.94 -17.59
C THR A 428 12.17 48.22 -18.60
N GLY A 429 11.71 47.07 -19.10
CA GLY A 429 12.39 46.35 -20.16
C GLY A 429 13.05 45.05 -19.76
N GLN A 430 12.93 44.59 -18.52
CA GLN A 430 13.51 43.31 -18.16
C GLN A 430 12.60 42.17 -18.61
N PRO A 431 13.18 41.01 -18.95
CA PRO A 431 12.33 39.88 -19.36
C PRO A 431 11.57 39.28 -18.20
N VAL A 432 10.43 38.67 -18.53
CA VAL A 432 9.58 38.00 -17.54
C VAL A 432 9.25 36.62 -18.06
N LEU A 433 9.56 35.60 -17.27
CA LEU A 433 9.13 34.24 -17.55
C LEU A 433 8.00 33.91 -16.60
N VAL A 434 6.79 33.75 -17.12
CA VAL A 434 5.65 33.37 -16.29
C VAL A 434 5.53 31.86 -16.34
N GLY A 435 4.86 31.30 -15.34
CA GLY A 435 4.70 29.87 -15.30
C GLY A 435 3.26 29.43 -15.24
N THR A 436 2.75 28.89 -16.35
CA THR A 436 1.40 28.38 -16.43
C THR A 436 1.39 26.88 -16.21
N VAL A 437 0.20 26.34 -15.94
CA VAL A 437 0.07 24.92 -15.65
C VAL A 437 -0.54 24.21 -16.84
N ALA A 438 -1.75 24.60 -17.20
CA ALA A 438 -2.46 24.03 -18.33
C ALA A 438 -2.26 24.89 -19.57
N VAL A 439 -2.83 24.42 -20.68
CA VAL A 439 -2.71 25.16 -21.93
C VAL A 439 -3.67 26.34 -21.95
N GLU A 440 -4.86 26.19 -21.35
CA GLU A 440 -5.89 27.22 -21.45
C GLU A 440 -5.58 28.45 -20.61
N THR A 441 -4.88 28.30 -19.49
CA THR A 441 -4.46 29.48 -18.74
C THR A 441 -3.38 30.24 -19.49
N SER A 442 -2.51 29.53 -20.22
CA SER A 442 -1.58 30.18 -21.13
C SER A 442 -2.31 30.91 -22.24
N GLU A 443 -3.41 30.34 -22.73
CA GLU A 443 -4.21 31.00 -23.75
C GLU A 443 -4.87 32.27 -23.23
N LEU A 444 -5.36 32.23 -21.98
CA LEU A 444 -5.97 33.43 -21.39
C LEU A 444 -4.92 34.51 -21.12
N ILE A 445 -3.72 34.13 -20.68
CA ILE A 445 -2.65 35.11 -20.52
C ILE A 445 -2.23 35.68 -21.87
N SER A 446 -2.25 34.86 -22.93
CA SER A 446 -1.94 35.37 -24.27
C SER A 446 -3.00 36.34 -24.77
N LYS A 447 -4.28 36.05 -24.51
CA LYS A 447 -5.35 36.95 -24.96
C LYS A 447 -5.39 38.23 -24.15
N LEU A 448 -4.98 38.19 -22.87
CA LEU A 448 -4.85 39.44 -22.12
C LEU A 448 -3.66 40.25 -22.61
N LEU A 449 -2.50 39.61 -22.79
CA LEU A 449 -1.30 40.37 -23.11
C LEU A 449 -1.23 40.82 -24.56
N LYS A 450 -2.01 40.21 -25.45
CA LYS A 450 -2.13 40.79 -26.78
C LYS A 450 -3.05 42.01 -26.76
N ASN A 451 -4.04 42.01 -25.87
CA ASN A 451 -4.94 43.15 -25.74
C ASN A 451 -4.33 44.28 -24.93
N LYS A 452 -3.26 44.02 -24.18
CA LYS A 452 -2.49 45.09 -23.54
C LYS A 452 -1.41 45.66 -24.44
N GLY A 453 -1.29 45.16 -25.68
CA GLY A 453 -0.27 45.64 -26.58
C GLY A 453 1.13 45.16 -26.27
N ILE A 454 1.26 44.01 -25.61
CA ILE A 454 2.55 43.46 -25.22
C ILE A 454 2.89 42.30 -26.15
N PRO A 455 4.00 42.36 -26.88
CA PRO A 455 4.42 41.19 -27.66
C PRO A 455 5.03 40.14 -26.74
N HIS A 456 4.80 38.88 -27.07
CA HIS A 456 5.25 37.78 -26.25
C HIS A 456 5.38 36.52 -27.08
N GLN A 457 5.84 35.46 -26.43
CA GLN A 457 6.03 34.15 -27.06
C GLN A 457 5.42 33.08 -26.16
N VAL A 458 4.60 32.22 -26.74
CA VAL A 458 3.83 31.22 -26.01
C VAL A 458 4.46 29.86 -26.24
N LEU A 459 4.79 29.17 -25.15
CA LEU A 459 5.48 27.87 -25.22
C LEU A 459 4.65 26.85 -24.46
N ASN A 460 3.93 25.99 -25.19
CA ASN A 460 3.05 25.00 -24.60
C ASN A 460 3.31 23.60 -25.13
N ALA A 461 2.42 22.67 -24.81
CA ALA A 461 2.48 21.32 -25.32
C ALA A 461 2.08 21.22 -26.79
N LYS A 462 1.50 22.27 -27.36
CA LYS A 462 1.16 22.30 -28.77
C LYS A 462 1.96 23.35 -29.54
N ASN A 463 2.98 23.94 -28.90
CA ASN A 463 3.92 24.84 -29.54
C ASN A 463 5.35 24.50 -29.12
N HIS A 464 5.65 23.22 -29.01
CA HIS A 464 6.84 22.73 -28.33
C HIS A 464 8.03 22.52 -29.26
N GLU A 465 7.96 22.97 -30.51
CA GLU A 465 9.10 22.76 -31.40
C GLU A 465 10.17 23.84 -31.25
N ARG A 466 9.80 25.01 -30.75
CA ARG A 466 10.71 26.14 -30.63
C ARG A 466 11.26 26.30 -29.22
N GLU A 467 11.33 25.21 -28.45
CA GLU A 467 11.66 25.31 -27.02
C GLU A 467 13.08 25.79 -26.79
N ALA A 468 14.04 25.27 -27.56
CA ALA A 468 15.44 25.64 -27.40
C ALA A 468 15.68 27.11 -27.76
N GLN A 469 15.07 27.57 -28.86
CA GLN A 469 15.28 28.96 -29.28
C GLN A 469 14.57 29.93 -28.35
N ILE A 470 13.36 29.59 -27.89
CA ILE A 470 12.65 30.47 -26.97
C ILE A 470 13.34 30.53 -25.62
N ILE A 471 13.85 29.40 -25.13
CA ILE A 471 14.57 29.42 -23.85
C ILE A 471 15.97 29.99 -24.00
N GLU A 472 16.47 30.10 -25.23
CA GLU A 472 17.71 30.83 -25.46
C GLU A 472 17.50 32.33 -25.44
N GLU A 473 16.57 32.83 -26.26
CA GLU A 473 16.38 34.28 -26.40
C GLU A 473 15.37 34.84 -25.40
N ALA A 474 14.89 34.04 -24.46
CA ALA A 474 13.88 34.50 -23.52
C ALA A 474 14.47 35.14 -22.27
N GLY A 475 15.78 35.06 -22.08
CA GLY A 475 16.42 35.78 -21.00
C GLY A 475 16.98 37.13 -21.37
N GLN A 476 16.99 37.45 -22.66
CA GLN A 476 17.53 38.70 -23.14
C GLN A 476 16.58 39.85 -22.85
N LYS A 477 17.04 41.07 -23.11
CA LYS A 477 16.31 42.28 -22.75
C LYS A 477 15.06 42.45 -23.62
N GLY A 478 13.93 42.71 -22.97
CA GLY A 478 12.68 42.92 -23.66
C GLY A 478 12.11 41.70 -24.34
N ALA A 479 11.73 40.70 -23.56
CA ALA A 479 11.14 39.48 -24.11
C ALA A 479 10.26 38.85 -23.05
N VAL A 480 8.97 38.72 -23.35
CA VAL A 480 8.01 38.06 -22.47
C VAL A 480 7.76 36.66 -23.01
N THR A 481 7.89 35.67 -22.13
CA THR A 481 7.67 34.28 -22.52
C THR A 481 6.70 33.62 -21.55
N ILE A 482 5.96 32.65 -22.07
CA ILE A 482 4.97 31.91 -21.30
C ILE A 482 5.35 30.43 -21.36
N ALA A 483 5.79 29.89 -20.23
CA ALA A 483 6.29 28.53 -20.18
C ALA A 483 5.31 27.65 -19.42
N THR A 484 5.10 26.43 -19.92
CA THR A 484 4.19 25.46 -19.33
C THR A 484 4.90 24.48 -18.40
N ASN A 485 6.06 23.99 -18.80
CA ASN A 485 6.89 23.17 -17.92
C ASN A 485 7.47 24.06 -16.82
N MET A 486 6.81 24.07 -15.66
CA MET A 486 7.22 24.90 -14.54
C MET A 486 8.46 24.38 -13.83
N ALA A 487 8.94 23.19 -14.19
CA ALA A 487 10.23 22.66 -13.73
C ALA A 487 11.12 22.52 -14.94
N GLY A 488 12.11 23.40 -15.07
CA GLY A 488 13.03 23.33 -16.18
C GLY A 488 14.27 22.53 -15.85
N ARG A 489 14.39 21.35 -16.46
CA ARG A 489 15.46 20.45 -16.08
C ARG A 489 16.77 20.79 -16.78
N GLY A 490 16.78 20.74 -18.11
CA GLY A 490 18.00 20.98 -18.86
C GLY A 490 18.04 22.34 -19.51
N THR A 491 16.87 22.95 -19.70
CA THR A 491 16.77 24.25 -20.35
C THR A 491 17.32 25.34 -19.42
N ASP A 492 18.24 26.14 -19.94
CA ASP A 492 18.93 27.15 -19.15
C ASP A 492 18.79 28.52 -19.80
N ILE A 493 18.20 29.46 -19.06
CA ILE A 493 18.08 30.84 -19.53
C ILE A 493 19.42 31.54 -19.35
N LYS A 494 19.73 32.45 -20.27
CA LYS A 494 20.95 33.25 -20.18
C LYS A 494 20.58 34.72 -20.28
N LEU A 495 21.37 35.57 -19.63
CA LEU A 495 21.10 36.99 -19.60
C LEU A 495 22.40 37.75 -19.40
N GLY A 496 22.60 38.79 -20.21
CA GLY A 496 23.83 39.57 -20.18
C GLY A 496 23.65 41.01 -19.78
N GLU A 497 23.79 41.91 -20.76
CA GLU A 497 23.70 43.34 -20.49
C GLU A 497 22.26 43.74 -20.19
N GLY A 498 22.11 44.81 -19.40
CA GLY A 498 20.81 45.35 -19.09
C GLY A 498 20.00 44.59 -18.05
N VAL A 499 19.90 43.27 -18.24
CA VAL A 499 19.09 42.44 -17.34
C VAL A 499 19.74 42.35 -15.96
N LYS A 500 21.07 42.32 -15.91
CA LYS A 500 21.76 42.39 -14.63
C LYS A 500 21.69 43.78 -14.02
N GLU A 501 21.64 44.82 -14.86
CA GLU A 501 21.46 46.16 -14.34
C GLU A 501 20.03 46.40 -13.89
N LEU A 502 19.08 45.69 -14.49
CA LEU A 502 17.72 45.63 -14.00
C LEU A 502 17.62 44.52 -12.94
N GLY A 503 16.41 44.16 -12.56
CA GLY A 503 16.24 43.17 -11.51
C GLY A 503 16.13 41.74 -11.99
N GLY A 504 16.87 41.39 -13.04
CA GLY A 504 16.95 40.03 -13.53
C GLY A 504 15.65 39.53 -14.16
N LEU A 505 15.62 38.22 -14.37
CA LEU A 505 14.41 37.59 -14.88
C LEU A 505 13.35 37.54 -13.80
N ALA A 506 12.15 38.02 -14.11
CA ALA A 506 11.04 38.04 -13.17
C ALA A 506 10.16 36.81 -13.40
N VAL A 507 9.79 36.15 -12.31
CA VAL A 507 9.01 34.92 -12.35
C VAL A 507 7.62 35.22 -11.81
N VAL A 508 6.59 34.83 -12.55
CA VAL A 508 5.21 34.99 -12.12
C VAL A 508 4.55 33.61 -12.12
N GLY A 509 4.02 33.21 -10.96
CA GLY A 509 3.36 31.93 -10.84
C GLY A 509 1.86 32.07 -11.01
N THR A 510 1.31 31.30 -11.96
CA THR A 510 -0.13 31.29 -12.19
C THR A 510 -0.88 30.74 -10.98
N GLU A 511 -0.39 29.65 -10.40
CA GLU A 511 -0.99 29.13 -9.17
C GLU A 511 0.13 28.54 -8.31
N ARG A 512 -0.27 27.97 -7.19
CA ARG A 512 0.62 27.23 -6.31
C ARG A 512 0.26 25.76 -6.40
N HIS A 513 1.26 24.91 -6.64
CA HIS A 513 1.00 23.50 -6.88
C HIS A 513 0.73 22.77 -5.57
N GLU A 514 0.30 21.51 -5.72
CA GLU A 514 0.15 20.59 -4.59
C GLU A 514 1.48 20.07 -4.08
N SER A 515 2.57 20.30 -4.81
CA SER A 515 3.90 19.89 -4.40
C SER A 515 4.84 21.09 -4.49
N ARG A 516 5.65 21.27 -3.44
CA ARG A 516 6.52 22.43 -3.34
C ARG A 516 7.73 22.33 -4.27
N ARG A 517 8.02 21.12 -4.78
CA ARG A 517 9.20 20.94 -5.62
C ARG A 517 9.08 21.66 -6.96
N ILE A 518 7.91 21.58 -7.60
CA ILE A 518 7.69 22.25 -8.88
C ILE A 518 7.76 23.77 -8.69
N ASP A 519 7.23 24.25 -7.56
CA ASP A 519 7.28 25.67 -7.24
C ASP A 519 8.72 26.15 -7.04
N ASN A 520 9.53 25.34 -6.35
CA ASN A 520 10.91 25.74 -6.13
C ASN A 520 11.75 25.62 -7.40
N GLN A 521 11.43 24.65 -8.27
CA GLN A 521 12.08 24.57 -9.57
C GLN A 521 11.74 25.78 -10.43
N LEU A 522 10.51 26.29 -10.30
CA LEU A 522 10.15 27.51 -11.00
C LEU A 522 10.88 28.72 -10.42
N ARG A 523 11.02 28.78 -9.09
CA ARG A 523 11.72 29.90 -8.48
C ARG A 523 13.20 29.89 -8.80
N GLY A 524 13.79 28.72 -8.97
CA GLY A 524 15.21 28.60 -9.22
C GLY A 524 15.68 28.90 -10.63
N ARG A 525 14.80 29.35 -11.52
CA ARG A 525 15.23 29.73 -12.86
C ARG A 525 15.93 31.08 -12.90
N SER A 526 15.69 31.93 -11.91
CA SER A 526 16.17 33.31 -11.97
C SER A 526 17.51 33.51 -11.25
N GLY A 527 17.54 33.20 -9.95
CA GLY A 527 18.71 33.50 -9.16
C GLY A 527 19.84 32.51 -9.34
N ARG A 528 20.50 32.56 -10.49
CA ARG A 528 21.56 31.64 -10.84
C ARG A 528 22.90 32.37 -10.81
N GLN A 529 23.86 31.78 -10.08
CA GLN A 529 25.24 32.27 -9.96
C GLN A 529 25.26 33.69 -9.36
N GLY A 530 24.36 33.95 -8.42
CA GLY A 530 24.29 35.23 -7.75
C GLY A 530 23.84 36.37 -8.62
N ASP A 531 22.62 36.29 -9.14
CA ASP A 531 22.06 37.31 -10.01
C ASP A 531 20.72 37.75 -9.46
N PRO A 532 20.31 38.99 -9.74
CA PRO A 532 19.03 39.48 -9.21
C PRO A 532 17.82 38.77 -9.82
N GLY A 533 16.72 38.84 -9.08
CA GLY A 533 15.48 38.25 -9.54
C GLY A 533 14.38 38.54 -8.54
N ILE A 534 13.15 38.46 -9.04
CA ILE A 534 11.94 38.62 -8.22
C ILE A 534 10.95 37.56 -8.67
N THR A 535 10.34 36.85 -7.71
CA THR A 535 9.32 35.87 -8.03
C THR A 535 8.04 36.16 -7.27
N GLN A 536 6.92 35.76 -7.87
CA GLN A 536 5.59 35.94 -7.31
C GLN A 536 4.73 34.74 -7.68
N PHE A 537 3.78 34.41 -6.80
CA PHE A 537 2.81 33.34 -7.05
C PHE A 537 1.42 33.94 -6.84
N TYR A 538 0.88 34.57 -7.88
CA TYR A 538 -0.42 35.21 -7.78
C TYR A 538 -1.50 34.14 -7.69
N LEU A 539 -2.01 33.92 -6.49
CA LEU A 539 -2.80 32.75 -6.14
C LEU A 539 -4.26 33.14 -5.90
N SER A 540 -5.17 32.22 -6.19
CA SER A 540 -6.59 32.48 -6.12
C SER A 540 -7.25 31.78 -4.93
N MET A 541 -8.56 31.95 -4.83
CA MET A 541 -9.43 31.13 -4.00
C MET A 541 -10.40 30.30 -4.83
N GLU A 542 -10.44 30.53 -6.14
CA GLU A 542 -11.32 29.82 -7.05
C GLU A 542 -10.60 28.68 -7.78
N ASP A 543 -9.52 28.17 -7.19
CA ASP A 543 -8.68 27.16 -7.81
C ASP A 543 -8.78 25.84 -7.07
N GLU A 544 -8.22 24.79 -7.70
CA GLU A 544 -8.38 23.43 -7.21
C GLU A 544 -7.68 23.19 -5.87
N LEU A 545 -6.60 23.93 -5.61
CA LEU A 545 -5.90 23.80 -4.34
C LEU A 545 -6.77 24.29 -3.18
N MET A 546 -7.41 25.45 -3.35
CA MET A 546 -8.32 25.92 -2.33
C MET A 546 -9.64 25.18 -2.31
N ARG A 547 -10.02 24.52 -3.41
CA ARG A 547 -11.18 23.63 -3.36
C ARG A 547 -10.88 22.39 -2.52
N ARG A 548 -9.69 21.81 -2.67
CA ARG A 548 -9.28 20.69 -1.83
C ARG A 548 -9.02 21.14 -0.40
N PHE A 549 -8.63 22.39 -0.20
CA PHE A 549 -8.34 22.93 1.13
C PHE A 549 -9.38 24.00 1.44
N GLY A 550 -10.64 23.70 1.14
CA GLY A 550 -11.66 24.71 1.32
C GLY A 550 -12.25 24.81 2.72
N ALA A 551 -11.70 25.73 3.51
CA ALA A 551 -12.38 26.28 4.68
C ALA A 551 -12.93 27.62 4.22
N GLU A 552 -14.05 27.55 3.51
CA GLU A 552 -14.47 28.64 2.63
C GLU A 552 -14.95 29.86 3.40
N ARG A 553 -15.81 29.66 4.41
CA ARG A 553 -16.57 30.77 4.98
C ARG A 553 -15.69 31.73 5.77
N THR A 554 -14.79 31.22 6.62
CA THR A 554 -14.02 32.07 7.51
C THR A 554 -13.00 32.90 6.75
N MET A 555 -12.14 32.23 5.96
CA MET A 555 -11.12 32.92 5.19
C MET A 555 -11.74 33.79 4.11
N ALA A 556 -12.83 33.32 3.49
CA ALA A 556 -13.51 34.10 2.47
C ALA A 556 -14.10 35.38 3.02
N MET A 557 -14.71 35.34 4.21
CA MET A 557 -15.26 36.57 4.78
C MET A 557 -14.17 37.50 5.29
N LEU A 558 -13.11 36.95 5.91
CA LEU A 558 -12.07 37.81 6.47
C LEU A 558 -11.20 38.44 5.38
N ASP A 559 -11.16 37.86 4.18
CA ASP A 559 -10.56 38.54 3.04
C ASP A 559 -11.60 39.17 2.12
N ARG A 560 -12.89 39.05 2.46
CA ARG A 560 -13.96 39.63 1.67
C ARG A 560 -14.43 40.99 2.19
N PHE A 561 -14.38 41.23 3.50
CA PHE A 561 -14.87 42.54 3.98
C PHE A 561 -13.87 43.64 3.65
N GLY A 562 -12.58 43.34 3.69
CA GLY A 562 -11.55 44.27 3.27
C GLY A 562 -11.10 44.11 1.84
N MET A 563 -11.93 44.46 0.86
CA MET A 563 -11.57 44.31 -0.54
C MET A 563 -11.82 45.60 -1.32
N ASP A 564 -11.08 45.73 -2.41
CA ASP A 564 -11.32 46.74 -3.44
C ASP A 564 -10.91 46.08 -4.74
N ASP A 565 -11.91 45.72 -5.56
CA ASP A 565 -11.91 44.81 -6.73
C ASP A 565 -10.91 43.66 -6.59
N SER A 566 -10.95 43.01 -5.43
CA SER A 566 -9.98 42.00 -4.97
C SER A 566 -8.55 42.54 -5.03
N THR A 567 -8.32 43.55 -4.18
CA THR A 567 -6.98 44.05 -3.94
C THR A 567 -6.11 42.93 -3.36
N PRO A 568 -4.82 42.90 -3.70
CA PRO A 568 -3.97 41.80 -3.21
C PRO A 568 -3.63 41.94 -1.74
N ILE A 569 -3.60 40.79 -1.06
CA ILE A 569 -3.29 40.71 0.36
C ILE A 569 -1.99 39.93 0.51
N GLN A 570 -0.95 40.58 1.03
CA GLN A 570 0.31 39.90 1.33
C GLN A 570 0.20 39.33 2.73
N SER A 571 -0.38 38.14 2.80
CA SER A 571 -0.81 37.52 4.06
C SER A 571 0.15 36.41 4.47
N LYS A 572 0.92 36.67 5.53
CA LYS A 572 1.85 35.67 6.05
C LYS A 572 1.11 34.50 6.70
N MET A 573 -0.02 34.77 7.35
CA MET A 573 -0.78 33.70 7.99
C MET A 573 -1.41 32.77 6.96
N VAL A 574 -1.85 33.30 5.82
CA VAL A 574 -2.42 32.43 4.80
C VAL A 574 -1.31 31.79 3.98
N SER A 575 -0.13 32.41 3.95
CA SER A 575 1.05 31.74 3.38
C SER A 575 1.42 30.51 4.19
N ARG A 576 1.42 30.63 5.52
CA ARG A 576 1.65 29.46 6.37
C ARG A 576 0.49 28.46 6.30
N ALA A 577 -0.73 28.95 6.08
CA ALA A 577 -1.87 28.06 5.95
C ALA A 577 -1.80 27.23 4.66
N VAL A 578 -1.37 27.84 3.56
CA VAL A 578 -1.23 27.07 2.32
C VAL A 578 0.03 26.23 2.33
N GLU A 579 1.05 26.61 3.13
CA GLU A 579 2.16 25.71 3.38
C GLU A 579 1.72 24.47 4.16
N SER A 580 0.85 24.66 5.15
CA SER A 580 0.27 23.52 5.86
C SER A 580 -0.63 22.69 4.96
N SER A 581 -1.31 23.33 4.00
CA SER A 581 -2.11 22.59 3.02
C SER A 581 -1.23 21.72 2.14
N GLN A 582 -0.11 22.27 1.66
CA GLN A 582 0.90 21.48 0.95
C GLN A 582 1.41 20.33 1.80
N LYS A 583 1.60 20.57 3.10
CA LYS A 583 2.11 19.50 3.97
C LYS A 583 1.07 18.41 4.18
N ARG A 584 -0.23 18.76 4.21
CA ARG A 584 -1.27 17.74 4.30
C ARG A 584 -1.33 16.89 3.02
N VAL A 585 -1.28 17.56 1.85
CA VAL A 585 -1.32 16.85 0.58
C VAL A 585 -0.11 15.94 0.42
N GLU A 586 1.07 16.41 0.84
CA GLU A 586 2.26 15.61 0.66
C GLU A 586 2.38 14.52 1.73
N GLY A 587 1.77 14.71 2.90
CA GLY A 587 1.67 13.61 3.84
C GLY A 587 0.76 12.51 3.34
N ASN A 588 -0.34 12.89 2.68
CA ASN A 588 -1.21 11.91 2.03
C ASN A 588 -0.48 11.17 0.92
N ASN A 589 0.31 11.89 0.12
CA ASN A 589 1.07 11.27 -0.96
C ASN A 589 2.16 10.35 -0.42
N PHE A 590 2.81 10.75 0.67
CA PHE A 590 3.83 9.92 1.30
C PHE A 590 3.23 8.63 1.87
N ASP A 591 2.05 8.73 2.46
CA ASP A 591 1.40 7.52 2.97
C ASP A 591 0.94 6.61 1.85
N SER A 592 0.48 7.19 0.73
CA SER A 592 0.06 6.37 -0.41
C SER A 592 1.24 5.63 -1.03
N ARG A 593 2.39 6.32 -1.20
CA ARG A 593 3.56 5.63 -1.72
C ARG A 593 4.11 4.62 -0.72
N LYS A 594 3.97 4.88 0.58
CA LYS A 594 4.45 3.96 1.60
C LYS A 594 3.57 2.71 1.68
N GLN A 595 2.31 2.81 1.30
CA GLN A 595 1.48 1.61 1.18
C GLN A 595 1.83 0.82 -0.08
N LEU A 596 1.92 1.52 -1.22
CA LEU A 596 2.16 0.83 -2.49
C LEU A 596 3.54 0.19 -2.57
N LEU A 597 4.52 0.71 -1.82
CA LEU A 597 5.83 0.08 -1.75
C LEU A 597 5.76 -1.33 -1.16
N GLN A 598 5.09 -1.47 -0.01
CA GLN A 598 5.00 -2.78 0.62
C GLN A 598 3.99 -3.67 -0.08
N TYR A 599 3.12 -3.11 -0.94
CA TYR A 599 2.42 -3.99 -1.87
C TYR A 599 3.34 -4.47 -3.00
N ASP A 600 4.34 -3.68 -3.40
CA ASP A 600 5.21 -4.06 -4.51
C ASP A 600 6.34 -5.01 -4.11
N ASP A 601 6.67 -5.07 -2.82
CA ASP A 601 7.81 -5.88 -2.38
C ASP A 601 7.61 -7.38 -2.58
N VAL A 602 6.37 -7.85 -2.73
CA VAL A 602 6.11 -9.27 -2.95
C VAL A 602 6.67 -9.71 -4.30
N LEU A 603 6.23 -9.06 -5.38
CA LEU A 603 6.72 -9.41 -6.70
C LEU A 603 8.16 -8.96 -6.89
N ARG A 604 8.63 -7.96 -6.12
CA ARG A 604 10.06 -7.65 -6.12
C ARG A 604 10.90 -8.82 -5.63
N GLN A 605 10.53 -9.43 -4.50
CA GLN A 605 11.30 -10.53 -3.96
C GLN A 605 11.21 -11.77 -4.84
N GLN A 606 10.03 -12.04 -5.40
CA GLN A 606 9.89 -13.21 -6.27
C GLN A 606 10.70 -13.05 -7.56
N ARG A 607 10.74 -11.83 -8.10
CA ARG A 607 11.52 -11.57 -9.31
C ARG A 607 13.00 -11.69 -9.04
N GLU A 608 13.48 -11.18 -7.89
CA GLU A 608 14.90 -11.29 -7.57
C GLU A 608 15.32 -12.75 -7.39
N VAL A 609 14.47 -13.56 -6.73
CA VAL A 609 14.76 -14.99 -6.55
C VAL A 609 14.87 -15.70 -7.89
N ILE A 610 13.87 -15.53 -8.77
CA ILE A 610 13.94 -16.33 -9.99
C ILE A 610 14.90 -15.74 -11.03
N TYR A 611 15.27 -14.46 -10.94
CA TYR A 611 16.33 -13.97 -11.81
C TYR A 611 17.70 -14.47 -11.36
N LYS A 612 17.93 -14.54 -10.04
CA LYS A 612 19.17 -15.14 -9.53
C LYS A 612 19.27 -16.61 -9.91
N GLN A 613 18.16 -17.33 -9.89
CA GLN A 613 18.23 -18.74 -10.25
C GLN A 613 18.33 -18.95 -11.76
N ARG A 614 17.74 -18.07 -12.58
CA ARG A 614 17.97 -18.16 -14.02
C ARG A 614 19.43 -17.85 -14.37
N PHE A 615 20.05 -16.91 -13.64
CA PHE A 615 21.47 -16.66 -13.87
C PHE A 615 22.33 -17.84 -13.38
N GLU A 616 21.87 -18.56 -12.36
CA GLU A 616 22.55 -19.80 -12.01
C GLU A 616 22.39 -20.87 -13.08
N VAL A 617 21.27 -20.87 -13.79
CA VAL A 617 21.09 -21.83 -14.89
C VAL A 617 21.98 -21.47 -16.07
N ILE A 618 22.03 -20.20 -16.45
CA ILE A 618 22.81 -19.83 -17.63
C ILE A 618 24.29 -19.68 -17.34
N ASP A 619 24.69 -19.62 -16.06
CA ASP A 619 26.09 -19.38 -15.72
C ASP A 619 26.86 -20.67 -15.48
N SER A 620 26.26 -21.62 -14.77
CA SER A 620 26.96 -22.83 -14.38
C SER A 620 27.17 -23.76 -15.58
N GLU A 621 27.92 -24.82 -15.34
CA GLU A 621 28.35 -25.74 -16.40
C GLU A 621 27.98 -27.19 -16.16
N ASN A 622 27.66 -27.59 -14.93
CA ASN A 622 27.18 -28.93 -14.63
C ASN A 622 25.72 -28.76 -14.18
N LEU A 623 24.79 -28.98 -15.12
CA LEU A 623 23.38 -28.78 -14.87
C LEU A 623 22.61 -30.08 -14.83
N ARG A 624 23.31 -31.22 -15.00
CA ARG A 624 22.69 -32.52 -14.80
C ARG A 624 22.22 -32.68 -13.36
N GLU A 625 22.94 -32.11 -12.40
CA GLU A 625 22.55 -32.19 -11.01
C GLU A 625 21.27 -31.43 -10.73
N ILE A 626 21.12 -30.23 -11.29
CA ILE A 626 19.91 -29.46 -11.01
C ILE A 626 18.73 -30.00 -11.80
N VAL A 627 18.94 -30.56 -12.99
CA VAL A 627 17.81 -31.19 -13.68
C VAL A 627 17.42 -32.49 -13.01
N GLU A 628 18.39 -33.20 -12.42
CA GLU A 628 18.08 -34.39 -11.62
C GLU A 628 17.31 -34.02 -10.37
N ASN A 629 17.63 -32.87 -9.76
CA ASN A 629 16.89 -32.40 -8.60
C ASN A 629 15.47 -31.99 -8.98
N MET A 630 15.29 -31.39 -10.15
CA MET A 630 13.96 -30.99 -10.58
C MET A 630 13.09 -32.20 -10.91
N ILE A 631 13.68 -33.21 -11.55
CA ILE A 631 12.94 -34.45 -11.83
C ILE A 631 12.63 -35.18 -10.53
N LYS A 632 13.55 -35.12 -9.56
CA LYS A 632 13.33 -35.74 -8.26
C LYS A 632 12.19 -35.08 -7.51
N SER A 633 12.13 -33.74 -7.54
CA SER A 633 11.07 -33.01 -6.85
C SER A 633 9.72 -33.24 -7.52
N SER A 634 9.70 -33.23 -8.87
CA SER A 634 8.46 -33.51 -9.60
C SER A 634 7.96 -34.93 -9.33
N LEU A 635 8.88 -35.90 -9.33
CA LEU A 635 8.53 -37.30 -9.09
C LEU A 635 8.07 -37.52 -7.66
N GLU A 636 8.72 -36.85 -6.71
CA GLU A 636 8.33 -36.95 -5.30
C GLU A 636 6.94 -36.34 -5.08
N ARG A 637 6.65 -35.21 -5.72
CA ARG A 637 5.31 -34.65 -5.59
C ARG A 637 4.26 -35.52 -6.29
N ALA A 638 4.63 -36.20 -7.38
CA ALA A 638 3.69 -37.09 -8.04
C ALA A 638 3.36 -38.31 -7.20
N ILE A 639 4.38 -38.91 -6.56
CA ILE A 639 4.10 -40.07 -5.73
C ILE A 639 3.46 -39.66 -4.42
N ALA A 640 3.73 -38.45 -3.93
CA ALA A 640 3.02 -37.96 -2.75
C ALA A 640 1.57 -37.63 -3.07
N ALA A 641 1.28 -37.27 -4.32
CA ALA A 641 -0.10 -37.05 -4.73
C ALA A 641 -0.86 -38.36 -4.84
N TYR A 642 -0.32 -39.32 -5.60
CA TYR A 642 -1.05 -40.57 -5.80
C TYR A 642 -0.89 -41.57 -4.66
N THR A 643 -0.04 -41.31 -3.67
CA THR A 643 -0.02 -42.11 -2.45
C THR A 643 -0.44 -41.21 -1.30
N PRO A 644 -1.69 -41.34 -0.81
CA PRO A 644 -2.13 -40.51 0.33
C PRO A 644 -1.34 -40.83 1.58
N ARG A 645 -0.82 -39.77 2.21
CA ARG A 645 0.15 -39.91 3.30
C ARG A 645 -0.51 -40.47 4.56
N GLU A 646 -1.78 -40.13 4.80
CA GLU A 646 -2.46 -40.59 6.00
C GLU A 646 -3.26 -41.87 5.78
N GLU A 647 -3.58 -42.22 4.54
CA GLU A 647 -4.39 -43.40 4.27
C GLU A 647 -3.55 -44.67 4.26
N LEU A 648 -4.19 -45.79 4.53
CA LEU A 648 -3.53 -47.08 4.52
C LEU A 648 -3.25 -47.52 3.09
N PRO A 649 -2.22 -48.38 2.87
CA PRO A 649 -1.91 -48.83 1.49
C PRO A 649 -2.92 -49.81 0.91
N GLU A 650 -2.55 -50.35 -0.26
CA GLU A 650 -3.33 -51.26 -1.12
C GLU A 650 -4.77 -50.76 -1.40
N GLU A 651 -4.93 -49.43 -1.51
CA GLU A 651 -6.04 -48.88 -2.28
C GLU A 651 -5.60 -47.66 -3.07
N TRP A 652 -4.29 -47.41 -3.18
CA TRP A 652 -3.71 -46.14 -3.56
C TRP A 652 -3.75 -45.85 -5.07
N LYS A 653 -4.59 -46.54 -5.85
CA LYS A 653 -4.69 -46.45 -7.32
C LYS A 653 -3.32 -46.41 -8.02
N LEU A 654 -2.46 -47.34 -7.60
CA LEU A 654 -1.12 -47.42 -8.14
C LEU A 654 -1.10 -47.88 -9.58
N ASP A 655 -2.21 -48.42 -10.12
CA ASP A 655 -2.35 -48.56 -11.56
C ASP A 655 -2.37 -47.20 -12.24
N GLY A 656 -3.11 -46.24 -11.67
CA GLY A 656 -3.03 -44.87 -12.16
C GLY A 656 -1.67 -44.24 -11.96
N LEU A 657 -0.98 -44.61 -10.87
CA LEU A 657 0.37 -44.10 -10.64
C LEU A 657 1.36 -44.64 -11.68
N VAL A 658 1.31 -45.94 -11.96
CA VAL A 658 2.24 -46.51 -12.94
C VAL A 658 1.87 -46.06 -14.35
N ASP A 659 0.59 -45.74 -14.60
CA ASP A 659 0.23 -45.11 -15.87
C ASP A 659 0.80 -43.70 -15.99
N LEU A 660 0.78 -42.94 -14.88
CA LEU A 660 1.37 -41.61 -14.87
C LEU A 660 2.88 -41.66 -15.10
N ILE A 661 3.55 -42.66 -14.52
CA ILE A 661 4.99 -42.78 -14.71
C ILE A 661 5.31 -43.23 -16.14
N ASN A 662 4.52 -44.17 -16.68
CA ASN A 662 4.74 -44.64 -18.04
C ASN A 662 4.36 -43.61 -19.09
N THR A 663 3.57 -42.61 -18.74
CA THR A 663 3.25 -41.53 -19.67
C THR A 663 3.99 -40.23 -19.38
N THR A 664 4.79 -40.17 -18.31
CA THR A 664 5.56 -38.96 -18.04
C THR A 664 7.07 -39.18 -18.08
N TYR A 665 7.59 -40.20 -17.39
CA TYR A 665 9.04 -40.35 -17.25
C TYR A 665 9.56 -41.56 -18.03
N LEU A 666 9.07 -42.75 -17.72
CA LEU A 666 9.49 -43.96 -18.41
C LEU A 666 8.66 -44.14 -19.68
N ASP A 667 9.00 -45.15 -20.46
CA ASP A 667 8.28 -45.44 -21.70
C ASP A 667 7.00 -46.20 -21.37
N GLU A 668 6.32 -46.70 -22.41
CA GLU A 668 4.98 -47.27 -22.24
C GLU A 668 5.02 -48.59 -21.49
N GLY A 669 5.95 -49.47 -21.84
CA GLY A 669 6.07 -50.74 -21.16
C GLY A 669 7.35 -50.87 -20.37
N ALA A 670 7.82 -49.75 -19.80
CA ALA A 670 9.10 -49.73 -19.10
C ALA A 670 8.97 -49.90 -17.59
N LEU A 671 7.77 -49.77 -17.04
CA LEU A 671 7.57 -49.97 -15.60
C LEU A 671 6.39 -50.91 -15.39
N GLU A 672 6.56 -51.87 -14.49
CA GLU A 672 5.60 -52.94 -14.28
C GLU A 672 4.83 -52.75 -12.98
N LYS A 673 4.05 -53.76 -12.63
CA LYS A 673 3.10 -53.69 -11.53
C LYS A 673 3.75 -54.05 -10.19
N SER A 674 4.32 -55.25 -10.09
CA SER A 674 4.69 -55.83 -8.81
C SER A 674 5.98 -55.27 -8.23
N ASP A 675 6.78 -54.54 -9.01
CA ASP A 675 8.08 -54.07 -8.52
C ASP A 675 7.97 -52.88 -7.57
N ILE A 676 6.79 -52.28 -7.42
CA ILE A 676 6.59 -51.19 -6.48
C ILE A 676 5.40 -51.50 -5.58
N PHE A 677 4.92 -52.74 -5.66
CA PHE A 677 3.70 -53.14 -4.97
C PHE A 677 3.91 -53.25 -3.47
N GLY A 678 3.10 -52.53 -2.70
CA GLY A 678 3.07 -52.71 -1.27
C GLY A 678 4.25 -52.17 -0.50
N LYS A 679 5.05 -51.29 -1.09
CA LYS A 679 6.21 -50.73 -0.40
C LYS A 679 5.97 -49.27 -0.06
N GLU A 680 6.92 -48.71 0.68
CA GLU A 680 6.91 -47.38 1.26
C GLU A 680 7.32 -46.32 0.21
N PRO A 681 6.86 -45.07 0.37
CA PRO A 681 7.10 -44.06 -0.68
C PRO A 681 8.55 -43.66 -0.86
N ASP A 682 9.36 -43.65 0.20
CA ASP A 682 10.77 -43.28 0.07
C ASP A 682 11.53 -44.28 -0.80
N GLU A 683 11.44 -45.56 -0.48
CA GLU A 683 12.11 -46.58 -1.30
C GLU A 683 11.50 -46.71 -2.69
N MET A 684 10.19 -46.46 -2.86
CA MET A 684 9.69 -46.56 -4.22
C MET A 684 10.09 -45.34 -5.06
N LEU A 685 10.24 -44.15 -4.45
CA LEU A 685 10.73 -43.02 -5.22
C LEU A 685 12.22 -43.17 -5.51
N GLU A 686 12.96 -43.83 -4.61
CA GLU A 686 14.36 -44.13 -4.91
C GLU A 686 14.48 -45.14 -6.06
N LEU A 687 13.57 -46.11 -6.11
CA LEU A 687 13.56 -47.05 -7.24
C LEU A 687 13.24 -46.36 -8.56
N ILE A 688 12.22 -45.50 -8.56
CA ILE A 688 11.85 -44.83 -9.80
C ILE A 688 12.90 -43.79 -10.20
N MET A 689 13.58 -43.16 -9.24
CA MET A 689 14.63 -42.23 -9.63
C MET A 689 15.88 -42.95 -10.12
N ASP A 690 16.14 -44.17 -9.62
CA ASP A 690 17.24 -44.95 -10.20
C ASP A 690 16.90 -45.41 -11.61
N ARG A 691 15.63 -45.74 -11.86
CA ARG A 691 15.23 -46.12 -13.20
C ARG A 691 15.29 -44.94 -14.18
N ILE A 692 14.94 -43.73 -13.72
CA ILE A 692 15.06 -42.59 -14.63
C ILE A 692 16.51 -42.16 -14.78
N ILE A 693 17.40 -42.45 -13.81
CA ILE A 693 18.82 -42.19 -14.03
C ILE A 693 19.39 -43.14 -15.07
N THR A 694 18.95 -44.41 -15.05
CA THR A 694 19.37 -45.35 -16.09
C THR A 694 18.83 -44.96 -17.47
N LYS A 695 17.55 -44.58 -17.54
CA LYS A 695 16.98 -44.09 -18.81
C LYS A 695 17.64 -42.77 -19.23
N TYR A 696 18.06 -41.95 -18.27
CA TYR A 696 18.70 -40.67 -18.56
C TYR A 696 20.07 -40.87 -19.19
N ASN A 697 20.86 -41.80 -18.64
CA ASN A 697 22.16 -42.09 -19.24
C ASN A 697 22.01 -42.81 -20.58
N GLU A 698 21.00 -43.67 -20.72
CA GLU A 698 20.72 -44.31 -22.01
C GLU A 698 20.32 -43.29 -23.07
N LYS A 699 19.54 -42.28 -22.67
CA LYS A 699 19.18 -41.20 -23.57
C LYS A 699 20.37 -40.30 -23.87
N GLU A 700 21.27 -40.15 -22.90
CA GLU A 700 22.40 -39.24 -23.04
C GLU A 700 23.44 -39.79 -24.01
N GLU A 701 23.78 -41.08 -23.88
CA GLU A 701 25.06 -41.64 -24.34
C GLU A 701 25.35 -41.51 -25.83
N GLN A 702 24.40 -41.08 -26.67
CA GLN A 702 24.69 -40.93 -28.09
C GLN A 702 24.92 -39.50 -28.53
N PHE A 703 24.54 -38.50 -27.73
CA PHE A 703 24.91 -37.10 -27.95
C PHE A 703 25.35 -36.47 -26.62
N GLY A 704 26.28 -37.15 -25.95
CA GLY A 704 26.41 -37.10 -24.51
C GLY A 704 26.78 -35.76 -23.90
N LYS A 705 27.53 -34.93 -24.61
CA LYS A 705 28.07 -33.73 -23.98
C LYS A 705 27.52 -32.44 -24.56
N GLU A 706 27.55 -32.25 -25.87
CA GLU A 706 27.15 -30.96 -26.43
C GLU A 706 25.63 -30.80 -26.51
N GLN A 707 24.96 -31.69 -27.24
CA GLN A 707 23.55 -31.48 -27.57
C GLN A 707 22.66 -31.74 -26.36
N MET A 708 23.11 -32.58 -25.43
CA MET A 708 22.42 -32.72 -24.14
C MET A 708 22.41 -31.40 -23.39
N ARG A 709 23.51 -30.66 -23.42
CA ARG A 709 23.52 -29.40 -22.66
C ARG A 709 22.76 -28.30 -23.37
N GLU A 710 22.80 -28.25 -24.71
CA GLU A 710 21.96 -27.25 -25.39
C GLU A 710 20.48 -27.56 -25.24
N PHE A 711 20.09 -28.84 -25.34
CA PHE A 711 18.70 -29.24 -25.16
C PHE A 711 18.22 -28.98 -23.74
N GLU A 712 19.05 -29.33 -22.76
CA GLU A 712 18.77 -29.06 -21.35
C GLU A 712 18.56 -27.56 -21.10
N LYS A 713 19.47 -26.73 -21.61
CA LYS A 713 19.38 -25.31 -21.33
C LYS A 713 18.20 -24.65 -22.04
N VAL A 714 17.84 -25.08 -23.26
CA VAL A 714 16.70 -24.45 -23.91
C VAL A 714 15.39 -24.89 -23.26
N ILE A 715 15.31 -26.15 -22.77
CA ILE A 715 14.09 -26.60 -22.10
C ILE A 715 13.90 -25.85 -20.78
N VAL A 716 14.98 -25.71 -20.00
CA VAL A 716 14.88 -25.05 -18.70
C VAL A 716 14.57 -23.55 -18.87
N LEU A 717 15.22 -22.89 -19.83
CA LEU A 717 15.01 -21.45 -19.97
C LEU A 717 13.64 -21.13 -20.56
N ARG A 718 13.15 -21.95 -21.50
CA ARG A 718 11.82 -21.68 -22.03
C ARG A 718 10.74 -21.97 -20.99
N ALA A 719 10.94 -22.96 -20.12
CA ALA A 719 9.97 -23.21 -19.06
C ALA A 719 9.94 -22.08 -18.04
N VAL A 720 11.12 -21.58 -17.64
CA VAL A 720 11.19 -20.46 -16.69
C VAL A 720 10.57 -19.21 -17.28
N ASP A 721 10.85 -18.91 -18.56
CA ASP A 721 10.32 -17.71 -19.20
C ASP A 721 8.80 -17.76 -19.33
N SER A 722 8.25 -18.91 -19.74
CA SER A 722 6.79 -19.00 -19.94
C SER A 722 6.05 -18.94 -18.60
N LYS A 723 6.55 -19.65 -17.59
CA LYS A 723 5.84 -19.62 -16.31
C LYS A 723 6.03 -18.29 -15.60
N TRP A 724 7.11 -17.56 -15.87
CA TRP A 724 7.23 -16.24 -15.27
C TRP A 724 6.36 -15.20 -15.96
N MET A 725 6.14 -15.36 -17.28
CA MET A 725 5.16 -14.53 -17.97
C MET A 725 3.76 -14.73 -17.39
N ASP A 726 3.38 -16.00 -17.18
CA ASP A 726 2.08 -16.30 -16.60
C ASP A 726 1.98 -15.79 -15.16
N HIS A 727 3.09 -15.81 -14.41
CA HIS A 727 3.02 -15.35 -13.03
C HIS A 727 2.98 -13.83 -12.92
N ILE A 728 3.60 -13.10 -13.85
CA ILE A 728 3.44 -11.65 -13.90
C ILE A 728 1.98 -11.29 -14.15
N ASP A 729 1.35 -11.97 -15.11
CA ASP A 729 -0.07 -11.74 -15.41
C ASP A 729 -0.96 -12.03 -14.20
N ALA A 730 -0.71 -13.15 -13.52
CA ALA A 730 -1.60 -13.54 -12.44
C ALA A 730 -1.40 -12.70 -11.18
N MET A 731 -0.17 -12.26 -10.90
CA MET A 731 0.01 -11.35 -9.77
C MET A 731 -0.57 -9.96 -10.06
N ASP A 732 -0.57 -9.55 -11.34
CA ASP A 732 -1.24 -8.30 -11.72
C ASP A 732 -2.74 -8.37 -11.45
N GLN A 733 -3.38 -9.46 -11.89
CA GLN A 733 -4.82 -9.62 -11.67
C GLN A 733 -5.15 -9.76 -10.18
N LEU A 734 -4.31 -10.46 -9.42
CA LEU A 734 -4.56 -10.64 -8.00
C LEU A 734 -4.36 -9.33 -7.22
N ARG A 735 -3.43 -8.48 -7.64
CA ARG A 735 -3.28 -7.20 -6.98
C ARG A 735 -4.42 -6.25 -7.36
N GLN A 736 -4.98 -6.38 -8.57
CA GLN A 736 -6.23 -5.71 -8.89
C GLN A 736 -7.33 -6.09 -7.92
N GLY A 737 -7.51 -7.39 -7.71
CA GLY A 737 -8.65 -7.82 -6.92
C GLY A 737 -8.47 -8.06 -5.43
N ILE A 738 -7.31 -7.74 -4.83
CA ILE A 738 -7.20 -7.95 -3.38
C ILE A 738 -7.81 -6.85 -2.53
N HIS A 739 -8.25 -5.73 -3.11
CA HIS A 739 -8.76 -4.70 -2.21
C HIS A 739 -10.19 -4.97 -1.74
N LEU A 740 -10.88 -5.93 -2.35
CA LEU A 740 -12.22 -6.30 -1.92
C LEU A 740 -12.22 -7.26 -0.74
N ARG A 741 -11.05 -7.69 -0.28
CA ARG A 741 -10.95 -8.57 0.86
C ARG A 741 -11.27 -7.88 2.19
N ALA A 742 -11.32 -6.55 2.21
CA ALA A 742 -11.64 -5.80 3.42
C ALA A 742 -13.13 -5.83 3.76
N TYR A 743 -13.98 -6.35 2.88
CA TYR A 743 -15.39 -6.57 3.17
C TYR A 743 -15.64 -7.83 3.99
N ALA A 744 -14.58 -8.46 4.50
CA ALA A 744 -14.69 -9.51 5.50
C ALA A 744 -13.73 -9.25 6.64
N GLN A 745 -13.35 -7.99 6.87
CA GLN A 745 -12.49 -7.49 7.94
C GLN A 745 -11.09 -8.10 7.97
N THR A 746 -10.71 -8.81 6.92
CA THR A 746 -9.38 -9.37 6.82
C THR A 746 -8.38 -8.30 6.41
N ASN A 747 -7.12 -8.65 6.41
CA ASN A 747 -6.09 -7.72 5.97
C ASN A 747 -5.76 -8.01 4.51
N PRO A 748 -6.00 -7.05 3.60
CA PRO A 748 -5.73 -7.32 2.18
C PRO A 748 -4.25 -7.50 1.87
N LEU A 749 -3.38 -6.76 2.57
CA LEU A 749 -1.94 -6.93 2.39
C LEU A 749 -1.49 -8.31 2.85
N ARG A 750 -2.05 -8.81 3.95
CA ARG A 750 -1.70 -10.13 4.45
C ARG A 750 -2.21 -11.24 3.54
N GLU A 751 -3.42 -11.10 3.01
CA GLU A 751 -3.91 -12.14 2.10
C GLU A 751 -3.21 -12.07 0.75
N TYR A 752 -2.75 -10.89 0.35
CA TYR A 752 -1.91 -10.75 -0.84
C TYR A 752 -0.57 -11.44 -0.64
N GLN A 753 0.07 -11.19 0.51
CA GLN A 753 1.37 -11.79 0.81
C GLN A 753 1.29 -13.30 0.98
N MET A 754 0.14 -13.84 1.39
CA MET A 754 0.06 -15.29 1.50
C MET A 754 -0.31 -15.94 0.18
N GLU A 755 -1.21 -15.33 -0.60
CA GLU A 755 -1.65 -15.99 -1.82
C GLU A 755 -0.67 -15.78 -2.97
N GLY A 756 0.13 -14.73 -2.93
CA GLY A 756 1.23 -14.62 -3.87
C GLY A 756 2.30 -15.66 -3.63
N PHE A 757 2.55 -16.00 -2.36
CA PHE A 757 3.50 -17.05 -2.04
C PHE A 757 2.96 -18.43 -2.45
N ALA A 758 1.67 -18.67 -2.23
CA ALA A 758 1.08 -19.95 -2.65
C ALA A 758 1.10 -20.09 -4.17
N MET A 759 0.83 -18.99 -4.88
CA MET A 759 0.86 -19.01 -6.34
C MET A 759 2.27 -19.13 -6.88
N PHE A 760 3.26 -18.54 -6.21
CA PHE A 760 4.65 -18.69 -6.64
C PHE A 760 5.19 -20.09 -6.39
N GLU A 761 4.75 -20.74 -5.30
CA GLU A 761 5.18 -22.11 -5.10
C GLU A 761 4.51 -23.07 -6.09
N HIS A 762 3.24 -22.80 -6.43
CA HIS A 762 2.59 -23.57 -7.48
C HIS A 762 3.25 -23.33 -8.84
N MET A 763 3.75 -22.10 -9.06
CA MET A 763 4.54 -21.78 -10.25
C MET A 763 5.80 -22.63 -10.33
N ILE A 764 6.55 -22.72 -9.24
CA ILE A 764 7.80 -23.48 -9.24
C ILE A 764 7.53 -24.97 -9.42
N GLU A 765 6.44 -25.47 -8.82
CA GLU A 765 6.01 -26.84 -9.08
C GLU A 765 5.71 -27.07 -10.56
N SER A 766 5.10 -26.08 -11.22
CA SER A 766 4.79 -26.25 -12.64
C SER A 766 6.04 -26.13 -13.52
N ILE A 767 7.01 -25.31 -13.11
CA ILE A 767 8.30 -25.24 -13.81
C ILE A 767 9.00 -26.58 -13.76
N GLU A 768 9.02 -27.19 -12.57
CA GLU A 768 9.71 -28.47 -12.40
C GLU A 768 8.99 -29.59 -13.14
N ASP A 769 7.65 -29.55 -13.18
CA ASP A 769 6.90 -30.54 -13.95
C ASP A 769 7.16 -30.40 -15.45
N GLU A 770 7.23 -29.17 -15.96
CA GLU A 770 7.47 -28.97 -17.38
C GLU A 770 8.88 -29.38 -17.78
N VAL A 771 9.88 -29.01 -16.98
CA VAL A 771 11.27 -29.38 -17.25
C VAL A 771 11.44 -30.90 -17.21
N ALA A 772 10.83 -31.56 -16.21
CA ALA A 772 10.93 -33.01 -16.10
C ALA A 772 10.27 -33.72 -17.28
N LYS A 773 9.04 -33.29 -17.63
CA LYS A 773 8.31 -33.91 -18.73
C LYS A 773 9.02 -33.73 -20.07
N PHE A 774 9.55 -32.53 -20.33
CA PHE A 774 10.18 -32.30 -21.63
C PHE A 774 11.57 -32.89 -21.72
N VAL A 775 12.31 -33.02 -20.60
CA VAL A 775 13.63 -33.66 -20.72
C VAL A 775 13.52 -35.17 -20.62
N MET A 776 12.38 -35.71 -20.18
CA MET A 776 12.20 -37.16 -20.18
C MET A 776 11.32 -37.67 -21.32
N LYS A 777 10.74 -36.79 -22.13
CA LYS A 777 9.97 -37.21 -23.31
C LYS A 777 10.44 -36.48 -24.55
N ALA A 778 11.74 -36.47 -24.78
CA ALA A 778 12.31 -35.90 -25.99
C ALA A 778 12.00 -36.78 -27.21
N PHE B 2 6.21 -27.37 21.35
CA PHE B 2 5.67 -27.64 20.02
C PHE B 2 6.52 -26.85 19.02
N ARG B 3 6.56 -27.31 17.76
CA ARG B 3 7.53 -26.78 16.81
C ARG B 3 7.13 -25.45 16.18
N THR B 4 5.85 -25.07 16.26
CA THR B 4 5.48 -23.73 15.79
C THR B 4 6.00 -22.66 16.73
N ILE B 5 5.86 -22.87 18.04
CA ILE B 5 6.42 -21.94 19.02
C ILE B 5 7.95 -21.97 18.96
N SER B 6 8.53 -23.09 18.57
CA SER B 6 9.97 -23.15 18.30
C SER B 6 10.33 -22.35 17.05
N ASN B 7 9.46 -22.32 16.04
CA ASN B 7 9.73 -21.52 14.85
C ASN B 7 9.59 -20.03 15.14
N PHE B 8 8.73 -19.66 16.09
CA PHE B 8 8.73 -18.28 16.54
C PHE B 8 9.84 -17.99 17.54
N MET B 9 10.43 -19.04 18.12
CA MET B 9 11.53 -18.86 19.07
C MET B 9 12.84 -18.59 18.37
N ARG B 10 12.96 -18.98 17.10
CA ARG B 10 14.19 -18.78 16.35
C ARG B 10 14.20 -17.48 15.55
N VAL B 11 13.10 -16.72 15.55
CA VAL B 11 13.02 -15.44 14.86
C VAL B 11 12.98 -14.36 15.93
N SER B 12 14.08 -13.60 16.02
CA SER B 12 14.29 -12.70 17.16
C SER B 12 13.34 -11.52 17.13
N ASP B 13 12.97 -11.02 15.94
CA ASP B 13 12.09 -9.86 15.85
C ASP B 13 10.67 -10.22 16.27
N ILE B 14 10.16 -11.36 15.79
CA ILE B 14 8.80 -11.75 16.14
C ILE B 14 8.70 -12.16 17.60
N ARG B 15 9.74 -12.83 18.12
CA ARG B 15 9.68 -13.15 19.56
C ARG B 15 9.90 -11.92 20.42
N ASN B 16 10.59 -10.90 19.91
CA ASN B 16 10.68 -9.62 20.61
C ASN B 16 9.32 -8.95 20.65
N LYS B 17 8.55 -9.04 19.56
CA LYS B 17 7.22 -8.45 19.56
C LYS B 17 6.27 -9.21 20.49
N ILE B 18 6.39 -10.54 20.58
CA ILE B 18 5.47 -11.23 21.48
C ILE B 18 5.88 -11.04 22.94
N ILE B 19 7.18 -10.86 23.22
CA ILE B 19 7.60 -10.48 24.57
C ILE B 19 7.11 -9.07 24.91
N PHE B 20 7.09 -8.19 23.90
CA PHE B 20 6.49 -6.86 24.09
C PHE B 20 5.01 -6.97 24.45
N THR B 21 4.28 -7.87 23.78
CA THR B 21 2.86 -8.00 24.09
C THR B 21 2.63 -8.59 25.48
N LEU B 22 3.44 -9.59 25.87
CA LEU B 22 3.31 -10.14 27.22
C LEU B 22 3.66 -9.10 28.29
N LEU B 23 4.66 -8.25 28.04
CA LEU B 23 4.94 -7.18 29.01
C LEU B 23 3.85 -6.11 29.04
N MET B 24 3.21 -5.81 27.90
CA MET B 24 2.10 -4.86 27.96
C MET B 24 0.88 -5.46 28.67
N LEU B 25 0.69 -6.77 28.56
CA LEU B 25 -0.33 -7.41 29.40
C LEU B 25 0.07 -7.46 30.88
N ILE B 26 1.37 -7.52 31.19
CA ILE B 26 1.82 -7.34 32.57
C ILE B 26 1.45 -5.94 33.08
N VAL B 27 1.64 -4.93 32.23
CA VAL B 27 1.25 -3.56 32.56
C VAL B 27 -0.26 -3.46 32.78
N PHE B 28 -1.04 -4.14 31.93
CA PHE B 28 -2.49 -4.23 32.09
C PHE B 28 -2.88 -4.86 33.42
N ARG B 29 -2.21 -5.96 33.80
CA ARG B 29 -2.50 -6.64 35.06
C ARG B 29 -2.18 -5.75 36.26
N ILE B 30 -1.02 -5.11 36.27
CA ILE B 30 -0.68 -4.27 37.42
C ILE B 30 -1.53 -2.99 37.42
N GLY B 31 -2.11 -2.60 36.29
CA GLY B 31 -3.14 -1.59 36.31
C GLY B 31 -4.44 -2.09 36.90
N THR B 32 -4.73 -3.39 36.76
CA THR B 32 -5.96 -3.93 37.36
C THR B 32 -5.83 -4.12 38.87
N PHE B 33 -4.68 -4.59 39.35
CA PHE B 33 -4.53 -4.90 40.78
C PHE B 33 -4.55 -3.68 41.69
N ILE B 34 -4.21 -2.50 41.19
CA ILE B 34 -4.09 -1.34 42.07
C ILE B 34 -5.47 -0.84 42.46
N PRO B 35 -5.67 -0.42 43.72
CA PRO B 35 -7.02 -0.02 44.16
C PRO B 35 -7.50 1.31 43.60
N VAL B 36 -8.71 1.70 43.98
CA VAL B 36 -9.33 2.95 43.57
C VAL B 36 -9.17 3.95 44.71
N PRO B 37 -9.25 5.27 44.47
CA PRO B 37 -9.11 6.23 45.58
C PRO B 37 -10.27 6.23 46.57
N SER B 38 -11.41 5.63 46.25
CA SER B 38 -12.50 5.56 47.20
C SER B 38 -12.20 4.53 48.28
N VAL B 39 -12.97 4.60 49.37
CA VAL B 39 -12.75 3.76 50.55
C VAL B 39 -13.62 2.52 50.55
N ASN B 40 -14.50 2.37 49.56
CA ASN B 40 -15.50 1.30 49.56
C ASN B 40 -15.00 0.00 48.93
N THR B 41 -13.69 -0.18 48.82
CA THR B 41 -13.15 -1.42 48.29
C THR B 41 -13.39 -2.59 49.25
N ASP B 42 -13.16 -2.36 50.55
CA ASP B 42 -13.52 -3.36 51.55
C ASP B 42 -15.02 -3.59 51.62
N VAL B 43 -15.82 -2.56 51.33
CA VAL B 43 -17.28 -2.68 51.33
C VAL B 43 -17.73 -3.60 50.20
N LEU B 44 -17.22 -3.38 48.99
CA LEU B 44 -17.55 -4.27 47.88
C LEU B 44 -16.92 -5.65 48.03
N LYS B 45 -15.84 -5.76 48.81
CA LYS B 45 -15.30 -7.08 49.12
C LYS B 45 -16.22 -7.85 50.06
N LEU B 46 -16.72 -7.21 51.11
CA LEU B 46 -17.56 -7.89 52.09
C LEU B 46 -18.97 -8.12 51.58
N GLN B 47 -19.47 -7.25 50.69
CA GLN B 47 -20.87 -7.34 50.27
C GLN B 47 -21.10 -8.51 49.33
N ASP B 48 -20.45 -8.46 48.16
CA ASP B 48 -20.47 -9.21 46.88
C ASP B 48 -21.56 -8.70 45.93
N GLN B 49 -22.36 -7.71 46.36
CA GLN B 49 -23.40 -7.05 45.55
C GLN B 49 -24.47 -8.04 45.06
N LEU B 50 -25.12 -8.69 46.03
CA LEU B 50 -26.29 -9.51 45.74
C LEU B 50 -27.49 -9.03 46.56
N GLN B 65 -19.62 -9.47 38.43
CA GLN B 65 -18.40 -8.76 38.06
C GLN B 65 -17.75 -8.10 39.28
N ASN B 66 -16.61 -7.47 39.06
CA ASN B 66 -15.85 -6.81 40.12
C ASN B 66 -15.69 -5.32 39.80
N PHE B 67 -14.90 -4.63 40.62
CA PHE B 67 -14.69 -3.20 40.47
C PHE B 67 -13.22 -2.88 40.64
N SER B 68 -12.70 -2.03 39.76
CA SER B 68 -11.30 -1.61 39.77
C SER B 68 -11.21 -0.27 39.05
N ILE B 69 -9.99 0.14 38.73
CA ILE B 69 -9.83 1.36 37.94
C ILE B 69 -10.08 1.08 36.46
N PHE B 70 -9.95 -0.18 36.03
CA PHE B 70 -10.26 -0.59 34.67
C PHE B 70 -11.65 -1.22 34.59
N ALA B 71 -12.58 -0.78 35.44
CA ALA B 71 -13.87 -1.45 35.55
C ALA B 71 -14.77 -1.12 34.35
N MET B 72 -14.73 0.12 33.88
CA MET B 72 -15.55 0.47 32.72
C MET B 72 -14.95 -0.12 31.44
N GLY B 73 -13.65 -0.01 31.26
CA GLY B 73 -13.00 -0.65 30.13
C GLY B 73 -13.18 0.13 28.84
N VAL B 74 -13.16 -0.62 27.73
CA VAL B 74 -13.15 -0.02 26.41
C VAL B 74 -14.56 0.26 25.91
N MET B 75 -15.59 -0.28 26.61
CA MET B 75 -17.02 -0.17 26.31
C MET B 75 -17.53 1.22 25.89
N PRO B 76 -17.06 2.34 26.50
CA PRO B 76 -17.39 3.62 25.87
C PRO B 76 -16.74 3.83 24.52
N TYR B 77 -15.52 3.34 24.28
CA TYR B 77 -14.93 3.49 22.95
C TYR B 77 -15.65 2.64 21.92
N ILE B 78 -16.09 1.44 22.31
CA ILE B 78 -16.94 0.63 21.42
C ILE B 78 -18.22 1.37 21.06
N THR B 79 -18.97 1.84 22.07
CA THR B 79 -20.23 2.48 21.75
C THR B 79 -20.04 3.84 21.09
N ALA B 80 -18.91 4.50 21.28
CA ALA B 80 -18.64 5.74 20.55
C ALA B 80 -18.34 5.47 19.08
N SER B 81 -17.62 4.38 18.80
CA SER B 81 -17.40 3.97 17.42
C SER B 81 -18.71 3.57 16.75
N ILE B 82 -19.62 2.98 17.52
CA ILE B 82 -20.93 2.63 16.95
C ILE B 82 -21.76 3.90 16.70
N ILE B 83 -21.66 4.90 17.59
CA ILE B 83 -22.37 6.16 17.38
C ILE B 83 -21.86 6.88 16.13
N VAL B 84 -20.54 6.94 15.93
CA VAL B 84 -20.04 7.63 14.74
C VAL B 84 -20.34 6.83 13.47
N GLN B 85 -20.29 5.49 13.51
CA GLN B 85 -20.65 4.73 12.33
C GLN B 85 -22.15 4.65 12.09
N LEU B 86 -22.97 5.10 13.04
CA LEU B 86 -24.39 5.32 12.74
C LEU B 86 -24.64 6.72 12.20
N LEU B 87 -23.93 7.74 12.71
CA LEU B 87 -24.08 9.08 12.14
C LEU B 87 -23.21 9.31 10.92
N GLN B 88 -22.65 8.26 10.31
CA GLN B 88 -22.22 8.36 8.93
C GLN B 88 -23.32 8.01 7.93
N MET B 89 -24.45 7.47 8.40
CA MET B 89 -25.52 7.05 7.49
C MET B 89 -26.45 8.20 7.12
N ASP B 90 -26.55 9.22 7.96
CA ASP B 90 -27.51 10.30 7.75
C ASP B 90 -26.92 11.35 6.80
N VAL B 91 -27.62 12.47 6.67
CA VAL B 91 -27.15 13.59 5.84
C VAL B 91 -26.41 14.52 6.81
N VAL B 92 -25.13 14.24 7.04
CA VAL B 92 -24.25 15.16 7.75
C VAL B 92 -23.06 15.44 6.84
N PRO B 93 -22.94 16.68 6.34
CA PRO B 93 -21.85 16.98 5.38
C PRO B 93 -20.47 16.92 6.01
N LYS B 94 -20.34 17.27 7.29
CA LYS B 94 -19.09 17.19 8.04
C LYS B 94 -18.53 15.78 8.04
N PHE B 95 -19.23 14.85 8.69
CA PHE B 95 -18.72 13.49 8.84
C PHE B 95 -18.76 12.72 7.53
N ALA B 96 -19.69 13.08 6.62
CA ALA B 96 -19.67 12.49 5.28
C ALA B 96 -18.41 12.89 4.53
N GLU B 97 -17.96 14.13 4.69
CA GLU B 97 -16.74 14.56 4.02
C GLU B 97 -15.49 14.07 4.73
N TRP B 98 -15.54 13.86 6.05
CA TRP B 98 -14.40 13.24 6.71
C TRP B 98 -14.26 11.77 6.32
N SER B 99 -15.37 11.07 6.13
CA SER B 99 -15.31 9.70 5.62
C SER B 99 -14.92 9.67 4.15
N LYS B 100 -15.29 10.70 3.38
CA LYS B 100 -14.91 10.77 1.97
C LYS B 100 -13.42 11.03 1.83
N GLN B 101 -12.85 11.87 2.69
CA GLN B 101 -11.42 12.11 2.71
C GLN B 101 -10.68 10.86 3.17
N GLY B 102 -9.60 10.53 2.45
CA GLY B 102 -8.95 9.23 2.59
C GLY B 102 -8.20 8.98 3.89
N GLU B 103 -7.28 9.87 4.25
CA GLU B 103 -6.41 9.63 5.39
C GLU B 103 -6.62 10.62 6.53
N MET B 104 -6.53 11.92 6.25
CA MET B 104 -6.63 12.90 7.31
C MET B 104 -8.06 13.10 7.79
N GLY B 105 -9.04 12.77 6.96
CA GLY B 105 -10.40 12.69 7.44
C GLY B 105 -10.62 11.52 8.38
N ARG B 106 -9.92 10.41 8.13
CA ARG B 106 -9.98 9.25 9.01
C ARG B 106 -9.33 9.54 10.36
N ARG B 107 -8.21 10.27 10.36
CA ARG B 107 -7.54 10.61 11.61
C ARG B 107 -8.34 11.64 12.41
N LYS B 108 -8.93 12.62 11.72
CA LYS B 108 -9.83 13.57 12.37
C LYS B 108 -11.05 12.87 12.95
N LEU B 109 -11.59 11.90 12.21
CA LEU B 109 -12.71 11.09 12.68
C LEU B 109 -12.34 10.30 13.93
N ALA B 110 -11.16 9.69 13.94
CA ALA B 110 -10.72 8.92 15.10
C ALA B 110 -10.43 9.81 16.30
N GLN B 111 -9.96 11.03 16.06
CA GLN B 111 -9.68 11.93 17.18
C GLN B 111 -10.96 12.50 17.77
N PHE B 112 -11.95 12.79 16.91
CA PHE B 112 -13.28 13.13 17.40
C PHE B 112 -13.91 11.98 18.18
N THR B 113 -13.69 10.74 17.72
CA THR B 113 -14.20 9.58 18.43
C THR B 113 -13.51 9.40 19.79
N ARG B 114 -12.23 9.75 19.87
CA ARG B 114 -11.52 9.72 21.15
C ARG B 114 -12.05 10.79 22.11
N TYR B 115 -12.34 11.98 21.58
CA TYR B 115 -12.93 13.03 22.42
C TYR B 115 -14.33 12.65 22.89
N PHE B 116 -15.11 12.01 22.01
CA PHE B 116 -16.47 11.63 22.36
C PHE B 116 -16.48 10.50 23.37
N THR B 117 -15.55 9.54 23.25
CA THR B 117 -15.51 8.49 24.26
C THR B 117 -14.93 8.95 25.58
N ILE B 118 -14.04 9.96 25.60
CA ILE B 118 -13.57 10.37 26.92
C ILE B 118 -14.64 11.22 27.62
N VAL B 119 -15.44 12.02 26.89
CA VAL B 119 -16.52 12.71 27.59
C VAL B 119 -17.68 11.75 27.93
N LEU B 120 -17.87 10.70 27.13
CA LEU B 120 -18.94 9.75 27.42
C LEU B 120 -18.58 8.88 28.62
N GLY B 121 -17.32 8.46 28.73
CA GLY B 121 -16.88 7.79 29.94
C GLY B 121 -16.89 8.69 31.15
N PHE B 122 -16.60 9.99 30.96
CA PHE B 122 -16.65 10.93 32.06
C PHE B 122 -18.06 11.13 32.59
N ILE B 123 -19.08 11.07 31.72
CA ILE B 123 -20.44 11.20 32.26
C ILE B 123 -20.95 9.85 32.78
N GLN B 124 -20.55 8.72 32.17
CA GLN B 124 -21.02 7.44 32.67
C GLN B 124 -20.36 7.00 33.98
N ALA B 125 -19.17 7.51 34.30
CA ALA B 125 -18.62 7.24 35.63
C ALA B 125 -19.41 7.98 36.71
N LEU B 126 -19.86 9.19 36.41
CA LEU B 126 -20.77 9.90 37.31
C LEU B 126 -22.09 9.16 37.43
N GLY B 127 -22.56 8.58 36.34
CA GLY B 127 -23.75 7.74 36.39
C GLY B 127 -23.56 6.49 37.22
N MET B 128 -22.36 5.92 37.20
CA MET B 128 -22.07 4.76 38.05
C MET B 128 -22.01 5.13 39.51
N SER B 129 -21.50 6.32 39.82
CA SER B 129 -21.53 6.80 41.21
C SER B 129 -22.96 7.01 41.70
N TYR B 130 -23.80 7.61 40.87
CA TYR B 130 -25.20 7.83 41.21
C TYR B 130 -25.96 6.51 41.34
N GLY B 131 -25.63 5.53 40.48
CA GLY B 131 -26.21 4.21 40.60
C GLY B 131 -25.77 3.45 41.84
N PHE B 132 -24.52 3.67 42.27
CA PHE B 132 -24.06 3.08 43.53
C PHE B 132 -24.80 3.67 44.72
N ASN B 133 -25.01 4.99 44.70
CA ASN B 133 -25.79 5.63 45.77
C ASN B 133 -27.23 5.16 45.79
N ASN B 134 -27.86 4.97 44.62
CA ASN B 134 -29.22 4.44 44.63
C ASN B 134 -29.28 2.94 44.87
N LEU B 135 -28.15 2.23 44.74
CA LEU B 135 -28.15 0.80 45.02
C LEU B 135 -28.02 0.55 46.52
N ALA B 136 -26.93 1.01 47.12
CA ALA B 136 -26.65 0.64 48.50
C ALA B 136 -26.23 1.86 49.30
N GLY B 137 -26.41 1.74 50.62
CA GLY B 137 -25.94 2.73 51.57
C GLY B 137 -24.60 2.39 52.21
N GLY B 138 -23.96 1.32 51.78
CA GLY B 138 -22.63 0.97 52.26
C GLY B 138 -21.56 1.43 51.30
N MET B 139 -21.87 1.40 50.01
CA MET B 139 -20.93 1.83 48.98
C MET B 139 -21.03 3.32 48.67
N LEU B 140 -21.67 4.10 49.54
CA LEU B 140 -21.65 5.55 49.40
C LEU B 140 -20.31 6.10 49.88
N ILE B 141 -20.09 7.38 49.62
CA ILE B 141 -18.88 8.08 49.99
C ILE B 141 -19.27 9.12 51.04
N GLN B 142 -18.28 9.68 51.75
CA GLN B 142 -18.55 10.60 52.85
C GLN B 142 -19.18 11.92 52.40
N ASN B 143 -19.05 12.27 51.12
CA ASN B 143 -19.72 13.44 50.55
C ASN B 143 -20.50 13.03 49.30
N PRO B 144 -21.74 12.55 49.48
CA PRO B 144 -22.49 11.98 48.35
C PRO B 144 -22.95 12.99 47.32
N GLY B 145 -22.96 14.28 47.63
N GLY B 145 -22.96 14.28 47.63
CA GLY B 145 -23.36 15.29 46.67
CA GLY B 145 -23.36 15.29 46.67
C GLY B 145 -22.25 16.26 46.31
C GLY B 145 -22.25 16.26 46.31
N ILE B 146 -21.19 16.26 47.11
CA ILE B 146 -20.04 17.13 46.87
C ILE B 146 -19.09 16.39 45.95
N GLY B 147 -18.50 17.12 45.00
CA GLY B 147 -17.87 16.53 43.85
C GLY B 147 -16.54 15.83 44.05
N THR B 148 -16.53 14.71 44.77
CA THR B 148 -15.46 13.74 44.60
C THR B 148 -15.77 12.79 43.45
N TYR B 149 -17.01 12.79 42.97
CA TYR B 149 -17.40 11.95 41.86
C TYR B 149 -16.72 12.40 40.57
N LEU B 150 -16.44 13.70 40.45
CA LEU B 150 -15.67 14.19 39.31
C LEU B 150 -14.24 13.68 39.36
N LEU B 151 -13.65 13.59 40.56
CA LEU B 151 -12.30 13.06 40.68
C LEU B 151 -12.26 11.57 40.38
N ILE B 152 -13.29 10.84 40.83
CA ILE B 152 -13.40 9.41 40.50
C ILE B 152 -13.61 9.22 38.99
N ALA B 153 -14.37 10.13 38.36
CA ALA B 153 -14.58 10.06 36.92
C ALA B 153 -13.30 10.37 36.15
N VAL B 154 -12.53 11.36 36.62
CA VAL B 154 -11.25 11.68 35.99
C VAL B 154 -10.27 10.52 36.12
N VAL B 155 -10.22 9.86 37.27
CA VAL B 155 -9.25 8.77 37.40
C VAL B 155 -9.72 7.50 36.67
N LEU B 156 -11.04 7.28 36.53
CA LEU B 156 -11.51 6.16 35.72
C LEU B 156 -11.28 6.40 34.24
N THR B 157 -11.53 7.63 33.75
CA THR B 157 -11.20 7.94 32.36
C THR B 157 -9.70 8.03 32.14
N ALA B 158 -8.91 8.31 33.18
CA ALA B 158 -7.46 8.23 33.04
C ALA B 158 -7.00 6.79 32.90
N GLY B 159 -7.64 5.87 33.63
CA GLY B 159 -7.38 4.45 33.40
C GLY B 159 -7.80 3.99 32.03
N THR B 160 -8.95 4.47 31.56
CA THR B 160 -9.42 4.14 30.21
C THR B 160 -8.49 4.70 29.14
N ALA B 161 -8.01 5.93 29.34
CA ALA B 161 -7.04 6.52 28.42
C ALA B 161 -5.70 5.81 28.46
N PHE B 162 -5.29 5.34 29.64
CA PHE B 162 -4.05 4.58 29.75
C PHE B 162 -4.16 3.24 29.05
N LEU B 163 -5.30 2.55 29.17
CA LEU B 163 -5.43 1.27 28.48
C LEU B 163 -5.63 1.43 26.98
N MET B 164 -6.24 2.53 26.53
CA MET B 164 -6.33 2.70 25.08
C MET B 164 -5.01 3.18 24.48
N TRP B 165 -4.21 3.93 25.25
CA TRP B 165 -2.85 4.23 24.80
C TRP B 165 -1.97 2.99 24.85
N LEU B 166 -2.25 2.09 25.80
CA LEU B 166 -1.61 0.78 25.82
C LEU B 166 -1.97 -0.02 24.58
N GLY B 167 -3.25 0.04 24.17
CA GLY B 167 -3.66 -0.60 22.93
C GLY B 167 -3.02 0.01 21.70
N GLU B 168 -2.83 1.34 21.71
CA GLU B 168 -2.15 2.02 20.62
C GLU B 168 -0.67 1.61 20.56
N GLN B 169 -0.04 1.38 21.71
CA GLN B 169 1.34 0.91 21.72
C GLN B 169 1.44 -0.54 21.23
N ILE B 170 0.52 -1.39 21.66
CA ILE B 170 0.62 -2.82 21.33
C ILE B 170 0.06 -3.12 19.94
N THR B 171 -0.65 -2.18 19.31
CA THR B 171 -1.03 -2.39 17.91
C THR B 171 0.04 -1.91 16.94
N ALA B 172 1.04 -1.17 17.41
CA ALA B 172 2.12 -0.66 16.57
C ALA B 172 3.42 -1.42 16.80
N LYS B 173 3.88 -1.50 18.05
CA LYS B 173 5.11 -2.22 18.35
C LYS B 173 4.86 -3.70 18.66
N GLY B 174 3.61 -4.10 18.87
CA GLY B 174 3.27 -5.47 19.23
C GLY B 174 2.74 -6.27 18.05
N VAL B 175 1.92 -7.27 18.36
CA VAL B 175 1.53 -8.27 17.37
C VAL B 175 0.37 -7.78 16.51
N GLY B 176 -0.80 -7.55 17.11
CA GLY B 176 -2.00 -7.43 16.30
C GLY B 176 -2.93 -6.29 16.62
N ASN B 177 -4.23 -6.58 16.72
CA ASN B 177 -5.22 -5.55 16.99
C ASN B 177 -5.15 -5.20 18.47
N GLY B 178 -4.70 -3.98 18.76
CA GLY B 178 -4.27 -3.66 20.11
C GLY B 178 -5.41 -3.54 21.09
N ILE B 179 -6.55 -3.03 20.66
CA ILE B 179 -7.74 -3.00 21.49
C ILE B 179 -8.24 -4.41 21.77
N SER B 180 -8.26 -5.25 20.73
CA SER B 180 -8.83 -6.58 20.85
C SER B 180 -7.97 -7.51 21.71
N ILE B 181 -6.65 -7.33 21.70
CA ILE B 181 -5.78 -8.18 22.52
C ILE B 181 -5.95 -7.86 24.00
N ILE B 182 -6.11 -6.59 24.36
CA ILE B 182 -6.29 -6.30 25.79
C ILE B 182 -7.72 -6.60 26.23
N ILE B 183 -8.70 -6.56 25.32
CA ILE B 183 -10.05 -7.01 25.67
C ILE B 183 -10.08 -8.52 25.89
N PHE B 184 -9.40 -9.28 25.01
CA PHE B 184 -9.07 -10.68 25.25
C PHE B 184 -8.46 -10.92 26.63
N ALA B 185 -7.45 -10.12 26.98
CA ALA B 185 -6.74 -10.27 28.26
C ALA B 185 -7.66 -9.99 29.44
N GLY B 186 -8.53 -8.99 29.32
CA GLY B 186 -9.45 -8.71 30.41
C GLY B 186 -10.55 -9.74 30.52
N ILE B 187 -10.99 -10.30 29.39
CA ILE B 187 -12.15 -11.19 29.44
C ILE B 187 -11.75 -12.61 29.81
N VAL B 188 -10.48 -12.99 29.65
CA VAL B 188 -10.08 -14.35 30.03
C VAL B 188 -9.36 -14.38 31.37
N SER B 189 -9.19 -13.23 32.01
CA SER B 189 -8.52 -13.16 33.32
C SER B 189 -9.39 -13.62 34.48
N GLY B 190 -10.65 -13.98 34.24
CA GLY B 190 -11.53 -14.41 35.32
C GLY B 190 -11.73 -15.91 35.37
N ILE B 191 -11.48 -16.58 34.26
CA ILE B 191 -11.53 -18.04 34.21
C ILE B 191 -10.49 -18.73 35.10
N PRO B 192 -9.31 -18.17 35.50
CA PRO B 192 -8.59 -18.83 36.60
C PRO B 192 -9.31 -18.77 37.93
N THR B 193 -10.05 -17.68 38.21
CA THR B 193 -10.87 -17.63 39.43
C THR B 193 -12.02 -18.63 39.33
N ILE B 194 -12.59 -18.81 38.14
CA ILE B 194 -13.65 -19.80 37.95
C ILE B 194 -13.12 -21.22 38.13
N LEU B 195 -11.92 -21.52 37.62
CA LEU B 195 -11.40 -22.87 37.79
C LEU B 195 -10.81 -23.09 39.19
N ASN B 196 -10.53 -22.01 39.93
CA ASN B 196 -10.23 -22.18 41.34
C ASN B 196 -11.51 -22.43 42.13
N GLN B 197 -12.63 -21.87 41.68
CA GLN B 197 -13.90 -22.03 42.35
C GLN B 197 -14.57 -23.37 42.06
N ILE B 198 -14.24 -24.00 40.92
CA ILE B 198 -14.98 -25.19 40.48
C ILE B 198 -14.70 -26.39 41.39
N TYR B 199 -13.47 -26.52 41.91
CA TYR B 199 -13.19 -27.62 42.82
C TYR B 199 -13.32 -27.21 44.27
N ALA B 200 -13.36 -25.89 44.55
CA ALA B 200 -13.74 -25.45 45.88
C ALA B 200 -15.23 -25.64 46.13
N GLN B 201 -16.02 -25.69 45.06
CA GLN B 201 -17.46 -25.97 45.19
C GLN B 201 -17.79 -27.42 44.87
N GLN B 202 -16.96 -28.07 44.06
CA GLN B 202 -17.20 -29.46 43.71
C GLN B 202 -17.26 -30.26 45.01
N PHE B 203 -16.16 -30.21 45.76
CA PHE B 203 -16.04 -30.87 47.07
C PHE B 203 -14.86 -30.28 47.83
N LEU B 212 -21.31 -36.10 39.33
CA LEU B 212 -20.70 -34.79 39.51
C LEU B 212 -19.24 -34.93 39.93
N ARG B 213 -18.83 -36.15 40.26
CA ARG B 213 -17.47 -36.36 40.70
C ARG B 213 -16.49 -35.96 39.62
N ILE B 214 -16.78 -36.38 38.39
CA ILE B 214 -15.90 -36.08 37.27
C ILE B 214 -16.61 -36.24 35.95
N VAL B 215 -17.51 -37.22 35.88
CA VAL B 215 -18.26 -37.46 34.65
C VAL B 215 -18.97 -36.20 34.18
N ARG B 216 -19.59 -35.47 35.11
CA ARG B 216 -20.25 -34.21 34.77
C ARG B 216 -19.24 -33.15 34.34
N LEU B 217 -18.06 -33.14 34.96
CA LEU B 217 -17.06 -32.13 34.59
C LEU B 217 -16.44 -32.44 33.23
N LEU B 218 -16.24 -33.72 32.91
CA LEU B 218 -15.79 -34.06 31.56
C LEU B 218 -16.87 -33.82 30.52
N LEU B 219 -18.14 -33.98 30.88
CA LEU B 219 -19.23 -33.64 29.96
C LEU B 219 -19.29 -32.14 29.71
N VAL B 220 -19.07 -31.33 30.75
CA VAL B 220 -19.01 -29.87 30.59
C VAL B 220 -17.84 -29.47 29.72
N ALA B 221 -16.67 -30.10 29.92
CA ALA B 221 -15.50 -29.78 29.09
C ALA B 221 -15.70 -30.21 27.64
N LEU B 222 -16.39 -31.33 27.43
CA LEU B 222 -16.72 -31.78 26.09
C LEU B 222 -17.68 -30.82 25.40
N ALA B 223 -18.66 -30.30 26.15
CA ALA B 223 -19.58 -29.34 25.56
C ALA B 223 -18.92 -27.99 25.30
N VAL B 224 -17.92 -27.61 26.10
CA VAL B 224 -17.17 -26.39 25.84
C VAL B 224 -16.32 -26.53 24.58
N VAL B 225 -15.64 -27.68 24.41
CA VAL B 225 -14.87 -27.88 23.20
C VAL B 225 -15.78 -27.98 21.98
N ALA B 226 -16.99 -28.56 22.15
CA ALA B 226 -17.92 -28.66 21.03
C ALA B 226 -18.50 -27.30 20.65
N VAL B 227 -18.72 -26.41 21.62
CA VAL B 227 -19.24 -25.09 21.25
C VAL B 227 -18.12 -24.21 20.72
N ILE B 228 -16.85 -24.48 21.07
CA ILE B 228 -15.75 -23.77 20.42
C ILE B 228 -15.59 -24.22 18.97
N VAL B 229 -15.80 -25.51 18.71
CA VAL B 229 -15.83 -25.99 17.32
C VAL B 229 -16.99 -25.36 16.55
N GLY B 230 -18.15 -25.22 17.20
CA GLY B 230 -19.28 -24.57 16.56
C GLY B 230 -19.04 -23.10 16.25
N VAL B 231 -18.40 -22.37 17.18
CA VAL B 231 -18.20 -20.94 16.95
C VAL B 231 -17.10 -20.71 15.92
N ILE B 232 -16.10 -21.60 15.81
CA ILE B 232 -15.13 -21.36 14.75
C ILE B 232 -15.67 -21.79 13.39
N TYR B 233 -16.54 -22.80 13.36
CA TYR B 233 -17.13 -23.23 12.10
C TYR B 233 -18.12 -22.21 11.57
N ILE B 234 -18.81 -21.49 12.46
CA ILE B 234 -19.67 -20.40 11.99
C ILE B 234 -18.85 -19.16 11.67
N GLN B 235 -17.91 -18.78 12.55
CA GLN B 235 -17.20 -17.51 12.41
C GLN B 235 -16.26 -17.50 11.20
N GLN B 236 -15.43 -18.52 11.04
CA GLN B 236 -14.46 -18.51 9.94
C GLN B 236 -15.05 -19.07 8.65
N ALA B 237 -16.19 -18.54 8.23
CA ALA B 237 -16.93 -19.08 7.09
C ALA B 237 -17.35 -17.91 6.20
N PHE B 238 -16.81 -17.84 4.99
CA PHE B 238 -17.03 -16.73 4.09
C PHE B 238 -17.84 -17.21 2.89
N ARG B 239 -18.61 -16.28 2.31
CA ARG B 239 -19.34 -16.56 1.07
C ARG B 239 -18.69 -15.74 -0.02
N LYS B 240 -18.10 -16.43 -1.00
CA LYS B 240 -17.25 -15.82 -2.01
C LYS B 240 -18.11 -15.47 -3.22
N ILE B 241 -18.41 -14.18 -3.39
CA ILE B 241 -19.02 -13.72 -4.63
C ILE B 241 -17.90 -13.42 -5.62
N PRO B 242 -17.83 -14.11 -6.74
CA PRO B 242 -16.73 -13.88 -7.69
C PRO B 242 -16.96 -12.64 -8.51
N ILE B 243 -16.17 -11.60 -8.24
CA ILE B 243 -16.24 -10.38 -9.04
C ILE B 243 -15.16 -10.47 -10.11
N GLN B 244 -15.46 -9.92 -11.27
CA GLN B 244 -14.55 -10.00 -12.41
C GLN B 244 -14.29 -8.60 -12.93
N TYR B 245 -13.08 -8.11 -12.74
CA TYR B 245 -12.69 -6.88 -13.41
C TYR B 245 -12.61 -7.10 -14.91
N ALA B 246 -13.07 -6.11 -15.66
CA ALA B 246 -13.12 -6.22 -17.11
C ALA B 246 -11.77 -6.05 -17.76
N LYS B 247 -10.75 -5.63 -17.00
CA LYS B 247 -9.47 -5.24 -17.56
C LYS B 247 -8.60 -6.44 -17.91
N ARG B 248 -9.11 -7.37 -18.70
CA ARG B 248 -8.31 -8.43 -19.29
C ARG B 248 -8.56 -8.47 -20.79
N LEU B 249 -7.50 -8.68 -21.56
CA LEU B 249 -7.62 -8.97 -22.98
C LEU B 249 -7.66 -10.49 -23.10
N GLU B 250 -8.86 -11.04 -23.30
CA GLU B 250 -9.03 -12.49 -23.32
C GLU B 250 -8.41 -13.14 -24.56
N GLY B 251 -8.23 -12.39 -25.65
CA GLY B 251 -7.53 -12.87 -26.82
C GLY B 251 -6.03 -12.79 -26.75
N ARG B 252 -5.48 -12.52 -25.57
CA ARG B 252 -4.03 -12.39 -25.38
C ARG B 252 -3.43 -13.62 -24.72
N ASN B 253 -4.05 -14.11 -23.65
CA ASN B 253 -3.53 -15.17 -22.80
C ASN B 253 -4.58 -16.23 -22.54
N PRO B 254 -4.18 -17.42 -22.04
CA PRO B 254 -5.18 -18.34 -21.45
C PRO B 254 -5.80 -17.82 -20.17
N VAL B 255 -6.76 -18.58 -19.62
CA VAL B 255 -7.58 -18.12 -18.51
C VAL B 255 -6.73 -17.97 -17.24
N GLY B 256 -6.95 -16.87 -16.53
CA GLY B 256 -6.13 -16.53 -15.39
C GLY B 256 -6.83 -16.55 -14.04
N GLY B 257 -7.17 -15.37 -13.54
CA GLY B 257 -7.59 -15.19 -12.18
C GLY B 257 -8.95 -15.73 -11.78
N HIS B 258 -8.94 -16.80 -10.98
CA HIS B 258 -10.06 -17.16 -10.13
C HIS B 258 -9.87 -16.63 -8.72
N SER B 259 -8.75 -15.97 -8.46
CA SER B 259 -8.35 -15.57 -7.12
C SER B 259 -8.90 -14.22 -6.70
N THR B 260 -9.78 -13.63 -7.50
CA THR B 260 -10.44 -12.38 -7.14
C THR B 260 -11.92 -12.65 -6.87
N HIS B 261 -12.39 -12.18 -5.71
CA HIS B 261 -13.74 -12.46 -5.23
C HIS B 261 -14.08 -11.46 -4.14
N LEU B 262 -15.33 -11.51 -3.69
CA LEU B 262 -15.83 -10.64 -2.63
C LEU B 262 -16.22 -11.49 -1.43
N PRO B 263 -15.45 -11.48 -0.34
CA PRO B 263 -15.76 -12.36 0.79
C PRO B 263 -16.79 -11.73 1.73
N LEU B 264 -17.93 -12.39 1.87
CA LEU B 264 -18.95 -11.97 2.81
C LEU B 264 -19.07 -12.99 3.93
N LYS B 265 -19.08 -12.50 5.17
CA LYS B 265 -19.13 -13.37 6.33
C LYS B 265 -20.54 -13.94 6.51
N VAL B 266 -20.63 -14.94 7.37
CA VAL B 266 -21.94 -15.45 7.77
C VAL B 266 -22.52 -14.57 8.86
N ASN B 267 -21.71 -14.21 9.85
CA ASN B 267 -22.06 -13.24 10.88
C ASN B 267 -21.25 -11.98 10.63
N PRO B 268 -21.77 -10.99 9.89
CA PRO B 268 -20.99 -9.78 9.67
C PRO B 268 -20.94 -8.87 10.89
N ALA B 269 -21.93 -8.98 11.78
CA ALA B 269 -22.14 -7.96 12.81
C ALA B 269 -21.08 -8.04 13.91
N GLY B 270 -20.91 -9.22 14.50
CA GLY B 270 -19.95 -9.37 15.58
C GLY B 270 -20.61 -9.64 16.92
N VAL B 271 -20.20 -8.91 17.96
CA VAL B 271 -20.87 -8.96 19.26
C VAL B 271 -21.66 -7.70 19.53
N ILE B 272 -21.67 -6.76 18.58
CA ILE B 272 -22.39 -5.50 18.77
C ILE B 272 -23.89 -5.67 18.92
N PRO B 273 -24.59 -6.57 18.20
CA PRO B 273 -26.01 -6.81 18.57
C PRO B 273 -26.23 -7.41 19.95
N VAL B 274 -25.32 -8.25 20.44
CA VAL B 274 -25.45 -8.77 21.80
C VAL B 274 -25.28 -7.66 22.82
N ILE B 275 -24.36 -6.73 22.55
CA ILE B 275 -24.19 -5.58 23.44
C ILE B 275 -25.37 -4.63 23.34
N PHE B 276 -25.98 -4.52 22.15
CA PHE B 276 -27.23 -3.78 22.01
C PHE B 276 -28.35 -4.40 22.86
N ALA B 277 -28.46 -5.73 22.86
CA ALA B 277 -29.52 -6.35 23.63
C ALA B 277 -29.29 -6.23 25.13
N VAL B 278 -28.02 -6.27 25.55
CA VAL B 278 -27.67 -5.98 26.94
C VAL B 278 -28.06 -4.56 27.31
N SER B 279 -27.77 -3.60 26.44
CA SER B 279 -28.11 -2.19 26.70
C SER B 279 -29.61 -1.96 26.76
N PHE B 280 -30.35 -2.48 25.79
CA PHE B 280 -31.78 -2.25 25.70
C PHE B 280 -32.60 -3.24 26.53
N LEU B 281 -31.98 -4.12 27.31
CA LEU B 281 -32.71 -4.78 28.37
C LEU B 281 -32.21 -4.44 29.77
N ILE B 282 -31.13 -3.66 29.91
CA ILE B 282 -30.78 -3.07 31.19
C ILE B 282 -31.27 -1.62 31.31
N ALA B 283 -31.62 -0.98 30.20
CA ALA B 283 -32.23 0.35 30.28
C ALA B 283 -33.65 0.41 30.87
N PRO B 284 -34.58 -0.54 30.64
CA PRO B 284 -35.88 -0.49 31.37
C PRO B 284 -35.78 -0.77 32.87
N PRO B 285 -34.79 -1.50 33.40
CA PRO B 285 -34.59 -1.47 34.87
C PRO B 285 -34.22 -0.11 35.48
N THR B 286 -33.96 0.94 34.71
CA THR B 286 -33.87 2.26 35.36
C THR B 286 -35.26 2.82 35.68
N ILE B 287 -36.19 2.67 34.73
CA ILE B 287 -37.60 2.95 34.96
C ILE B 287 -38.14 2.04 36.06
N ALA B 288 -37.61 0.82 36.16
CA ALA B 288 -37.89 0.01 37.33
C ALA B 288 -37.17 0.50 38.59
N SER B 289 -36.09 1.28 38.45
CA SER B 289 -35.50 1.94 39.60
C SER B 289 -36.04 3.35 39.80
N PHE B 290 -37.25 3.63 39.29
CA PHE B 290 -38.10 4.67 39.88
C PHE B 290 -38.17 4.55 41.39
N PHE B 291 -38.27 5.71 42.05
CA PHE B 291 -38.48 5.74 43.49
C PHE B 291 -39.88 5.26 43.90
N GLY B 292 -40.82 5.17 42.96
CA GLY B 292 -42.18 4.76 43.29
C GLY B 292 -42.31 3.29 43.63
N THR B 293 -41.49 2.44 42.99
CA THR B 293 -41.47 0.96 43.06
C THR B 293 -42.88 0.33 43.14
N ASN B 294 -43.72 0.72 42.18
CA ASN B 294 -45.12 0.30 42.14
C ASN B 294 -45.26 -1.15 41.70
N ASP B 295 -46.51 -1.61 41.64
CA ASP B 295 -46.77 -2.97 41.14
C ASP B 295 -46.51 -3.07 39.65
N VAL B 296 -46.79 -2.00 38.90
CA VAL B 296 -46.44 -1.97 37.48
C VAL B 296 -44.92 -1.92 37.31
N THR B 297 -44.21 -1.33 38.27
CA THR B 297 -42.75 -1.33 38.26
C THR B 297 -42.18 -2.73 38.46
N LEU B 298 -42.69 -3.46 39.45
CA LEU B 298 -42.25 -4.84 39.64
C LEU B 298 -42.70 -5.75 38.50
N TRP B 299 -43.83 -5.45 37.85
CA TRP B 299 -44.26 -6.28 36.73
C TRP B 299 -43.41 -6.02 35.50
N ILE B 300 -43.03 -4.77 35.25
CA ILE B 300 -42.21 -4.49 34.08
C ILE B 300 -40.76 -4.94 34.33
N ARG B 301 -40.33 -5.00 35.60
CA ARG B 301 -39.02 -5.57 35.90
C ARG B 301 -39.07 -7.10 35.82
N ARG B 302 -40.25 -7.69 36.06
CA ARG B 302 -40.39 -9.14 35.93
C ARG B 302 -40.53 -9.54 34.46
N THR B 303 -41.00 -8.63 33.60
CA THR B 303 -41.04 -8.95 32.18
C THR B 303 -39.73 -8.64 31.46
N PHE B 304 -39.02 -7.59 31.85
CA PHE B 304 -37.74 -7.27 31.21
C PHE B 304 -36.58 -7.79 32.05
N ASP B 305 -36.47 -9.12 32.09
CA ASP B 305 -35.29 -9.79 32.63
C ASP B 305 -35.19 -11.14 31.92
N TYR B 306 -34.00 -11.47 31.42
CA TYR B 306 -33.84 -12.51 30.43
C TYR B 306 -33.28 -13.82 31.00
N THR B 307 -33.41 -14.04 32.30
CA THR B 307 -33.06 -15.33 32.88
C THR B 307 -34.25 -16.28 32.94
N HIS B 308 -35.33 -15.95 32.23
CA HIS B 308 -36.62 -16.61 32.32
C HIS B 308 -37.49 -16.10 31.15
N PRO B 309 -38.31 -16.98 30.54
CA PRO B 309 -38.62 -16.86 29.09
C PRO B 309 -39.24 -15.55 28.59
N VAL B 310 -39.88 -14.79 29.47
CA VAL B 310 -40.56 -13.55 29.07
C VAL B 310 -39.55 -12.50 28.63
N GLY B 311 -38.36 -12.50 29.22
CA GLY B 311 -37.30 -11.64 28.75
C GLY B 311 -36.42 -12.33 27.74
N MET B 312 -36.44 -13.67 27.75
CA MET B 312 -35.60 -14.45 26.84
C MET B 312 -36.03 -14.27 25.38
N THR B 313 -37.34 -14.30 25.14
CA THR B 313 -37.82 -14.14 23.77
C THR B 313 -37.60 -12.72 23.26
N ILE B 314 -37.71 -11.73 24.15
CA ILE B 314 -37.42 -10.35 23.78
C ILE B 314 -35.93 -10.19 23.46
N TYR B 315 -35.08 -10.88 24.22
CA TYR B 315 -33.64 -10.85 23.99
C TYR B 315 -33.27 -11.46 22.65
N VAL B 316 -33.90 -12.60 22.31
CA VAL B 316 -33.62 -13.27 21.04
C VAL B 316 -34.08 -12.43 19.85
N VAL B 317 -35.32 -11.92 19.90
CA VAL B 317 -35.86 -11.16 18.78
C VAL B 317 -35.13 -9.83 18.62
N LEU B 318 -34.66 -9.25 19.73
CA LEU B 318 -33.96 -7.98 19.61
C LEU B 318 -32.52 -8.18 19.12
N ILE B 319 -31.90 -9.32 19.46
CA ILE B 319 -30.62 -9.69 18.84
C ILE B 319 -30.77 -9.84 17.33
N ILE B 320 -31.83 -10.53 16.88
CA ILE B 320 -32.01 -10.76 15.45
C ILE B 320 -32.25 -9.45 14.69
N ALA B 321 -33.07 -8.56 15.27
CA ALA B 321 -33.34 -7.26 14.67
C ALA B 321 -32.08 -6.42 14.58
N PHE B 322 -31.24 -6.43 15.61
CA PHE B 322 -30.06 -5.58 15.51
C PHE B 322 -28.89 -6.24 14.81
N THR B 323 -28.92 -7.56 14.57
CA THR B 323 -28.00 -8.15 13.60
C THR B 323 -28.31 -7.67 12.20
N TYR B 324 -29.59 -7.71 11.80
CA TYR B 324 -29.98 -7.15 10.51
C TYR B 324 -29.59 -5.68 10.39
N PHE B 325 -29.77 -4.92 11.48
CA PHE B 325 -29.46 -3.50 11.43
C PHE B 325 -27.96 -3.25 11.31
N TYR B 326 -27.12 -3.96 12.06
CA TYR B 326 -25.72 -3.60 12.03
C TYR B 326 -24.98 -4.25 10.86
N ALA B 327 -25.50 -5.36 10.34
CA ALA B 327 -25.08 -5.83 9.02
C ALA B 327 -25.31 -4.78 7.95
N PHE B 328 -26.56 -4.31 7.82
CA PHE B 328 -26.83 -3.30 6.80
C PHE B 328 -26.20 -1.94 7.08
N VAL B 329 -25.67 -1.71 8.28
CA VAL B 329 -24.81 -0.54 8.47
C VAL B 329 -23.42 -0.79 7.91
N GLN B 330 -22.73 -1.83 8.37
CA GLN B 330 -21.30 -1.85 8.06
C GLN B 330 -20.94 -2.55 6.75
N VAL B 331 -21.83 -3.35 6.17
CA VAL B 331 -21.53 -3.97 4.87
C VAL B 331 -22.62 -3.55 3.89
N ASN B 332 -23.03 -2.27 4.02
CA ASN B 332 -24.08 -1.59 3.26
C ASN B 332 -23.99 -1.81 1.75
N PRO B 333 -25.04 -2.37 1.13
CA PRO B 333 -24.92 -2.79 -0.28
C PRO B 333 -24.84 -1.65 -1.29
N GLU B 334 -25.40 -0.47 -1.00
CA GLU B 334 -25.39 0.59 -2.02
C GLU B 334 -24.01 1.23 -2.15
N GLN B 335 -23.35 1.47 -1.01
CA GLN B 335 -22.00 2.03 -1.05
C GLN B 335 -21.02 1.07 -1.70
N MET B 336 -21.19 -0.23 -1.47
CA MET B 336 -20.31 -1.22 -2.07
C MET B 336 -20.58 -1.37 -3.57
N ALA B 337 -21.85 -1.36 -3.96
CA ALA B 337 -22.17 -1.43 -5.38
C ALA B 337 -21.70 -0.20 -6.14
N ASP B 338 -21.70 0.97 -5.48
CA ASP B 338 -21.11 2.14 -6.12
C ASP B 338 -19.59 2.05 -6.17
N ASN B 339 -18.96 1.46 -5.15
CA ASN B 339 -17.50 1.30 -5.19
C ASN B 339 -17.06 0.30 -6.24
N LEU B 340 -17.90 -0.71 -6.54
CA LEU B 340 -17.61 -1.61 -7.65
C LEU B 340 -18.04 -1.05 -9.00
N LYS B 341 -18.94 -0.07 -9.03
CA LYS B 341 -19.25 0.55 -10.31
C LYS B 341 -18.19 1.56 -10.72
N LYS B 342 -17.75 2.42 -9.79
CA LYS B 342 -16.82 3.50 -10.10
C LYS B 342 -15.45 3.00 -10.55
N GLN B 343 -14.71 2.36 -9.66
CA GLN B 343 -13.34 1.94 -9.93
C GLN B 343 -13.32 0.42 -10.08
N GLY B 344 -13.52 -0.04 -11.31
CA GLY B 344 -13.29 -1.44 -11.57
C GLY B 344 -14.37 -2.17 -12.33
N GLY B 345 -14.92 -3.21 -11.71
CA GLY B 345 -15.66 -4.18 -12.48
C GLY B 345 -16.79 -4.80 -11.70
N TYR B 346 -17.28 -5.89 -12.27
CA TYR B 346 -18.66 -6.33 -12.11
C TYR B 346 -18.77 -7.75 -11.58
N ILE B 347 -20.00 -8.26 -11.55
CA ILE B 347 -20.28 -9.66 -11.24
C ILE B 347 -20.76 -10.26 -12.56
N PRO B 348 -20.30 -11.46 -12.93
CA PRO B 348 -20.70 -12.05 -14.23
C PRO B 348 -22.19 -12.33 -14.32
N GLY B 349 -22.83 -11.67 -15.29
CA GLY B 349 -24.24 -11.81 -15.53
C GLY B 349 -25.09 -10.67 -15.03
N ILE B 350 -24.51 -9.76 -14.24
CA ILE B 350 -25.26 -8.77 -13.47
C ILE B 350 -24.68 -7.38 -13.73
N ARG B 351 -25.56 -6.44 -14.09
CA ARG B 351 -25.13 -5.09 -14.45
C ARG B 351 -24.62 -4.35 -13.23
N PRO B 352 -23.61 -3.48 -13.39
CA PRO B 352 -22.93 -2.92 -12.22
C PRO B 352 -23.63 -1.75 -11.55
N GLY B 353 -24.92 -1.57 -11.79
CA GLY B 353 -25.63 -0.44 -11.20
C GLY B 353 -26.42 -0.80 -9.96
N LYS B 354 -27.73 -0.99 -10.12
CA LYS B 354 -28.59 -1.33 -9.01
C LYS B 354 -28.88 -2.82 -8.96
N ASN B 355 -28.64 -3.54 -10.06
CA ASN B 355 -28.84 -4.98 -10.08
C ASN B 355 -27.86 -5.70 -9.16
N THR B 356 -26.61 -5.23 -9.11
CA THR B 356 -25.63 -5.83 -8.21
C THR B 356 -25.97 -5.53 -6.74
N GLN B 357 -26.57 -4.37 -6.46
CA GLN B 357 -26.97 -4.04 -5.11
C GLN B 357 -28.15 -4.88 -4.67
N GLU B 358 -29.10 -5.14 -5.58
CA GLU B 358 -30.21 -6.03 -5.26
C GLU B 358 -29.73 -7.46 -5.04
N TYR B 359 -28.76 -7.90 -5.85
CA TYR B 359 -28.18 -9.25 -5.71
C TYR B 359 -27.49 -9.43 -4.37
N VAL B 360 -26.64 -8.47 -3.99
CA VAL B 360 -25.96 -8.64 -2.71
C VAL B 360 -26.90 -8.35 -1.52
N THR B 361 -27.98 -7.60 -1.71
CA THR B 361 -28.99 -7.49 -0.65
C THR B 361 -29.69 -8.82 -0.43
N ARG B 362 -29.95 -9.56 -1.51
CA ARG B 362 -30.46 -10.93 -1.38
C ARG B 362 -29.46 -11.83 -0.64
N ILE B 363 -28.16 -11.69 -0.96
CA ILE B 363 -27.13 -12.50 -0.31
C ILE B 363 -27.05 -12.21 1.20
N LEU B 364 -27.11 -10.93 1.58
CA LEU B 364 -27.10 -10.58 3.00
C LEU B 364 -28.39 -10.98 3.72
N TYR B 365 -29.54 -10.95 3.03
CA TYR B 365 -30.76 -11.54 3.58
C TYR B 365 -30.58 -13.01 3.90
N ARG B 366 -29.85 -13.74 3.06
CA ARG B 366 -29.69 -15.17 3.32
C ARG B 366 -28.55 -15.49 4.29
N LEU B 367 -27.61 -14.58 4.51
CA LEU B 367 -26.52 -14.86 5.43
C LEU B 367 -26.76 -14.35 6.85
N THR B 368 -27.35 -13.16 6.99
CA THR B 368 -27.47 -12.58 8.31
C THR B 368 -28.60 -13.23 9.13
N LEU B 369 -29.47 -14.02 8.48
CA LEU B 369 -30.41 -14.86 9.23
C LEU B 369 -29.67 -15.91 10.04
N VAL B 370 -28.70 -16.59 9.41
CA VAL B 370 -27.90 -17.59 10.12
C VAL B 370 -27.00 -16.93 11.15
N GLY B 371 -26.45 -15.74 10.82
CA GLY B 371 -25.69 -15.01 11.82
C GLY B 371 -26.53 -14.56 13.01
N SER B 372 -27.79 -14.25 12.76
CA SER B 372 -28.72 -13.82 13.80
C SER B 372 -29.06 -14.97 14.74
N LEU B 373 -29.46 -16.11 14.15
CA LEU B 373 -29.74 -17.31 14.93
C LEU B 373 -28.52 -17.76 15.72
N PHE B 374 -27.33 -17.61 15.14
CA PHE B 374 -26.10 -17.96 15.83
C PHE B 374 -25.85 -17.08 17.05
N LEU B 375 -25.99 -15.76 16.89
CA LEU B 375 -25.78 -14.88 18.04
C LEU B 375 -26.84 -15.07 19.11
N ALA B 376 -28.08 -15.35 18.70
CA ALA B 376 -29.14 -15.61 19.68
C ALA B 376 -28.87 -16.88 20.47
N PHE B 377 -28.52 -17.97 19.76
CA PHE B 377 -28.22 -19.25 20.40
C PHE B 377 -27.02 -19.14 21.34
N ILE B 378 -25.91 -18.58 20.87
CA ILE B 378 -24.73 -18.52 21.71
C ILE B 378 -24.88 -17.48 22.84
N ALA B 379 -25.75 -16.48 22.67
CA ALA B 379 -25.98 -15.54 23.75
C ALA B 379 -26.97 -16.08 24.79
N VAL B 380 -27.75 -17.10 24.45
CA VAL B 380 -28.63 -17.71 25.46
C VAL B 380 -28.07 -19.00 26.03
N LEU B 381 -26.94 -19.50 25.51
CA LEU B 381 -26.23 -20.59 26.19
C LEU B 381 -25.86 -20.40 27.67
N PRO B 382 -25.44 -19.23 28.19
CA PRO B 382 -25.06 -19.22 29.63
C PRO B 382 -26.23 -19.45 30.58
N VAL B 383 -27.39 -18.87 30.31
CA VAL B 383 -28.56 -19.07 31.15
C VAL B 383 -29.03 -20.52 31.07
N PHE B 384 -29.14 -21.07 29.85
CA PHE B 384 -29.52 -22.46 29.67
C PHE B 384 -28.35 -23.43 29.83
N PHE B 385 -27.23 -22.98 30.39
CA PHE B 385 -26.10 -23.84 30.68
C PHE B 385 -25.88 -23.97 32.18
N VAL B 386 -25.97 -22.85 32.91
CA VAL B 386 -25.73 -22.90 34.36
C VAL B 386 -26.92 -23.57 35.07
N ASN B 387 -28.07 -23.63 34.40
CA ASN B 387 -29.21 -24.37 34.93
C ASN B 387 -28.98 -25.87 34.86
N PHE B 388 -28.61 -26.37 33.68
CA PHE B 388 -28.39 -27.82 33.52
C PHE B 388 -27.03 -28.27 34.04
N ALA B 389 -26.16 -27.35 34.43
CA ALA B 389 -24.94 -27.68 35.16
C ALA B 389 -24.83 -26.74 36.34
N ASN B 390 -25.41 -27.15 37.48
CA ASN B 390 -25.46 -26.30 38.66
C ASN B 390 -24.08 -26.24 39.31
N LEU B 391 -23.22 -25.39 38.75
CA LEU B 391 -21.82 -25.16 39.09
C LEU B 391 -21.66 -23.66 38.78
N PRO B 392 -20.69 -22.94 39.37
CA PRO B 392 -20.98 -21.59 39.97
C PRO B 392 -21.62 -20.61 38.99
N PRO B 393 -22.54 -19.77 39.48
CA PRO B 393 -23.30 -18.90 38.57
C PRO B 393 -22.48 -17.76 37.98
N SER B 394 -21.29 -17.50 38.52
CA SER B 394 -20.41 -16.49 37.95
C SER B 394 -19.55 -17.02 36.81
N ALA B 395 -19.68 -18.30 36.45
CA ALA B 395 -18.92 -18.87 35.35
C ALA B 395 -19.39 -18.32 34.01
N GLN B 396 -18.44 -17.91 33.17
CA GLN B 396 -18.73 -17.25 31.91
C GLN B 396 -18.17 -18.05 30.73
N ILE B 397 -19.04 -18.82 30.10
CA ILE B 397 -18.81 -19.39 28.77
C ILE B 397 -20.05 -19.10 27.93
N GLY B 398 -19.84 -18.74 26.68
CA GLY B 398 -20.98 -18.47 25.83
C GLY B 398 -21.18 -16.97 25.60
N GLY B 399 -21.76 -16.64 24.46
CA GLY B 399 -22.04 -15.27 24.10
C GLY B 399 -20.80 -14.46 23.77
N THR B 400 -20.81 -13.21 24.24
CA THR B 400 -19.64 -12.33 24.14
C THR B 400 -18.40 -12.97 24.74
N SER B 401 -18.56 -13.57 25.93
CA SER B 401 -17.48 -14.23 26.67
C SER B 401 -16.77 -15.31 25.88
N LEU B 402 -17.45 -15.92 24.91
CA LEU B 402 -16.86 -16.93 24.05
C LEU B 402 -16.39 -16.37 22.71
N LEU B 403 -17.19 -15.51 22.06
CA LEU B 403 -16.82 -15.03 20.73
C LEU B 403 -15.60 -14.12 20.75
N ILE B 404 -15.45 -13.29 21.79
CA ILE B 404 -14.30 -12.38 21.84
C ILE B 404 -13.00 -13.16 21.98
N VAL B 405 -12.96 -14.11 22.93
CA VAL B 405 -11.75 -14.88 23.18
C VAL B 405 -11.41 -15.77 21.98
N VAL B 406 -12.42 -16.37 21.32
CA VAL B 406 -12.08 -17.27 20.23
C VAL B 406 -11.66 -16.50 18.98
N GLY B 407 -12.30 -15.35 18.71
CA GLY B 407 -11.97 -14.60 17.52
C GLY B 407 -10.62 -13.93 17.62
N VAL B 408 -10.33 -13.32 18.77
CA VAL B 408 -9.03 -12.67 18.93
C VAL B 408 -7.91 -13.71 19.02
N ALA B 409 -8.20 -14.86 19.66
CA ALA B 409 -7.19 -15.90 19.84
C ALA B 409 -6.75 -16.51 18.50
N LEU B 410 -7.70 -16.79 17.61
CA LEU B 410 -7.21 -17.36 16.35
C LEU B 410 -6.88 -16.29 15.31
N GLU B 411 -7.37 -15.06 15.46
CA GLU B 411 -6.93 -14.00 14.56
C GLU B 411 -5.49 -13.62 14.83
N THR B 412 -5.04 -13.75 16.09
CA THR B 412 -3.64 -13.45 16.40
C THR B 412 -2.70 -14.49 15.78
N MET B 413 -3.08 -15.77 15.77
CA MET B 413 -2.22 -16.75 15.13
C MET B 413 -2.31 -16.68 13.61
N LYS B 414 -3.47 -16.30 13.05
CA LYS B 414 -3.51 -16.06 11.60
C LYS B 414 -2.75 -14.82 11.21
N GLN B 415 -2.52 -13.89 12.13
CA GLN B 415 -1.64 -12.77 11.80
C GLN B 415 -0.18 -13.17 11.93
N LEU B 416 0.15 -14.02 12.92
CA LEU B 416 1.55 -14.39 13.14
C LEU B 416 2.07 -15.43 12.15
N GLU B 417 1.23 -16.35 11.69
CA GLU B 417 1.70 -17.36 10.75
C GLU B 417 1.83 -16.85 9.32
N SER B 418 1.50 -15.59 9.07
CA SER B 418 1.75 -14.98 7.77
C SER B 418 3.14 -14.38 7.64
N GLN B 419 4.07 -14.75 8.50
CA GLN B 419 5.44 -14.29 8.41
C GLN B 419 6.39 -15.40 7.97
N LEU B 420 6.06 -16.64 8.30
CA LEU B 420 6.89 -17.77 7.88
C LEU B 420 6.80 -18.01 6.38
N VAL B 421 5.64 -17.70 5.78
CA VAL B 421 5.53 -17.75 4.33
C VAL B 421 6.28 -16.60 3.67
N LYS B 422 6.46 -15.47 4.37
CA LYS B 422 7.31 -14.40 3.87
C LYS B 422 8.77 -14.76 3.98
N ARG B 423 9.12 -15.59 4.96
CA ARG B 423 10.53 -15.79 5.33
C ARG B 423 11.31 -16.55 4.26
N HIS B 424 10.71 -17.59 3.67
CA HIS B 424 11.43 -18.45 2.73
C HIS B 424 10.74 -18.46 1.37
N TYR B 425 11.53 -18.27 0.32
CA TYR B 425 11.13 -18.58 -1.06
C TYR B 425 12.06 -19.69 -1.55
N ARG B 426 11.51 -20.89 -1.66
CA ARG B 426 12.28 -22.06 -2.06
C ARG B 426 12.15 -22.23 -3.57
N GLY B 427 13.21 -21.89 -4.30
CA GLY B 427 13.18 -21.92 -5.75
C GLY B 427 13.31 -23.32 -6.33
N PHE B 428 13.51 -23.36 -7.65
CA PHE B 428 13.54 -24.62 -8.37
C PHE B 428 14.90 -25.29 -8.38
N ILE B 429 15.95 -24.62 -7.90
CA ILE B 429 17.27 -25.26 -7.86
C ILE B 429 17.48 -25.90 -6.48
N LYS B 430 16.94 -25.26 -5.45
CA LYS B 430 17.10 -25.62 -4.03
C LYS B 430 18.56 -25.87 -3.61
N GLN C 2 -46.19 -19.78 -0.92
CA GLN C 2 -45.87 -19.09 0.33
C GLN C 2 -44.43 -18.60 0.30
N ARG C 3 -44.22 -17.37 0.78
CA ARG C 3 -42.88 -16.80 0.84
C ARG C 3 -41.98 -17.54 1.83
N VAL C 4 -42.56 -18.08 2.91
CA VAL C 4 -41.77 -18.65 3.98
C VAL C 4 -41.12 -19.96 3.56
N THR C 5 -41.86 -20.82 2.87
CA THR C 5 -41.35 -22.14 2.52
C THR C 5 -40.27 -22.06 1.43
N ASN C 6 -40.55 -21.36 0.35
CA ASN C 6 -39.53 -21.24 -0.69
C ASN C 6 -38.39 -20.31 -0.27
N PHE C 7 -38.63 -19.38 0.66
CA PHE C 7 -37.52 -18.62 1.23
C PHE C 7 -36.62 -19.50 2.08
N PHE C 8 -37.21 -20.46 2.80
CA PHE C 8 -36.41 -21.44 3.54
C PHE C 8 -35.60 -22.31 2.58
N LYS C 9 -36.20 -22.68 1.44
CA LYS C 9 -35.46 -23.42 0.42
C LYS C 9 -34.32 -22.58 -0.17
N GLU C 10 -34.57 -21.27 -0.33
CA GLU C 10 -33.54 -20.35 -0.79
C GLU C 10 -32.38 -20.24 0.19
N VAL C 11 -32.69 -20.16 1.48
CA VAL C 11 -31.64 -20.08 2.51
C VAL C 11 -30.84 -21.37 2.57
N VAL C 12 -31.52 -22.52 2.53
CA VAL C 12 -30.80 -23.78 2.65
C VAL C 12 -30.05 -24.11 1.35
N ARG C 13 -30.42 -23.48 0.22
CA ARG C 13 -29.62 -23.66 -0.98
C ARG C 13 -28.45 -22.68 -1.04
N GLU C 14 -28.60 -21.48 -0.46
CA GLU C 14 -27.49 -20.53 -0.44
C GLU C 14 -26.42 -20.93 0.58
N LEU C 15 -26.81 -21.56 1.68
CA LEU C 15 -25.84 -21.99 2.69
C LEU C 15 -24.94 -23.12 2.22
N LYS C 16 -25.26 -23.78 1.11
CA LYS C 16 -24.39 -24.77 0.51
C LYS C 16 -23.36 -24.16 -0.44
N LYS C 17 -23.23 -22.83 -0.46
CA LYS C 17 -22.23 -22.15 -1.27
C LYS C 17 -21.28 -21.31 -0.43
N VAL C 18 -21.42 -21.35 0.89
CA VAL C 18 -20.49 -20.68 1.79
C VAL C 18 -19.22 -21.53 1.87
N SER C 19 -18.06 -20.88 1.96
CA SER C 19 -16.79 -21.60 2.00
C SER C 19 -16.48 -21.96 3.45
N TRP C 20 -17.02 -23.10 3.86
CA TRP C 20 -16.85 -23.57 5.23
C TRP C 20 -15.42 -24.04 5.46
N PRO C 21 -14.94 -24.02 6.70
CA PRO C 21 -13.64 -24.64 7.00
C PRO C 21 -13.70 -26.15 6.82
N ASN C 22 -12.56 -26.72 6.42
CA ASN C 22 -12.43 -28.15 6.31
C ASN C 22 -12.16 -28.75 7.69
N ARG C 23 -12.19 -30.08 7.77
CA ARG C 23 -12.03 -30.75 9.06
C ARG C 23 -10.62 -30.57 9.63
N LYS C 24 -9.60 -30.61 8.76
CA LYS C 24 -8.23 -30.51 9.25
C LYS C 24 -7.89 -29.08 9.68
N GLU C 25 -8.38 -28.08 8.96
CA GLU C 25 -8.17 -26.70 9.39
C GLU C 25 -9.06 -26.37 10.59
N LEU C 26 -10.19 -27.07 10.72
CA LEU C 26 -11.06 -26.93 11.88
C LEU C 26 -10.37 -27.41 13.14
N VAL C 27 -9.76 -28.60 13.08
CA VAL C 27 -9.10 -29.13 14.27
C VAL C 27 -7.77 -28.40 14.52
N ASN C 28 -7.13 -27.87 13.47
CA ASN C 28 -5.98 -26.99 13.66
C ASN C 28 -6.37 -25.72 14.42
N TYR C 29 -7.50 -25.11 14.03
CA TYR C 29 -7.98 -23.92 14.73
C TYR C 29 -8.40 -24.23 16.16
N THR C 30 -9.03 -25.40 16.39
CA THR C 30 -9.44 -25.78 17.73
C THR C 30 -8.23 -26.02 18.63
N ALA C 31 -7.21 -26.69 18.10
CA ALA C 31 -5.97 -26.92 18.85
C ALA C 31 -5.27 -25.61 19.19
N VAL C 32 -5.20 -24.69 18.23
CA VAL C 32 -4.47 -23.46 18.52
C VAL C 32 -5.28 -22.54 19.43
N VAL C 33 -6.62 -22.59 19.39
CA VAL C 33 -7.36 -21.71 20.30
C VAL C 33 -7.36 -22.27 21.71
N LEU C 34 -7.37 -23.61 21.88
CA LEU C 34 -7.22 -24.16 23.21
C LEU C 34 -5.83 -23.95 23.76
N ALA C 35 -4.81 -23.99 22.89
CA ALA C 35 -3.44 -23.70 23.31
C ALA C 35 -3.29 -22.25 23.76
N THR C 36 -3.88 -21.31 23.01
CA THR C 36 -3.79 -19.91 23.40
C THR C 36 -4.57 -19.61 24.68
N VAL C 37 -5.76 -20.21 24.84
CA VAL C 37 -6.55 -19.90 26.03
C VAL C 37 -5.91 -20.53 27.27
N ALA C 38 -5.29 -21.72 27.12
CA ALA C 38 -4.61 -22.34 28.26
C ALA C 38 -3.32 -21.62 28.61
N PHE C 39 -2.56 -21.22 27.58
CA PHE C 39 -1.32 -20.47 27.79
C PHE C 39 -1.57 -19.14 28.47
N PHE C 40 -2.57 -18.39 28.01
CA PHE C 40 -2.85 -17.10 28.63
C PHE C 40 -3.53 -17.24 29.99
N THR C 41 -4.30 -18.31 30.24
CA THR C 41 -4.86 -18.42 31.58
C THR C 41 -3.82 -18.91 32.59
N VAL C 42 -2.81 -19.67 32.16
CA VAL C 42 -1.78 -20.01 33.15
C VAL C 42 -0.79 -18.87 33.30
N PHE C 43 -0.58 -18.06 32.25
CA PHE C 43 0.20 -16.83 32.39
C PHE C 43 -0.49 -15.87 33.35
N PHE C 44 -1.81 -15.75 33.25
CA PHE C 44 -2.55 -14.90 34.16
C PHE C 44 -2.61 -15.46 35.57
N ALA C 45 -2.63 -16.79 35.73
CA ALA C 45 -2.57 -17.37 37.07
C ALA C 45 -1.21 -17.14 37.72
N VAL C 46 -0.13 -17.27 36.95
CA VAL C 46 1.21 -17.00 37.47
C VAL C 46 1.38 -15.53 37.82
N ILE C 47 0.82 -14.62 37.01
CA ILE C 47 0.96 -13.22 37.38
C ILE C 47 0.02 -12.85 38.53
N ASP C 48 -1.10 -13.56 38.71
CA ASP C 48 -1.94 -13.40 39.89
C ASP C 48 -1.17 -13.75 41.15
N LEU C 49 -0.52 -14.92 41.13
CA LEU C 49 0.27 -15.36 42.29
C LEU C 49 1.46 -14.44 42.55
N GLY C 50 2.13 -14.00 41.49
CA GLY C 50 3.31 -13.16 41.67
C GLY C 50 2.99 -11.77 42.18
N ILE C 51 1.98 -11.12 41.59
CA ILE C 51 1.61 -9.79 42.07
C ILE C 51 0.94 -9.87 43.43
N SER C 52 0.25 -10.98 43.75
CA SER C 52 -0.31 -11.14 45.08
C SER C 52 0.78 -11.29 46.14
N GLN C 53 1.84 -12.05 45.83
CA GLN C 53 2.97 -12.11 46.75
C GLN C 53 3.71 -10.78 46.85
N LEU C 54 3.77 -10.01 45.76
CA LEU C 54 4.47 -8.73 45.81
C LEU C 54 3.69 -7.68 46.59
N ILE C 55 2.36 -7.69 46.48
CA ILE C 55 1.57 -6.77 47.30
C ILE C 55 1.43 -7.27 48.73
N ARG C 56 1.66 -8.57 48.97
CA ARG C 56 1.86 -9.03 50.34
C ARG C 56 3.16 -8.49 50.91
N LEU C 57 4.21 -8.43 50.06
CA LEU C 57 5.50 -7.92 50.51
C LEU C 57 5.46 -6.42 50.78
N VAL C 58 4.77 -5.65 49.92
CA VAL C 58 4.73 -4.20 50.13
C VAL C 58 3.63 -3.80 51.10
N PHE C 59 2.70 -4.71 51.40
CA PHE C 59 1.56 -4.52 52.32
C PHE C 59 0.69 -3.31 51.96
N ALA D 2 -34.58 6.19 6.71
CA ALA D 2 -33.80 7.03 5.81
C ALA D 2 -32.61 7.64 6.52
N LYS D 3 -32.64 8.96 6.73
CA LYS D 3 -31.57 9.62 7.46
C LYS D 3 -31.97 10.01 8.88
N LYS D 4 -33.16 10.60 9.07
CA LYS D 4 -33.62 10.94 10.42
C LYS D 4 -34.03 9.71 11.21
N THR D 5 -34.34 8.60 10.52
CA THR D 5 -34.56 7.33 11.20
C THR D 5 -33.27 6.86 11.87
N ALA D 6 -32.16 6.92 11.15
CA ALA D 6 -30.88 6.54 11.74
C ALA D 6 -30.42 7.55 12.78
N ILE D 7 -30.79 8.83 12.62
CA ILE D 7 -30.55 9.82 13.66
C ILE D 7 -31.27 9.46 14.94
N ALA D 8 -32.55 9.09 14.84
CA ALA D 8 -33.34 8.70 16.00
C ALA D 8 -32.82 7.42 16.64
N ILE D 9 -32.37 6.47 15.82
CA ILE D 9 -31.84 5.21 16.35
C ILE D 9 -30.52 5.44 17.07
N ALA D 10 -29.65 6.30 16.52
CA ALA D 10 -28.38 6.59 17.18
C ALA D 10 -28.57 7.39 18.46
N VAL D 11 -29.51 8.35 18.46
CA VAL D 11 -29.76 9.15 19.66
C VAL D 11 -30.38 8.29 20.76
N ALA D 12 -31.37 7.46 20.41
CA ALA D 12 -31.96 6.55 21.39
C ALA D 12 -30.98 5.49 21.85
N LEU D 13 -30.03 5.11 20.99
CA LEU D 13 -29.02 4.14 21.36
C LEU D 13 -28.06 4.71 22.39
N ALA D 14 -27.56 5.94 22.15
CA ALA D 14 -26.69 6.61 23.11
C ALA D 14 -27.44 6.91 24.42
N GLY D 15 -28.70 7.32 24.30
CA GLY D 15 -29.56 7.57 25.45
C GLY D 15 -29.76 6.36 26.33
N PHE D 16 -30.29 5.26 25.78
CA PHE D 16 -30.50 4.06 26.58
C PHE D 16 -29.20 3.35 26.92
N ALA D 17 -28.10 3.62 26.21
CA ALA D 17 -26.80 3.14 26.66
C ALA D 17 -26.37 3.84 27.94
N THR D 18 -26.56 5.16 28.01
CA THR D 18 -26.31 5.89 29.25
C THR D 18 -27.28 5.47 30.36
N VAL D 19 -28.53 5.18 29.97
CA VAL D 19 -29.56 4.78 30.93
C VAL D 19 -29.22 3.43 31.57
N ALA D 20 -28.85 2.45 30.75
CA ALA D 20 -28.35 1.18 31.27
C ALA D 20 -26.99 1.33 31.95
N SER D 21 -26.22 2.35 31.60
CA SER D 21 -24.91 2.59 32.18
C SER D 21 -24.97 3.38 33.49
N TYR D 22 -26.15 3.81 33.92
CA TYR D 22 -26.27 4.26 35.31
C TYR D 22 -26.07 3.10 36.28
N ALA D 23 -26.44 1.89 35.87
CA ALA D 23 -26.26 0.70 36.70
C ALA D 23 -25.23 -0.27 36.12
N GLN D 24 -25.46 -0.75 34.89
CA GLN D 24 -24.73 -1.86 34.22
C GLN D 24 -24.35 -2.98 35.19
N TYR D 25 -25.35 -3.46 35.93
CA TYR D 25 -25.12 -4.47 36.96
C TYR D 25 -24.83 -5.85 36.37
N GLU D 26 -25.28 -6.10 35.14
CA GLU D 26 -24.84 -7.27 34.38
C GLU D 26 -23.76 -6.78 33.41
N ASP D 27 -22.53 -6.77 33.91
CA ASP D 27 -21.39 -6.36 33.09
C ASP D 27 -20.35 -7.49 33.17
N GLY D 28 -19.15 -7.26 32.67
CA GLY D 28 -18.22 -8.32 32.39
C GLY D 28 -18.26 -8.77 30.94
N CYS D 29 -19.28 -8.35 30.20
CA CYS D 29 -19.30 -8.45 28.76
C CYS D 29 -18.52 -7.29 28.16
N SER D 30 -17.96 -7.51 26.97
CA SER D 30 -17.10 -6.54 26.33
C SER D 30 -17.50 -6.46 24.86
N GLY D 31 -16.66 -5.84 24.04
CA GLY D 31 -17.03 -5.68 22.65
C GLY D 31 -15.85 -5.49 21.73
N GLU D 32 -15.92 -6.07 20.53
CA GLU D 32 -14.88 -5.93 19.52
C GLU D 32 -15.50 -5.28 18.30
N LEU D 33 -15.04 -4.07 17.98
CA LEU D 33 -15.55 -3.40 16.80
C LEU D 33 -14.88 -3.96 15.54
N GLU D 34 -15.40 -3.53 14.40
CA GLU D 34 -15.00 -4.13 13.12
C GLU D 34 -14.51 -3.08 12.13
N ILE D 46 -3.87 7.85 -13.99
CA ILE D 46 -3.86 6.95 -15.13
C ILE D 46 -2.46 6.34 -15.25
N ALA D 47 -2.38 5.08 -15.70
CA ALA D 47 -1.14 4.32 -15.67
C ALA D 47 -0.34 4.18 -16.96
N SER D 48 0.79 4.86 -17.02
CA SER D 48 1.72 4.78 -18.14
C SER D 48 3.04 4.09 -17.86
N GLY D 49 3.72 3.69 -18.93
CA GLY D 49 4.99 3.00 -18.80
C GLY D 49 5.72 3.14 -20.11
N TYR D 50 6.96 2.64 -20.12
CA TYR D 50 7.86 2.79 -21.25
C TYR D 50 7.71 1.35 -21.74
N TYR D 51 7.32 1.19 -23.00
CA TYR D 51 7.10 -0.14 -23.55
C TYR D 51 8.24 -0.33 -24.53
N TYR D 52 8.53 -1.59 -24.84
CA TYR D 52 9.57 -1.95 -25.78
C TYR D 52 9.22 -3.28 -26.41
N TYR D 53 9.41 -3.39 -27.72
CA TYR D 53 8.97 -4.56 -28.47
C TYR D 53 10.15 -5.46 -28.76
N SER D 54 9.94 -6.77 -28.56
CA SER D 54 10.94 -7.82 -28.72
C SER D 54 12.21 -7.57 -27.92
MG MG E . 21.38 20.57 -15.28
PB ADP F . 23.01 22.82 -13.22
O1B ADP F . 24.17 22.76 -12.28
O2B ADP F . 22.59 21.50 -13.82
O3B ADP F . 21.86 23.67 -12.74
PA ADP F . 24.65 23.01 -15.49
O1A ADP F . 25.72 22.33 -14.68
O2A ADP F . 23.95 22.22 -16.58
O3A ADP F . 23.56 23.64 -14.49
O5' ADP F . 25.28 24.34 -16.11
C5' ADP F . 26.05 25.18 -15.25
C4' ADP F . 27.11 25.91 -16.04
O4' ADP F . 28.03 26.52 -15.14
C3' ADP F . 27.91 24.92 -16.89
O3' ADP F . 27.68 25.19 -18.28
C2' ADP F . 29.35 25.14 -16.54
O2' ADP F . 30.09 25.45 -17.73
C1' ADP F . 29.37 26.33 -15.59
N9 ADP F . 30.29 26.04 -14.46
C8 ADP F . 30.13 25.07 -13.55
N7 ADP F . 31.15 25.08 -12.66
C5 ADP F . 31.98 26.08 -13.01
C6 ADP F . 33.25 26.64 -12.49
N6 ADP F . 33.85 26.11 -11.40
N1 ADP F . 33.80 27.68 -13.15
C2 ADP F . 33.21 28.21 -14.25
N3 ADP F . 32.06 27.75 -14.77
C4 ADP F . 31.41 26.71 -14.20
#